data_1FTT
#
_entry.id   1FTT
#
_cell.length_a   1.000
_cell.length_b   1.000
_cell.length_c   1.000
_cell.angle_alpha   90.00
_cell.angle_beta   90.00
_cell.angle_gamma   90.00
#
_symmetry.space_group_name_H-M   'P 1'
#
_entity_poly.entity_id   1
_entity_poly.type   'polypeptide(L)'
_entity_poly.pdbx_seq_one_letter_code
;MRRKRRVLFSQAQVYELERRFKQQKYLSAPEREHLASMIHLTPTQVKIWFQNHRYKMKRQAKDKAAQQ
;
_entity_poly.pdbx_strand_id   A
#
# COMPACT_ATOMS: atom_id res chain seq x y z
N MET A 1 10.99 5.06 11.11
CA MET A 1 11.59 4.45 12.32
C MET A 1 12.65 3.44 11.92
N ARG A 2 13.75 3.35 12.68
CA ARG A 2 14.85 2.42 12.44
C ARG A 2 15.52 2.12 13.79
N ARG A 3 16.40 1.11 13.82
CA ARG A 3 16.91 0.47 15.02
C ARG A 3 15.76 -0.13 15.85
N LYS A 4 14.76 -0.67 15.15
CA LYS A 4 13.59 -1.36 15.70
C LYS A 4 13.22 -2.47 14.71
N ARG A 5 12.45 -3.46 15.19
CA ARG A 5 11.97 -4.56 14.36
C ARG A 5 10.75 -4.11 13.55
N ARG A 6 11.01 -3.23 12.57
CA ARG A 6 10.05 -2.74 11.59
C ARG A 6 10.81 -2.53 10.28
N VAL A 7 11.33 -3.62 9.72
CA VAL A 7 12.13 -3.60 8.51
C VAL A 7 11.23 -3.19 7.34
N LEU A 8 10.32 -4.09 6.94
CA LEU A 8 9.31 -3.83 5.94
C LEU A 8 8.03 -3.37 6.65
N PHE A 9 7.56 -2.16 6.34
CA PHE A 9 6.32 -1.56 6.80
C PHE A 9 6.26 -1.40 8.33
N SER A 10 5.17 -0.77 8.80
CA SER A 10 4.86 -0.56 10.21
C SER A 10 3.40 -0.16 10.32
N GLN A 11 2.89 -0.02 11.55
CA GLN A 11 1.55 0.45 11.83
C GLN A 11 1.35 1.84 11.21
N ALA A 12 2.30 2.75 11.48
CA ALA A 12 2.29 4.11 10.95
C ALA A 12 2.34 4.12 9.42
N GLN A 13 3.25 3.33 8.83
CA GLN A 13 3.45 3.31 7.39
C GLN A 13 2.20 2.78 6.66
N VAL A 14 1.64 1.66 7.12
CA VAL A 14 0.41 1.13 6.55
C VAL A 14 -0.74 2.10 6.77
N TYR A 15 -0.80 2.79 7.92
CA TYR A 15 -1.82 3.81 8.13
C TYR A 15 -1.80 4.86 7.02
N GLU A 16 -0.64 5.49 6.76
CA GLU A 16 -0.54 6.49 5.69
C GLU A 16 -0.79 5.90 4.30
N LEU A 17 -0.38 4.65 4.06
CA LEU A 17 -0.61 3.97 2.79
C LEU A 17 -2.11 3.73 2.55
N GLU A 18 -2.83 3.21 3.54
CA GLU A 18 -4.27 3.03 3.52
C GLU A 18 -4.99 4.36 3.30
N ARG A 19 -4.64 5.38 4.10
CA ARG A 19 -5.15 6.74 3.97
C ARG A 19 -4.97 7.24 2.53
N ARG A 20 -3.78 7.04 1.97
CA ARG A 20 -3.48 7.45 0.61
C ARG A 20 -4.36 6.70 -0.38
N PHE A 21 -4.45 5.37 -0.27
CA PHE A 21 -5.27 4.53 -1.14
C PHE A 21 -6.73 4.97 -1.16
N LYS A 22 -7.25 5.37 0.00
CA LYS A 22 -8.61 5.88 0.14
C LYS A 22 -8.75 7.22 -0.59
N GLN A 23 -7.81 8.12 -0.34
CA GLN A 23 -7.78 9.48 -0.86
C GLN A 23 -7.60 9.49 -2.39
N GLN A 24 -6.43 9.03 -2.85
CA GLN A 24 -6.02 8.93 -4.23
C GLN A 24 -5.88 7.44 -4.54
N LYS A 25 -6.65 6.93 -5.50
CA LYS A 25 -6.77 5.51 -5.80
C LYS A 25 -5.39 4.86 -5.99
N TYR A 26 -4.59 5.39 -6.92
CA TYR A 26 -3.22 4.97 -7.19
C TYR A 26 -2.36 6.22 -7.43
N LEU A 27 -1.11 6.19 -6.95
CA LEU A 27 -0.14 7.24 -7.23
C LEU A 27 0.42 7.01 -8.64
N SER A 28 0.67 8.10 -9.38
CA SER A 28 1.18 8.05 -10.74
C SER A 28 2.67 7.72 -10.75
N ALA A 29 3.27 7.61 -11.94
CA ALA A 29 4.67 7.27 -12.11
C ALA A 29 5.63 8.16 -11.30
N PRO A 30 5.53 9.50 -11.32
CA PRO A 30 6.39 10.35 -10.49
C PRO A 30 5.94 10.32 -9.03
N GLU A 31 4.63 10.35 -8.80
CA GLU A 31 4.07 10.56 -7.47
C GLU A 31 4.29 9.36 -6.54
N ARG A 32 4.31 8.12 -7.07
CA ARG A 32 4.61 6.93 -6.28
C ARG A 32 6.02 7.02 -5.69
N GLU A 33 6.97 7.55 -6.47
CA GLU A 33 8.35 7.78 -6.08
C GLU A 33 8.42 8.97 -5.12
N HIS A 34 7.57 9.99 -5.33
CA HIS A 34 7.44 11.12 -4.41
C HIS A 34 7.02 10.63 -3.03
N LEU A 35 6.00 9.76 -2.94
CA LEU A 35 5.59 9.11 -1.72
C LEU A 35 6.74 8.29 -1.15
N ALA A 36 7.41 7.47 -1.98
CA ALA A 36 8.47 6.59 -1.50
C ALA A 36 9.58 7.38 -0.81
N SER A 37 9.93 8.55 -1.34
CA SER A 37 10.86 9.48 -0.71
C SER A 37 10.26 10.08 0.56
N MET A 38 9.05 10.65 0.44
CA MET A 38 8.38 11.42 1.49
C MET A 38 8.15 10.59 2.74
N ILE A 39 7.36 9.51 2.62
CA ILE A 39 6.92 8.71 3.75
C ILE A 39 8.09 7.88 4.27
N HIS A 40 8.79 7.25 3.32
CA HIS A 40 10.07 6.54 3.38
C HIS A 40 9.87 5.04 3.20
N LEU A 41 10.09 4.61 1.96
CA LEU A 41 9.98 3.27 1.41
C LEU A 41 10.72 3.26 0.05
N THR A 42 10.64 2.16 -0.71
CA THR A 42 11.13 2.09 -2.08
C THR A 42 9.92 2.15 -2.99
N PRO A 43 10.04 2.68 -4.22
CA PRO A 43 8.94 2.73 -5.17
C PRO A 43 8.41 1.33 -5.51
N THR A 44 9.27 0.32 -5.43
CA THR A 44 8.92 -1.08 -5.62
C THR A 44 8.03 -1.58 -4.48
N GLN A 45 8.47 -1.40 -3.23
CA GLN A 45 7.73 -1.83 -2.05
C GLN A 45 6.37 -1.12 -1.99
N VAL A 46 6.36 0.19 -2.24
CA VAL A 46 5.16 0.98 -2.43
C VAL A 46 4.23 0.32 -3.47
N LYS A 47 4.69 0.14 -4.71
CA LYS A 47 3.89 -0.41 -5.79
C LYS A 47 3.32 -1.78 -5.42
N ILE A 48 4.11 -2.65 -4.78
CA ILE A 48 3.68 -3.96 -4.31
C ILE A 48 2.51 -3.81 -3.33
N TRP A 49 2.64 -2.93 -2.31
CA TRP A 49 1.56 -2.66 -1.37
C TRP A 49 0.29 -2.22 -2.10
N PHE A 50 0.46 -1.29 -3.05
CA PHE A 50 -0.62 -0.72 -3.86
C PHE A 50 -1.27 -1.77 -4.78
N GLN A 51 -0.51 -2.78 -5.23
CA GLN A 51 -1.01 -3.94 -5.93
C GLN A 51 -1.81 -4.83 -4.99
N ASN A 52 -1.26 -5.14 -3.81
CA ASN A 52 -1.85 -6.07 -2.87
C ASN A 52 -3.24 -5.61 -2.42
N HIS A 53 -3.41 -4.29 -2.23
CA HIS A 53 -4.68 -3.73 -1.76
C HIS A 53 -5.77 -3.75 -2.83
N ARG A 54 -5.42 -3.48 -4.10
CA ARG A 54 -6.40 -3.63 -5.18
C ARG A 54 -6.72 -5.11 -5.43
N TYR A 55 -5.71 -5.97 -5.33
CA TYR A 55 -5.87 -7.41 -5.48
C TYR A 55 -6.81 -7.99 -4.44
N LYS A 56 -6.69 -7.51 -3.19
CA LYS A 56 -7.57 -7.90 -2.10
C LYS A 56 -9.03 -7.67 -2.47
N MET A 57 -9.36 -6.48 -2.97
CA MET A 57 -10.70 -6.12 -3.38
C MET A 57 -11.18 -7.00 -4.54
N LYS A 58 -10.28 -7.38 -5.45
CA LYS A 58 -10.62 -8.27 -6.55
C LYS A 58 -10.97 -9.66 -6.01
N ARG A 59 -10.06 -10.27 -5.23
CA ARG A 59 -10.23 -11.58 -4.63
C ARG A 59 -11.48 -11.65 -3.73
N GLN A 60 -11.79 -10.56 -3.01
CA GLN A 60 -13.00 -10.47 -2.20
C GLN A 60 -14.21 -10.68 -3.11
N ALA A 61 -14.93 -11.78 -2.91
CA ALA A 61 -15.97 -12.30 -3.80
C ALA A 61 -15.36 -12.78 -5.12
N LYS A 62 -14.58 -13.87 -5.02
CA LYS A 62 -13.86 -14.61 -6.06
C LYS A 62 -12.88 -13.79 -6.91
N ASP A 63 -11.81 -14.45 -7.39
CA ASP A 63 -10.72 -13.85 -8.16
C ASP A 63 -11.19 -13.51 -9.58
N LYS A 64 -12.00 -12.46 -9.70
CA LYS A 64 -12.53 -11.94 -10.95
C LYS A 64 -11.46 -11.13 -11.71
N ALA A 65 -10.44 -11.85 -12.19
CA ALA A 65 -9.39 -11.32 -13.06
C ALA A 65 -9.83 -11.53 -14.51
N ALA A 66 -9.13 -12.39 -15.27
CA ALA A 66 -9.55 -12.81 -16.60
C ALA A 66 -10.59 -13.93 -16.46
N GLN A 67 -11.73 -13.60 -15.85
CA GLN A 67 -12.78 -14.53 -15.49
C GLN A 67 -13.95 -14.33 -16.45
N GLN A 68 -13.95 -15.08 -17.57
CA GLN A 68 -14.93 -15.00 -18.63
C GLN A 68 -14.89 -16.27 -19.48
N MET A 1 4.32 -18.56 5.80
CA MET A 1 3.10 -18.04 5.16
C MET A 1 2.13 -17.49 6.20
N ARG A 2 1.53 -18.39 7.01
CA ARG A 2 0.56 -18.04 8.05
C ARG A 2 1.31 -17.58 9.31
N ARG A 3 2.06 -16.47 9.19
CA ARG A 3 2.85 -15.89 10.26
C ARG A 3 3.16 -14.45 9.87
N LYS A 4 2.29 -13.51 10.26
CA LYS A 4 2.50 -12.08 10.05
C LYS A 4 1.51 -11.27 10.90
N ARG A 5 1.88 -10.00 11.18
CA ARG A 5 1.02 -9.02 11.82
C ARG A 5 1.24 -7.70 11.09
N ARG A 6 2.42 -7.10 11.31
CA ARG A 6 2.95 -5.98 10.55
C ARG A 6 3.91 -6.57 9.51
N VAL A 7 3.84 -6.08 8.26
CA VAL A 7 4.62 -6.60 7.14
C VAL A 7 6.10 -6.32 7.39
N LEU A 8 6.51 -5.05 7.26
CA LEU A 8 7.79 -4.52 7.74
C LEU A 8 7.67 -3.00 7.87
N PHE A 9 6.63 -2.55 8.56
CA PHE A 9 6.22 -1.16 8.62
C PHE A 9 5.78 -0.75 10.02
N SER A 10 5.77 0.57 10.26
CA SER A 10 5.25 1.19 11.47
C SER A 10 3.78 1.59 11.26
N GLN A 11 3.15 2.10 12.32
CA GLN A 11 1.79 2.60 12.30
C GLN A 11 1.68 3.77 11.33
N ALA A 12 2.62 4.73 11.38
CA ALA A 12 2.67 5.90 10.51
C ALA A 12 2.77 5.51 9.03
N GLN A 13 3.65 4.55 8.71
CA GLN A 13 3.84 4.03 7.36
C GLN A 13 2.51 3.55 6.78
N VAL A 14 1.91 2.54 7.42
CA VAL A 14 0.66 1.92 6.96
C VAL A 14 -0.47 2.93 6.99
N TYR A 15 -0.48 3.85 7.98
CA TYR A 15 -1.47 4.92 8.02
C TYR A 15 -1.47 5.70 6.71
N GLU A 16 -0.31 6.21 6.27
CA GLU A 16 -0.21 6.95 5.00
C GLU A 16 -0.59 6.08 3.80
N LEU A 17 -0.11 4.83 3.76
CA LEU A 17 -0.38 3.91 2.66
C LEU A 17 -1.89 3.66 2.50
N GLU A 18 -2.56 3.29 3.60
CA GLU A 18 -3.99 3.05 3.66
C GLU A 18 -4.80 4.32 3.38
N ARG A 19 -4.42 5.44 4.00
CA ARG A 19 -5.02 6.75 3.79
C ARG A 19 -5.07 7.09 2.29
N ARG A 20 -3.98 6.87 1.57
CA ARG A 20 -3.91 7.03 0.13
C ARG A 20 -4.81 6.01 -0.57
N PHE A 21 -4.69 4.72 -0.20
CA PHE A 21 -5.44 3.63 -0.78
C PHE A 21 -6.96 3.82 -0.70
N LYS A 22 -7.44 4.44 0.39
CA LYS A 22 -8.86 4.75 0.60
C LYS A 22 -9.43 5.47 -0.61
N GLN A 23 -8.69 6.46 -1.09
CA GLN A 23 -9.04 7.31 -2.22
C GLN A 23 -8.58 6.66 -3.53
N GLN A 24 -7.26 6.65 -3.77
CA GLN A 24 -6.65 6.29 -5.04
C GLN A 24 -5.92 4.95 -4.86
N LYS A 25 -6.22 3.95 -5.70
CA LYS A 25 -5.73 2.59 -5.56
C LYS A 25 -4.31 2.42 -6.11
N TYR A 26 -3.54 3.51 -6.19
CA TYR A 26 -2.15 3.59 -6.63
C TYR A 26 -1.62 4.96 -6.22
N LEU A 27 -0.30 5.15 -6.35
CA LEU A 27 0.29 6.45 -6.59
C LEU A 27 0.87 6.43 -8.01
N SER A 28 0.72 7.52 -8.76
CA SER A 28 1.21 7.66 -10.12
C SER A 28 2.74 7.81 -10.13
N ALA A 29 3.35 7.89 -11.32
CA ALA A 29 4.80 7.92 -11.49
C ALA A 29 5.54 8.93 -10.58
N PRO A 30 5.13 10.21 -10.48
CA PRO A 30 5.82 11.15 -9.60
C PRO A 30 5.42 10.90 -8.13
N GLU A 31 4.13 10.68 -7.90
CA GLU A 31 3.53 10.52 -6.58
C GLU A 31 4.14 9.35 -5.80
N ARG A 32 4.38 8.21 -6.47
CA ARG A 32 4.90 7.00 -5.83
C ARG A 32 6.33 7.22 -5.34
N GLU A 33 7.13 7.93 -6.14
CA GLU A 33 8.50 8.28 -5.81
C GLU A 33 8.49 9.29 -4.66
N HIS A 34 7.61 10.29 -4.72
CA HIS A 34 7.45 11.29 -3.69
C HIS A 34 7.12 10.63 -2.34
N LEU A 35 6.08 9.78 -2.31
CA LEU A 35 5.71 9.02 -1.13
C LEU A 35 6.89 8.16 -0.65
N ALA A 36 7.53 7.41 -1.55
CA ALA A 36 8.61 6.51 -1.17
C ALA A 36 9.81 7.26 -0.58
N SER A 37 10.04 8.50 -1.02
CA SER A 37 11.07 9.36 -0.46
C SER A 37 10.64 9.88 0.92
N MET A 38 9.46 10.50 0.99
CA MET A 38 8.98 11.21 2.17
C MET A 38 8.68 10.25 3.33
N ILE A 39 7.77 9.29 3.13
CA ILE A 39 7.30 8.43 4.21
C ILE A 39 8.41 7.44 4.58
N HIS A 40 8.89 6.74 3.56
CA HIS A 40 10.12 5.95 3.40
C HIS A 40 9.84 4.51 3.02
N LEU A 41 10.08 4.21 1.74
CA LEU A 41 9.99 2.92 1.06
C LEU A 41 10.94 2.98 -0.15
N THR A 42 10.90 1.95 -1.00
CA THR A 42 11.41 2.01 -2.38
C THR A 42 10.18 2.18 -3.29
N PRO A 43 10.33 2.80 -4.47
CA PRO A 43 9.25 2.95 -5.44
C PRO A 43 8.59 1.61 -5.79
N THR A 44 9.39 0.54 -5.78
CA THR A 44 8.95 -0.82 -6.02
C THR A 44 8.10 -1.33 -4.85
N GLN A 45 8.60 -1.23 -3.62
CA GLN A 45 7.91 -1.73 -2.43
C GLN A 45 6.56 -1.04 -2.25
N VAL A 46 6.49 0.27 -2.49
CA VAL A 46 5.21 0.99 -2.61
C VAL A 46 4.29 0.25 -3.58
N LYS A 47 4.69 0.15 -4.85
CA LYS A 47 3.86 -0.43 -5.89
C LYS A 47 3.39 -1.84 -5.56
N ILE A 48 4.24 -2.67 -4.93
CA ILE A 48 3.88 -4.02 -4.49
C ILE A 48 2.72 -3.96 -3.49
N TRP A 49 2.87 -3.20 -2.40
CA TRP A 49 1.82 -3.02 -1.39
C TRP A 49 0.51 -2.61 -2.06
N PHE A 50 0.58 -1.63 -2.96
CA PHE A 50 -0.55 -1.10 -3.70
C PHE A 50 -1.22 -2.16 -4.58
N GLN A 51 -0.44 -2.89 -5.39
CA GLN A 51 -0.90 -3.98 -6.22
C GLN A 51 -1.67 -5.01 -5.39
N ASN A 52 -1.13 -5.38 -4.24
CA ASN A 52 -1.68 -6.40 -3.37
C ASN A 52 -3.02 -5.95 -2.79
N HIS A 53 -3.13 -4.70 -2.33
CA HIS A 53 -4.37 -4.17 -1.77
C HIS A 53 -5.43 -4.03 -2.86
N ARG A 54 -5.04 -3.51 -4.02
CA ARG A 54 -5.88 -3.38 -5.21
C ARG A 54 -6.42 -4.74 -5.64
N TYR A 55 -5.55 -5.76 -5.68
CA TYR A 55 -5.93 -7.13 -5.97
C TYR A 55 -6.98 -7.62 -4.97
N LYS A 56 -6.69 -7.42 -3.68
CA LYS A 56 -7.49 -7.96 -2.60
C LYS A 56 -8.94 -7.49 -2.66
N MET A 57 -9.15 -6.17 -2.76
CA MET A 57 -10.48 -5.59 -2.79
C MET A 57 -11.22 -5.92 -4.10
N LYS A 58 -10.49 -6.02 -5.22
CA LYS A 58 -11.06 -6.38 -6.51
C LYS A 58 -11.58 -7.82 -6.47
N ARG A 59 -10.74 -8.75 -5.98
CA ARG A 59 -11.12 -10.13 -5.72
C ARG A 59 -12.33 -10.19 -4.78
N GLN A 60 -12.29 -9.37 -3.72
CA GLN A 60 -13.36 -9.19 -2.75
C GLN A 60 -13.46 -10.43 -1.85
N ALA A 61 -12.78 -10.38 -0.70
CA ALA A 61 -12.83 -11.41 0.34
C ALA A 61 -13.66 -10.86 1.50
N LYS A 62 -14.95 -11.25 1.57
CA LYS A 62 -15.92 -10.87 2.60
C LYS A 62 -16.13 -9.36 2.67
N ASP A 63 -15.22 -8.67 3.38
CA ASP A 63 -15.23 -7.26 3.67
C ASP A 63 -14.06 -6.62 2.93
N LYS A 64 -13.93 -6.95 1.64
CA LYS A 64 -12.86 -6.54 0.72
C LYS A 64 -11.58 -7.33 1.02
N ALA A 65 -11.01 -7.14 2.21
CA ALA A 65 -9.74 -7.74 2.63
C ALA A 65 -9.91 -8.54 3.92
N ALA A 66 -10.94 -9.39 3.97
CA ALA A 66 -11.34 -10.22 5.11
C ALA A 66 -12.01 -9.41 6.21
N GLN A 67 -11.38 -8.29 6.57
CA GLN A 67 -11.91 -7.23 7.43
C GLN A 67 -11.47 -5.89 6.80
N GLN A 68 -11.86 -4.76 7.40
CA GLN A 68 -11.57 -3.41 6.93
C GLN A 68 -12.29 -3.14 5.61
N MET A 1 20.32 -0.92 17.88
CA MET A 1 21.52 -0.26 17.34
C MET A 1 21.63 -0.41 15.82
N ARG A 2 21.45 -1.63 15.31
CA ARG A 2 21.44 -1.96 13.89
C ARG A 2 20.36 -3.00 13.63
N ARG A 3 19.97 -3.18 12.36
CA ARG A 3 18.95 -4.13 11.94
C ARG A 3 19.16 -4.44 10.46
N LYS A 4 18.55 -5.53 9.96
CA LYS A 4 18.70 -6.02 8.59
C LYS A 4 18.50 -4.93 7.54
N ARG A 5 17.47 -4.09 7.73
CA ARG A 5 17.09 -2.91 6.94
C ARG A 5 15.63 -2.63 7.27
N ARG A 6 14.76 -3.58 6.94
CA ARG A 6 13.35 -3.58 7.32
C ARG A 6 12.90 -5.02 7.53
N VAL A 7 12.13 -5.26 8.60
CA VAL A 7 11.45 -6.51 8.84
C VAL A 7 10.31 -6.63 7.83
N LEU A 8 9.29 -5.76 7.99
CA LEU A 8 8.11 -5.68 7.16
C LEU A 8 7.56 -4.25 7.28
N PHE A 9 6.56 -3.89 6.47
CA PHE A 9 5.84 -2.63 6.60
C PHE A 9 5.34 -2.48 8.04
N SER A 10 5.50 -1.28 8.60
CA SER A 10 5.17 -0.96 9.99
C SER A 10 3.85 -0.20 10.06
N GLN A 11 3.30 -0.04 11.28
CA GLN A 11 2.04 0.62 11.52
C GLN A 11 2.02 2.04 10.92
N ALA A 12 3.11 2.79 11.13
CA ALA A 12 3.28 4.13 10.59
C ALA A 12 3.19 4.14 9.06
N GLN A 13 3.96 3.25 8.41
CA GLN A 13 3.99 3.14 6.96
C GLN A 13 2.61 2.81 6.41
N VAL A 14 2.00 1.73 6.92
CA VAL A 14 0.71 1.22 6.47
C VAL A 14 -0.38 2.26 6.71
N TYR A 15 -0.34 2.99 7.82
CA TYR A 15 -1.30 4.06 8.08
C TYR A 15 -1.36 5.06 6.92
N GLU A 16 -0.20 5.57 6.48
CA GLU A 16 -0.12 6.47 5.33
C GLU A 16 -0.63 5.78 4.06
N LEU A 17 -0.14 4.57 3.79
CA LEU A 17 -0.44 3.82 2.58
C LEU A 17 -1.95 3.56 2.44
N GLU A 18 -2.60 3.08 3.50
CA GLU A 18 -4.04 2.87 3.58
C GLU A 18 -4.80 4.16 3.36
N ARG A 19 -4.43 5.23 4.09
CA ARG A 19 -5.11 6.52 3.96
C ARG A 19 -5.08 7.01 2.52
N ARG A 20 -3.94 6.83 1.83
CA ARG A 20 -3.78 7.16 0.42
C ARG A 20 -4.63 6.23 -0.44
N PHE A 21 -4.57 4.92 -0.19
CA PHE A 21 -5.25 3.88 -0.93
C PHE A 21 -6.75 4.11 -1.08
N LYS A 22 -7.40 4.60 -0.02
CA LYS A 22 -8.81 4.95 -0.04
C LYS A 22 -9.16 5.78 -1.26
N GLN A 23 -8.35 6.81 -1.51
CA GLN A 23 -8.51 7.75 -2.61
C GLN A 23 -7.84 7.22 -3.88
N GLN A 24 -6.50 7.11 -3.87
CA GLN A 24 -5.69 6.68 -5.01
C GLN A 24 -5.25 5.24 -4.84
N LYS A 25 -5.87 4.33 -5.59
CA LYS A 25 -5.48 2.93 -5.64
C LYS A 25 -4.12 2.74 -6.35
N TYR A 26 -3.67 3.76 -7.11
CA TYR A 26 -2.29 3.93 -7.53
C TYR A 26 -1.97 5.41 -7.72
N LEU A 27 -0.76 5.80 -7.33
CA LEU A 27 -0.17 7.11 -7.55
C LEU A 27 0.48 7.13 -8.95
N SER A 28 0.59 8.31 -9.58
CA SER A 28 1.20 8.45 -10.89
C SER A 28 2.72 8.31 -10.80
N ALA A 29 3.42 8.33 -11.94
CA ALA A 29 4.86 8.13 -12.02
C ALA A 29 5.67 9.03 -11.07
N PRO A 30 5.53 10.36 -11.07
CA PRO A 30 6.30 11.21 -10.18
C PRO A 30 5.79 11.10 -8.74
N GLU A 31 4.46 11.05 -8.60
CA GLU A 31 3.71 11.05 -7.36
C GLU A 31 4.06 9.85 -6.47
N ARG A 32 4.25 8.66 -7.06
CA ARG A 32 4.58 7.45 -6.32
C ARG A 32 5.96 7.59 -5.66
N GLU A 33 6.91 8.24 -6.35
CA GLU A 33 8.25 8.49 -5.85
C GLU A 33 8.22 9.58 -4.78
N HIS A 34 7.38 10.61 -4.97
CA HIS A 34 7.15 11.61 -3.96
C HIS A 34 6.63 10.98 -2.67
N LEU A 35 5.61 10.11 -2.76
CA LEU A 35 5.13 9.31 -1.65
C LEU A 35 6.31 8.52 -1.07
N ALA A 36 7.04 7.75 -1.89
CA ALA A 36 8.12 6.89 -1.43
C ALA A 36 9.11 7.65 -0.54
N SER A 37 9.44 8.90 -0.89
CA SER A 37 10.26 9.78 -0.08
C SER A 37 9.53 10.18 1.21
N MET A 38 8.32 10.72 1.10
CA MET A 38 7.55 11.27 2.21
C MET A 38 7.27 10.21 3.29
N ILE A 39 6.60 9.11 2.92
CA ILE A 39 6.26 8.05 3.85
C ILE A 39 7.53 7.37 4.38
N HIS A 40 8.42 7.04 3.43
CA HIS A 40 9.74 6.44 3.54
C HIS A 40 9.70 4.95 3.23
N LEU A 41 10.00 4.64 1.97
CA LEU A 41 10.01 3.33 1.32
C LEU A 41 10.72 3.49 -0.02
N THR A 42 10.80 2.41 -0.81
CA THR A 42 11.27 2.42 -2.19
C THR A 42 10.03 2.42 -3.09
N PRO A 43 10.11 2.92 -4.34
CA PRO A 43 9.02 2.84 -5.29
C PRO A 43 8.55 1.41 -5.54
N THR A 44 9.44 0.43 -5.33
CA THR A 44 9.14 -0.99 -5.43
C THR A 44 8.23 -1.44 -4.27
N GLN A 45 8.68 -1.27 -3.03
CA GLN A 45 7.90 -1.63 -1.84
C GLN A 45 6.53 -0.97 -1.88
N VAL A 46 6.51 0.33 -2.18
CA VAL A 46 5.31 1.10 -2.47
C VAL A 46 4.41 0.34 -3.47
N LYS A 47 4.88 0.16 -4.72
CA LYS A 47 4.07 -0.39 -5.79
C LYS A 47 3.52 -1.77 -5.45
N ILE A 48 4.32 -2.63 -4.80
CA ILE A 48 3.93 -3.96 -4.38
C ILE A 48 2.77 -3.88 -3.39
N TRP A 49 2.91 -3.07 -2.33
CA TRP A 49 1.85 -2.84 -1.34
C TRP A 49 0.55 -2.42 -2.05
N PHE A 50 0.67 -1.45 -2.95
CA PHE A 50 -0.44 -0.89 -3.71
C PHE A 50 -1.09 -1.95 -4.61
N GLN A 51 -0.30 -2.81 -5.26
CA GLN A 51 -0.78 -3.93 -6.06
C GLN A 51 -1.64 -4.85 -5.19
N ASN A 52 -1.09 -5.28 -4.04
CA ASN A 52 -1.72 -6.24 -3.15
C ASN A 52 -3.06 -5.73 -2.63
N HIS A 53 -3.14 -4.43 -2.32
CA HIS A 53 -4.39 -3.83 -1.84
C HIS A 53 -5.39 -3.66 -2.99
N ARG A 54 -4.92 -3.24 -4.17
CA ARG A 54 -5.74 -3.14 -5.37
C ARG A 54 -6.29 -4.49 -5.80
N TYR A 55 -5.56 -5.58 -5.52
CA TYR A 55 -6.05 -6.94 -5.69
C TYR A 55 -7.11 -7.25 -4.64
N LYS A 56 -6.77 -7.05 -3.36
CA LYS A 56 -7.58 -7.47 -2.23
C LYS A 56 -8.96 -6.84 -2.26
N MET A 57 -9.05 -5.53 -2.51
CA MET A 57 -10.31 -4.80 -2.51
C MET A 57 -11.35 -5.43 -3.44
N LYS A 58 -10.92 -6.06 -4.54
CA LYS A 58 -11.79 -6.86 -5.38
C LYS A 58 -12.06 -8.19 -4.69
N ARG A 59 -10.99 -8.93 -4.36
CA ARG A 59 -11.04 -10.26 -3.76
C ARG A 59 -11.23 -10.14 -2.25
N GLN A 60 -12.31 -9.45 -1.81
CA GLN A 60 -12.69 -9.26 -0.42
C GLN A 60 -14.16 -9.65 -0.22
N ALA A 61 -15.01 -9.32 -1.19
CA ALA A 61 -16.40 -9.76 -1.18
C ALA A 61 -16.44 -11.28 -1.37
N LYS A 62 -17.24 -11.97 -0.56
CA LYS A 62 -17.41 -13.42 -0.58
C LYS A 62 -16.14 -14.14 -0.11
N ASP A 63 -15.35 -13.52 0.78
CA ASP A 63 -14.25 -14.19 1.49
C ASP A 63 -14.87 -14.99 2.64
N LYS A 64 -15.52 -16.12 2.32
CA LYS A 64 -16.36 -16.91 3.20
C LYS A 64 -17.71 -16.21 3.40
N ALA A 65 -17.68 -14.93 3.80
CA ALA A 65 -18.80 -14.01 3.73
C ALA A 65 -18.23 -12.60 3.53
N ALA A 66 -17.73 -11.99 4.60
CA ALA A 66 -17.09 -10.68 4.63
C ALA A 66 -18.05 -9.56 4.21
N GLN A 67 -18.24 -9.37 2.90
CA GLN A 67 -19.07 -8.35 2.28
C GLN A 67 -18.46 -6.95 2.43
N GLN A 68 -17.13 -6.86 2.26
CA GLN A 68 -16.38 -5.61 2.11
C GLN A 68 -15.62 -5.63 0.79
N MET A 1 5.39 -11.96 11.56
CA MET A 1 6.40 -11.59 12.58
C MET A 1 5.99 -10.28 13.27
N ARG A 2 6.22 -10.15 14.58
CA ARG A 2 5.79 -9.01 15.37
C ARG A 2 6.80 -7.86 15.25
N ARG A 3 6.97 -7.36 14.02
CA ARG A 3 7.96 -6.36 13.64
C ARG A 3 9.37 -6.87 13.96
N LYS A 4 10.32 -5.97 14.29
CA LYS A 4 11.71 -6.29 14.62
C LYS A 4 12.48 -6.72 13.36
N ARG A 5 13.23 -5.78 12.76
CA ARG A 5 14.04 -5.99 11.56
C ARG A 5 13.17 -6.56 10.42
N ARG A 6 11.97 -6.00 10.27
CA ARG A 6 11.01 -6.37 9.24
C ARG A 6 11.18 -5.51 7.98
N VAL A 7 10.35 -5.75 6.96
CA VAL A 7 10.28 -4.97 5.74
C VAL A 7 9.80 -3.55 6.08
N LEU A 8 9.94 -2.55 5.18
CA LEU A 8 9.69 -1.15 5.51
C LEU A 8 8.18 -0.86 5.60
N PHE A 9 7.53 -1.39 6.64
CA PHE A 9 6.14 -1.21 6.96
C PHE A 9 5.98 -1.19 8.49
N SER A 10 4.89 -0.56 8.95
CA SER A 10 4.61 -0.22 10.33
C SER A 10 3.16 0.23 10.41
N GLN A 11 2.69 0.59 11.61
CA GLN A 11 1.38 1.15 11.82
C GLN A 11 1.26 2.45 11.02
N ALA A 12 2.21 3.37 11.21
CA ALA A 12 2.24 4.67 10.54
C ALA A 12 2.33 4.53 9.01
N GLN A 13 3.28 3.72 8.52
CA GLN A 13 3.50 3.51 7.10
C GLN A 13 2.20 3.07 6.42
N VAL A 14 1.62 1.95 6.89
CA VAL A 14 0.44 1.37 6.30
C VAL A 14 -0.77 2.28 6.49
N TYR A 15 -0.87 2.98 7.62
CA TYR A 15 -1.91 3.98 7.83
C TYR A 15 -1.93 5.01 6.69
N GLU A 16 -0.78 5.61 6.38
CA GLU A 16 -0.66 6.58 5.28
C GLU A 16 -0.92 5.94 3.91
N LEU A 17 -0.44 4.71 3.71
CA LEU A 17 -0.62 4.01 2.44
C LEU A 17 -2.10 3.70 2.19
N GLU A 18 -2.81 3.20 3.20
CA GLU A 18 -4.25 2.98 3.17
C GLU A 18 -5.01 4.28 2.94
N ARG A 19 -4.66 5.34 3.67
CA ARG A 19 -5.21 6.67 3.45
C ARG A 19 -5.12 7.02 1.96
N ARG A 20 -3.94 6.83 1.35
CA ARG A 20 -3.73 7.18 -0.05
C ARG A 20 -4.49 6.24 -0.99
N PHE A 21 -4.56 4.95 -0.66
CA PHE A 21 -5.32 3.97 -1.42
C PHE A 21 -6.80 4.32 -1.49
N LYS A 22 -7.36 4.79 -0.36
CA LYS A 22 -8.75 5.21 -0.27
C LYS A 22 -8.97 6.52 -1.03
N GLN A 23 -8.06 7.48 -0.83
CA GLN A 23 -8.15 8.82 -1.37
C GLN A 23 -8.02 8.84 -2.90
N GLN A 24 -6.96 8.21 -3.42
CA GLN A 24 -6.54 8.28 -4.82
C GLN A 24 -6.39 6.86 -5.39
N LYS A 25 -6.54 6.75 -6.71
CA LYS A 25 -6.58 5.51 -7.45
C LYS A 25 -5.19 4.86 -7.46
N TYR A 26 -4.15 5.61 -7.85
CA TYR A 26 -2.75 5.28 -7.67
C TYR A 26 -1.93 6.57 -7.63
N LEU A 27 -0.77 6.55 -6.97
CA LEU A 27 0.23 7.60 -7.12
C LEU A 27 0.91 7.45 -8.49
N SER A 28 1.11 8.57 -9.18
CA SER A 28 1.76 8.61 -10.50
C SER A 28 3.28 8.47 -10.34
N ALA A 29 3.99 8.29 -11.45
CA ALA A 29 5.44 8.09 -11.47
C ALA A 29 6.22 9.05 -10.56
N PRO A 30 6.10 10.38 -10.67
CA PRO A 30 6.87 11.30 -9.84
C PRO A 30 6.35 11.30 -8.40
N GLU A 31 5.02 11.32 -8.25
CA GLU A 31 4.35 11.42 -6.97
C GLU A 31 4.67 10.22 -6.06
N ARG A 32 4.82 9.03 -6.65
CA ARG A 32 5.04 7.79 -5.91
C ARG A 32 6.50 7.64 -5.47
N GLU A 33 7.44 8.20 -6.25
CA GLU A 33 8.83 8.36 -5.83
C GLU A 33 8.89 9.37 -4.67
N HIS A 34 8.15 10.47 -4.79
CA HIS A 34 7.98 11.46 -3.72
C HIS A 34 7.47 10.80 -2.44
N LEU A 35 6.38 10.03 -2.51
CA LEU A 35 5.85 9.29 -1.39
C LEU A 35 6.94 8.37 -0.84
N ALA A 36 7.56 7.54 -1.69
CA ALA A 36 8.58 6.58 -1.28
C ALA A 36 9.70 7.25 -0.48
N SER A 37 10.11 8.47 -0.87
CA SER A 37 11.08 9.26 -0.13
C SER A 37 10.51 9.71 1.22
N MET A 38 9.35 10.39 1.20
CA MET A 38 8.76 11.03 2.37
C MET A 38 8.38 10.00 3.46
N ILE A 39 7.56 9.01 3.11
CA ILE A 39 7.11 8.00 4.07
C ILE A 39 8.30 7.15 4.52
N HIS A 40 9.05 6.67 3.52
CA HIS A 40 10.32 5.94 3.54
C HIS A 40 10.08 4.48 3.15
N LEU A 41 10.44 4.17 1.92
CA LEU A 41 10.17 3.00 1.10
C LEU A 41 10.85 3.19 -0.26
N THR A 42 10.64 2.26 -1.20
CA THR A 42 11.05 2.39 -2.60
C THR A 42 9.78 2.48 -3.45
N PRO A 43 9.81 3.13 -4.62
CA PRO A 43 8.65 3.22 -5.50
C PRO A 43 8.14 1.84 -5.90
N THR A 44 9.06 0.87 -6.03
CA THR A 44 8.75 -0.52 -6.31
C THR A 44 7.95 -1.13 -5.16
N GLN A 45 8.48 -1.07 -3.93
CA GLN A 45 7.87 -1.70 -2.77
C GLN A 45 6.52 -1.04 -2.45
N VAL A 46 6.40 0.28 -2.65
CA VAL A 46 5.13 0.98 -2.68
C VAL A 46 4.17 0.30 -3.68
N LYS A 47 4.58 0.16 -4.95
CA LYS A 47 3.75 -0.43 -5.99
C LYS A 47 3.25 -1.82 -5.59
N ILE A 48 4.13 -2.65 -5.00
CA ILE A 48 3.78 -3.98 -4.52
C ILE A 48 2.69 -3.88 -3.44
N TRP A 49 2.86 -3.00 -2.43
CA TRP A 49 1.85 -2.78 -1.41
C TRP A 49 0.50 -2.39 -2.04
N PHE A 50 0.54 -1.48 -3.01
CA PHE A 50 -0.62 -1.03 -3.78
C PHE A 50 -1.29 -2.19 -4.52
N GLN A 51 -0.50 -3.07 -5.15
CA GLN A 51 -0.94 -4.29 -5.80
C GLN A 51 -1.66 -5.20 -4.82
N ASN A 52 -1.11 -5.37 -3.61
CA ASN A 52 -1.66 -6.24 -2.60
C ASN A 52 -3.03 -5.75 -2.14
N HIS A 53 -3.18 -4.43 -1.89
CA HIS A 53 -4.47 -3.86 -1.52
C HIS A 53 -5.48 -3.96 -2.67
N ARG A 54 -5.04 -3.69 -3.90
CA ARG A 54 -5.84 -3.89 -5.11
C ARG A 54 -6.39 -5.32 -5.15
N TYR A 55 -5.51 -6.33 -4.98
CA TYR A 55 -5.89 -7.73 -5.03
C TYR A 55 -6.93 -8.05 -3.95
N LYS A 56 -6.63 -7.64 -2.71
CA LYS A 56 -7.42 -7.94 -1.53
C LYS A 56 -8.84 -7.42 -1.67
N MET A 57 -9.01 -6.12 -1.95
CA MET A 57 -10.30 -5.48 -2.05
C MET A 57 -11.12 -6.02 -3.22
N LYS A 58 -10.44 -6.41 -4.32
CA LYS A 58 -11.09 -7.04 -5.46
C LYS A 58 -11.63 -8.41 -5.04
N ARG A 59 -10.82 -9.20 -4.33
CA ARG A 59 -11.21 -10.53 -3.85
C ARG A 59 -12.29 -10.47 -2.76
N GLN A 60 -12.32 -9.38 -1.96
CA GLN A 60 -13.38 -9.16 -1.00
C GLN A 60 -14.67 -8.90 -1.76
N ALA A 61 -15.58 -9.89 -1.76
CA ALA A 61 -16.74 -9.97 -2.64
C ALA A 61 -16.29 -10.05 -4.11
N LYS A 62 -17.23 -9.95 -5.05
CA LYS A 62 -17.01 -9.94 -6.49
C LYS A 62 -16.63 -11.32 -7.05
N ASP A 63 -15.58 -11.95 -6.53
CA ASP A 63 -15.02 -13.23 -6.97
C ASP A 63 -15.99 -14.38 -6.68
N LYS A 64 -17.05 -14.49 -7.49
CA LYS A 64 -18.12 -15.47 -7.57
C LYS A 64 -19.46 -14.80 -7.93
N ALA A 65 -19.57 -13.49 -7.68
CA ALA A 65 -20.79 -12.72 -7.85
C ALA A 65 -20.82 -12.00 -9.20
N ALA A 66 -19.75 -11.29 -9.54
CA ALA A 66 -19.71 -10.38 -10.69
C ALA A 66 -18.35 -10.47 -11.40
N GLN A 67 -18.11 -11.59 -12.07
CA GLN A 67 -16.99 -11.82 -12.96
C GLN A 67 -17.19 -13.08 -13.80
N GLN A 68 -17.77 -14.12 -13.20
CA GLN A 68 -18.23 -15.32 -13.88
C GLN A 68 -19.68 -15.13 -14.35
N MET A 1 -2.33 -15.41 -2.58
CA MET A 1 -1.27 -15.30 -1.58
C MET A 1 -1.80 -15.67 -0.18
N ARG A 2 -2.17 -16.94 0.01
CA ARG A 2 -2.78 -17.43 1.23
C ARG A 2 -1.72 -17.69 2.30
N ARG A 3 -1.19 -16.61 2.90
CA ARG A 3 -0.34 -16.67 4.08
C ARG A 3 -0.76 -15.53 5.02
N LYS A 4 -0.90 -15.85 6.32
CA LYS A 4 -1.41 -14.94 7.35
C LYS A 4 -0.27 -14.29 8.13
N ARG A 5 -0.61 -13.22 8.88
CA ARG A 5 0.32 -12.41 9.66
C ARG A 5 1.51 -11.96 8.82
N ARG A 6 1.22 -11.40 7.64
CA ARG A 6 2.21 -10.83 6.75
C ARG A 6 2.43 -9.36 7.14
N VAL A 7 3.23 -9.14 8.19
CA VAL A 7 3.55 -7.82 8.70
C VAL A 7 4.38 -7.08 7.65
N LEU A 8 3.96 -5.86 7.26
CA LEU A 8 4.68 -5.02 6.32
C LEU A 8 4.66 -3.59 6.86
N PHE A 9 5.86 -3.01 7.09
CA PHE A 9 6.10 -1.63 7.47
C PHE A 9 5.49 -1.29 8.84
N SER A 10 5.66 -0.03 9.27
CA SER A 10 5.15 0.44 10.56
C SER A 10 3.69 0.89 10.43
N GLN A 11 3.05 1.17 11.57
CA GLN A 11 1.71 1.70 11.64
C GLN A 11 1.61 3.01 10.86
N ALA A 12 2.58 3.91 11.03
CA ALA A 12 2.64 5.19 10.33
C ALA A 12 2.77 4.98 8.81
N GLN A 13 3.70 4.11 8.39
CA GLN A 13 3.94 3.82 6.98
C GLN A 13 2.64 3.36 6.31
N VAL A 14 1.99 2.34 6.88
CA VAL A 14 0.73 1.79 6.38
C VAL A 14 -0.38 2.82 6.48
N TYR A 15 -0.41 3.64 7.53
CA TYR A 15 -1.42 4.69 7.67
C TYR A 15 -1.39 5.61 6.45
N GLU A 16 -0.21 6.09 6.04
CA GLU A 16 -0.05 6.92 4.85
C GLU A 16 -0.46 6.16 3.58
N LEU A 17 -0.06 4.90 3.44
CA LEU A 17 -0.37 4.08 2.28
C LEU A 17 -1.88 3.88 2.13
N GLU A 18 -2.56 3.48 3.21
CA GLU A 18 -4.01 3.33 3.30
C GLU A 18 -4.73 4.65 3.01
N ARG A 19 -4.31 5.74 3.67
CA ARG A 19 -4.83 7.09 3.48
C ARG A 19 -4.92 7.43 1.99
N ARG A 20 -3.84 7.17 1.25
CA ARG A 20 -3.81 7.34 -0.20
C ARG A 20 -4.77 6.37 -0.88
N PHE A 21 -4.65 5.07 -0.56
CA PHE A 21 -5.41 3.99 -1.18
C PHE A 21 -6.93 4.23 -1.17
N LYS A 22 -7.48 4.69 -0.04
CA LYS A 22 -8.91 4.94 0.11
C LYS A 22 -9.39 6.21 -0.62
N GLN A 23 -8.49 6.90 -1.33
CA GLN A 23 -8.82 7.95 -2.29
C GLN A 23 -8.57 7.41 -3.69
N GLN A 24 -7.31 7.27 -4.08
CA GLN A 24 -6.88 6.75 -5.37
C GLN A 24 -6.07 5.49 -5.13
N LYS A 25 -6.44 4.40 -5.83
CA LYS A 25 -5.94 3.05 -5.59
C LYS A 25 -4.59 2.83 -6.30
N TYR A 26 -3.83 3.91 -6.50
CA TYR A 26 -2.46 3.93 -6.99
C TYR A 26 -1.91 5.35 -6.83
N LEU A 27 -0.59 5.46 -6.65
CA LEU A 27 0.17 6.69 -6.85
C LEU A 27 0.66 6.69 -8.29
N SER A 28 0.70 7.86 -8.94
CA SER A 28 1.35 8.00 -10.23
C SER A 28 2.86 8.04 -10.03
N ALA A 29 3.64 7.99 -11.11
CA ALA A 29 5.10 7.97 -11.04
C ALA A 29 5.71 9.03 -10.10
N PRO A 30 5.40 10.34 -10.25
CA PRO A 30 6.02 11.37 -9.42
C PRO A 30 5.55 11.28 -7.97
N GLU A 31 4.23 11.09 -7.77
CA GLU A 31 3.63 10.96 -6.45
C GLU A 31 4.23 9.77 -5.69
N ARG A 32 4.46 8.66 -6.38
CA ARG A 32 4.95 7.42 -5.82
C ARG A 32 6.39 7.57 -5.37
N GLU A 33 7.23 8.21 -6.18
CA GLU A 33 8.59 8.51 -5.83
C GLU A 33 8.63 9.48 -4.64
N HIS A 34 7.78 10.52 -4.67
CA HIS A 34 7.66 11.50 -3.61
C HIS A 34 7.29 10.83 -2.29
N LEU A 35 6.24 10.00 -2.30
CA LEU A 35 5.79 9.23 -1.15
C LEU A 35 6.91 8.30 -0.69
N ALA A 36 7.56 7.59 -1.61
CA ALA A 36 8.59 6.61 -1.26
C ALA A 36 9.74 7.28 -0.53
N SER A 37 10.18 8.45 -1.00
CA SER A 37 11.19 9.26 -0.33
C SER A 37 10.69 9.76 1.03
N MET A 38 9.49 10.35 1.05
CA MET A 38 8.95 11.07 2.20
C MET A 38 8.61 10.14 3.36
N ILE A 39 7.71 9.17 3.15
CA ILE A 39 7.20 8.34 4.23
C ILE A 39 8.32 7.37 4.67
N HIS A 40 8.89 6.69 3.67
CA HIS A 40 10.13 5.92 3.60
C HIS A 40 9.91 4.45 3.24
N LEU A 41 9.70 4.24 1.94
CA LEU A 41 9.60 3.00 1.19
C LEU A 41 10.61 3.09 0.03
N THR A 42 10.56 2.13 -0.90
CA THR A 42 11.07 2.27 -2.27
C THR A 42 9.84 2.29 -3.18
N PRO A 43 9.86 2.95 -4.35
CA PRO A 43 8.72 3.02 -5.25
C PRO A 43 8.22 1.63 -5.67
N THR A 44 9.12 0.63 -5.68
CA THR A 44 8.79 -0.76 -5.92
C THR A 44 7.96 -1.34 -4.76
N GLN A 45 8.44 -1.19 -3.52
CA GLN A 45 7.72 -1.65 -2.34
C GLN A 45 6.34 -0.97 -2.22
N VAL A 46 6.26 0.33 -2.52
CA VAL A 46 4.99 1.03 -2.65
C VAL A 46 4.09 0.27 -3.64
N LYS A 47 4.52 0.15 -4.90
CA LYS A 47 3.74 -0.48 -5.96
C LYS A 47 3.26 -1.88 -5.57
N ILE A 48 4.10 -2.68 -4.90
CA ILE A 48 3.75 -4.01 -4.43
C ILE A 48 2.62 -3.94 -3.41
N TRP A 49 2.75 -3.11 -2.36
CA TRP A 49 1.71 -2.89 -1.36
C TRP A 49 0.39 -2.52 -2.05
N PHE A 50 0.46 -1.59 -3.01
CA PHE A 50 -0.67 -1.12 -3.79
C PHE A 50 -1.32 -2.25 -4.59
N GLN A 51 -0.52 -3.07 -5.29
CA GLN A 51 -0.99 -4.23 -5.99
C GLN A 51 -1.78 -5.15 -5.06
N ASN A 52 -1.22 -5.46 -3.89
CA ASN A 52 -1.81 -6.37 -2.92
C ASN A 52 -3.17 -5.88 -2.42
N HIS A 53 -3.31 -4.56 -2.17
CA HIS A 53 -4.55 -3.99 -1.69
C HIS A 53 -5.61 -3.91 -2.79
N ARG A 54 -5.20 -3.48 -3.99
CA ARG A 54 -6.05 -3.47 -5.18
C ARG A 54 -6.58 -4.88 -5.50
N TYR A 55 -5.68 -5.86 -5.47
CA TYR A 55 -5.97 -7.28 -5.61
C TYR A 55 -7.06 -7.70 -4.62
N LYS A 56 -6.85 -7.40 -3.33
CA LYS A 56 -7.76 -7.76 -2.26
C LYS A 56 -9.19 -7.31 -2.54
N MET A 57 -9.37 -6.04 -2.94
CA MET A 57 -10.68 -5.48 -3.24
C MET A 57 -11.37 -6.17 -4.41
N LYS A 58 -10.66 -6.30 -5.54
CA LYS A 58 -11.23 -6.84 -6.77
C LYS A 58 -11.59 -8.32 -6.59
N ARG A 59 -10.66 -9.09 -6.00
CA ARG A 59 -10.87 -10.48 -5.64
C ARG A 59 -12.02 -10.61 -4.64
N GLN A 60 -12.07 -9.71 -3.65
CA GLN A 60 -13.02 -9.70 -2.55
C GLN A 60 -12.87 -10.98 -1.71
N ALA A 61 -11.64 -11.51 -1.62
CA ALA A 61 -11.31 -12.80 -1.02
C ALA A 61 -12.21 -13.91 -1.56
N LYS A 62 -13.18 -14.35 -0.75
CA LYS A 62 -14.30 -15.22 -1.10
C LYS A 62 -13.97 -16.35 -2.08
N ASP A 63 -14.38 -16.19 -3.35
CA ASP A 63 -14.77 -17.32 -4.21
C ASP A 63 -13.58 -17.92 -4.96
N LYS A 64 -12.56 -17.09 -5.18
CA LYS A 64 -11.50 -17.35 -6.14
C LYS A 64 -10.59 -18.43 -5.57
N ALA A 65 -10.13 -18.23 -4.33
CA ALA A 65 -9.53 -19.25 -3.49
C ALA A 65 -9.32 -18.64 -2.10
N ALA A 66 -10.39 -18.61 -1.29
CA ALA A 66 -10.35 -18.19 0.10
C ALA A 66 -11.26 -19.07 0.95
N GLN A 67 -12.51 -19.29 0.50
CA GLN A 67 -13.49 -20.13 1.19
C GLN A 67 -13.21 -21.64 1.00
N GLN A 68 -11.94 -22.03 1.08
CA GLN A 68 -11.44 -23.37 0.81
C GLN A 68 -10.06 -23.51 1.46
N MET A 1 -3.34 -5.80 8.98
CA MET A 1 -1.94 -6.18 8.73
C MET A 1 -1.23 -6.50 10.05
N ARG A 2 -0.38 -5.59 10.54
CA ARG A 2 0.32 -5.71 11.82
C ARG A 2 0.45 -4.31 12.45
N ARG A 3 0.72 -4.27 13.76
CA ARG A 3 0.79 -3.04 14.55
C ARG A 3 1.82 -3.25 15.66
N LYS A 4 3.04 -2.71 15.49
CA LYS A 4 4.08 -2.70 16.51
C LYS A 4 5.12 -1.66 16.12
N ARG A 5 5.94 -1.99 15.11
CA ARG A 5 7.01 -1.15 14.60
C ARG A 5 7.25 -1.50 13.12
N ARG A 6 7.48 -2.79 12.85
CA ARG A 6 7.60 -3.38 11.52
C ARG A 6 8.88 -2.92 10.80
N VAL A 7 9.29 -3.67 9.77
CA VAL A 7 10.58 -3.52 9.10
C VAL A 7 10.53 -2.35 8.13
N LEU A 8 10.05 -2.58 6.89
CA LEU A 8 9.86 -1.55 5.88
C LEU A 8 8.38 -1.12 5.83
N PHE A 9 7.77 -1.07 7.01
CA PHE A 9 6.44 -0.57 7.29
C PHE A 9 6.49 0.06 8.69
N SER A 10 5.46 0.83 9.03
CA SER A 10 5.33 1.47 10.34
C SER A 10 3.89 1.97 10.47
N GLN A 11 3.53 2.46 11.67
CA GLN A 11 2.25 3.07 11.93
C GLN A 11 2.01 4.23 10.97
N ALA A 12 2.96 5.18 10.91
CA ALA A 12 2.90 6.35 10.04
C ALA A 12 2.86 5.96 8.57
N GLN A 13 3.76 5.07 8.14
CA GLN A 13 3.88 4.64 6.75
C GLN A 13 2.55 4.02 6.27
N VAL A 14 2.10 2.97 6.95
CA VAL A 14 0.89 2.24 6.58
C VAL A 14 -0.34 3.10 6.74
N TYR A 15 -0.38 3.99 7.74
CA TYR A 15 -1.45 4.98 7.85
C TYR A 15 -1.57 5.77 6.55
N GLU A 16 -0.47 6.33 6.05
CA GLU A 16 -0.48 7.13 4.84
C GLU A 16 -0.83 6.29 3.60
N LEU A 17 -0.27 5.08 3.49
CA LEU A 17 -0.56 4.15 2.40
C LEU A 17 -2.05 3.82 2.36
N GLU A 18 -2.63 3.40 3.49
CA GLU A 18 -4.04 3.11 3.63
C GLU A 18 -4.92 4.31 3.33
N ARG A 19 -4.57 5.48 3.88
CA ARG A 19 -5.31 6.71 3.59
C ARG A 19 -5.35 6.95 2.07
N ARG A 20 -4.18 6.94 1.41
CA ARG A 20 -4.07 7.13 -0.02
C ARG A 20 -4.95 6.12 -0.75
N PHE A 21 -4.89 4.84 -0.35
CA PHE A 21 -5.67 3.78 -0.94
C PHE A 21 -7.17 4.07 -0.88
N LYS A 22 -7.65 4.59 0.26
CA LYS A 22 -9.05 4.95 0.47
C LYS A 22 -9.34 6.40 0.03
N GLN A 23 -8.61 6.92 -0.95
CA GLN A 23 -8.81 8.24 -1.54
C GLN A 23 -8.65 8.15 -3.06
N GLN A 24 -7.50 7.63 -3.52
CA GLN A 24 -7.13 7.49 -4.92
C GLN A 24 -6.65 6.06 -5.18
N LYS A 25 -6.67 5.64 -6.44
CA LYS A 25 -6.35 4.29 -6.88
C LYS A 25 -4.86 3.97 -6.70
N TYR A 26 -4.01 4.93 -7.08
CA TYR A 26 -2.55 4.82 -7.10
C TYR A 26 -1.93 6.19 -6.84
N LEU A 27 -0.64 6.21 -6.50
CA LEU A 27 0.21 7.39 -6.62
C LEU A 27 0.76 7.43 -8.05
N SER A 28 0.84 8.62 -8.63
CA SER A 28 1.29 8.83 -10.00
C SER A 28 2.82 8.61 -10.10
N ALA A 29 3.36 8.60 -11.32
CA ALA A 29 4.73 8.22 -11.60
C ALA A 29 5.80 8.96 -10.75
N PRO A 30 5.75 10.28 -10.57
CA PRO A 30 6.71 10.98 -9.73
C PRO A 30 6.31 10.85 -8.25
N GLU A 31 5.01 10.98 -7.99
CA GLU A 31 4.36 11.03 -6.69
C GLU A 31 4.62 9.77 -5.86
N ARG A 32 4.64 8.59 -6.50
CA ARG A 32 4.94 7.33 -5.81
C ARG A 32 6.36 7.34 -5.27
N GLU A 33 7.30 7.97 -6.01
CA GLU A 33 8.70 8.05 -5.63
C GLU A 33 8.84 9.07 -4.49
N HIS A 34 8.18 10.23 -4.63
CA HIS A 34 8.12 11.23 -3.58
C HIS A 34 7.61 10.61 -2.27
N LEU A 35 6.49 9.88 -2.32
CA LEU A 35 5.96 9.14 -1.20
C LEU A 35 7.01 8.15 -0.69
N ALA A 36 7.60 7.33 -1.57
CA ALA A 36 8.56 6.30 -1.16
C ALA A 36 9.68 6.89 -0.32
N SER A 37 10.28 8.00 -0.78
CA SER A 37 11.28 8.73 -0.04
C SER A 37 10.73 9.28 1.28
N MET A 38 9.56 9.94 1.22
CA MET A 38 8.96 10.66 2.34
C MET A 38 8.60 9.72 3.49
N ILE A 39 7.69 8.76 3.23
CA ILE A 39 7.17 7.86 4.26
C ILE A 39 8.26 6.88 4.72
N HIS A 40 8.96 6.31 3.73
CA HIS A 40 10.13 5.44 3.76
C HIS A 40 9.81 3.99 3.42
N LEU A 41 9.57 3.81 2.13
CA LEU A 41 9.43 2.59 1.35
C LEU A 41 10.43 2.70 0.17
N THR A 42 10.36 1.77 -0.78
CA THR A 42 10.89 1.92 -2.12
C THR A 42 9.69 2.06 -3.07
N PRO A 43 9.81 2.72 -4.23
CA PRO A 43 8.70 2.85 -5.18
C PRO A 43 8.15 1.49 -5.61
N THR A 44 9.01 0.47 -5.62
CA THR A 44 8.63 -0.91 -5.89
C THR A 44 7.73 -1.45 -4.77
N GLN A 45 8.17 -1.33 -3.50
CA GLN A 45 7.39 -1.80 -2.36
C GLN A 45 6.05 -1.06 -2.25
N VAL A 46 6.03 0.26 -2.53
CA VAL A 46 4.79 1.02 -2.67
C VAL A 46 3.89 0.31 -3.68
N LYS A 47 4.34 0.15 -4.94
CA LYS A 47 3.54 -0.44 -6.00
C LYS A 47 3.04 -1.84 -5.64
N ILE A 48 3.87 -2.67 -5.01
CA ILE A 48 3.50 -4.01 -4.57
C ILE A 48 2.37 -3.94 -3.54
N TRP A 49 2.55 -3.14 -2.49
CA TRP A 49 1.53 -2.92 -1.46
C TRP A 49 0.21 -2.51 -2.10
N PHE A 50 0.27 -1.57 -3.04
CA PHE A 50 -0.87 -1.10 -3.81
C PHE A 50 -1.54 -2.24 -4.58
N GLN A 51 -0.78 -2.99 -5.38
CA GLN A 51 -1.23 -4.14 -6.14
C GLN A 51 -1.98 -5.13 -5.25
N ASN A 52 -1.41 -5.44 -4.09
CA ASN A 52 -1.96 -6.39 -3.13
C ASN A 52 -3.31 -5.91 -2.59
N HIS A 53 -3.46 -4.60 -2.35
CA HIS A 53 -4.71 -4.04 -1.86
C HIS A 53 -5.79 -4.05 -2.96
N ARG A 54 -5.42 -3.67 -4.19
CA ARG A 54 -6.29 -3.77 -5.37
C ARG A 54 -6.78 -5.20 -5.56
N TYR A 55 -5.86 -6.17 -5.45
CA TYR A 55 -6.17 -7.59 -5.57
C TYR A 55 -7.18 -8.01 -4.51
N LYS A 56 -6.85 -7.76 -3.24
CA LYS A 56 -7.60 -8.23 -2.10
C LYS A 56 -9.02 -7.68 -2.10
N MET A 57 -9.19 -6.36 -2.23
CA MET A 57 -10.49 -5.72 -2.15
C MET A 57 -11.42 -6.21 -3.26
N LYS A 58 -10.88 -6.51 -4.45
CA LYS A 58 -11.64 -7.03 -5.57
C LYS A 58 -12.03 -8.49 -5.33
N ARG A 59 -11.06 -9.31 -4.89
CA ARG A 59 -11.23 -10.75 -4.74
C ARG A 59 -12.07 -11.05 -3.49
N GLN A 60 -11.53 -10.68 -2.32
CA GLN A 60 -12.10 -10.82 -0.98
C GLN A 60 -12.15 -12.28 -0.52
N ALA A 61 -12.90 -13.14 -1.21
CA ALA A 61 -13.29 -14.46 -0.74
C ALA A 61 -14.05 -14.35 0.58
N LYS A 62 -13.35 -14.46 1.71
CA LYS A 62 -13.91 -14.23 3.04
C LYS A 62 -12.78 -14.18 4.06
N ASP A 63 -12.44 -12.98 4.54
CA ASP A 63 -11.65 -12.80 5.74
C ASP A 63 -12.49 -13.23 6.96
N LYS A 64 -11.83 -13.60 8.07
CA LYS A 64 -12.50 -14.14 9.24
C LYS A 64 -12.66 -13.06 10.30
N ALA A 65 -13.35 -11.97 9.96
CA ALA A 65 -13.76 -10.92 10.89
C ALA A 65 -15.24 -11.13 11.24
N ALA A 66 -16.03 -10.06 11.34
CA ALA A 66 -17.45 -10.12 11.69
C ALA A 66 -18.30 -10.14 10.42
N GLN A 67 -18.48 -11.33 9.82
CA GLN A 67 -19.29 -11.53 8.63
C GLN A 67 -19.73 -13.00 8.54
N GLN A 68 -21.04 -13.26 8.57
CA GLN A 68 -21.68 -14.57 8.62
C GLN A 68 -20.94 -15.54 9.56
N MET A 1 23.60 2.23 5.36
CA MET A 1 22.47 1.74 4.54
C MET A 1 21.16 1.79 5.32
N ARG A 2 20.02 1.56 4.64
CA ARG A 2 18.69 1.61 5.24
C ARG A 2 18.28 0.25 5.83
N ARG A 3 19.24 -0.59 6.22
CA ARG A 3 19.03 -1.95 6.71
C ARG A 3 17.92 -2.69 5.93
N LYS A 4 18.13 -2.80 4.62
CA LYS A 4 17.19 -3.41 3.67
C LYS A 4 15.88 -2.63 3.63
N ARG A 5 15.95 -1.35 3.25
CA ARG A 5 14.87 -0.39 3.08
C ARG A 5 14.32 0.11 4.43
N ARG A 6 13.92 -0.84 5.28
CA ARG A 6 13.42 -0.68 6.63
C ARG A 6 13.24 -2.07 7.24
N VAL A 7 13.06 -2.14 8.56
CA VAL A 7 12.78 -3.38 9.26
C VAL A 7 11.42 -3.90 8.79
N LEU A 8 10.35 -3.16 9.12
CA LEU A 8 8.99 -3.43 8.65
C LEU A 8 8.20 -2.11 8.64
N PHE A 9 7.02 -2.12 8.01
CA PHE A 9 6.15 -0.96 7.97
C PHE A 9 5.59 -0.74 9.38
N SER A 10 5.77 0.48 9.90
CA SER A 10 5.30 0.87 11.22
C SER A 10 3.82 1.25 11.19
N GLN A 11 3.25 1.54 12.36
CA GLN A 11 1.88 2.00 12.51
C GLN A 11 1.63 3.22 11.63
N ALA A 12 2.53 4.22 11.69
CA ALA A 12 2.47 5.43 10.89
C ALA A 12 2.49 5.12 9.39
N GLN A 13 3.38 4.23 8.95
CA GLN A 13 3.53 3.85 7.55
C GLN A 13 2.24 3.25 7.01
N VAL A 14 1.73 2.19 7.64
CA VAL A 14 0.53 1.50 7.19
C VAL A 14 -0.67 2.41 7.33
N TYR A 15 -0.74 3.23 8.40
CA TYR A 15 -1.78 4.23 8.54
C TYR A 15 -1.84 5.12 7.30
N GLU A 16 -0.72 5.73 6.90
CA GLU A 16 -0.67 6.53 5.69
C GLU A 16 -1.10 5.71 4.49
N LEU A 17 -0.48 4.55 4.27
CA LEU A 17 -0.70 3.72 3.09
C LEU A 17 -2.17 3.37 2.92
N GLU A 18 -2.84 2.90 3.99
CA GLU A 18 -4.25 2.58 4.00
C GLU A 18 -5.12 3.82 3.78
N ARG A 19 -4.83 4.91 4.50
CA ARG A 19 -5.52 6.19 4.35
C ARG A 19 -5.45 6.68 2.89
N ARG A 20 -4.28 6.51 2.27
CA ARG A 20 -4.00 6.86 0.88
C ARG A 20 -4.80 5.95 -0.04
N PHE A 21 -4.73 4.63 0.21
CA PHE A 21 -5.41 3.59 -0.56
C PHE A 21 -6.92 3.82 -0.64
N LYS A 22 -7.53 4.19 0.49
CA LYS A 22 -8.95 4.46 0.61
C LYS A 22 -9.43 5.52 -0.39
N GLN A 23 -8.54 6.46 -0.71
CA GLN A 23 -8.79 7.60 -1.58
C GLN A 23 -8.13 7.47 -2.96
N GLN A 24 -7.20 6.51 -3.12
CA GLN A 24 -6.15 6.48 -4.14
C GLN A 24 -6.50 7.19 -5.45
N LYS A 25 -5.84 8.32 -5.72
CA LYS A 25 -5.92 9.00 -7.01
C LYS A 25 -4.85 8.43 -7.96
N TYR A 26 -4.62 7.10 -7.87
CA TYR A 26 -3.64 6.35 -8.64
C TYR A 26 -2.24 6.93 -8.51
N LEU A 27 -1.47 6.49 -7.51
CA LEU A 27 -0.05 6.77 -7.43
C LEU A 27 0.64 6.11 -8.63
N SER A 28 0.98 6.93 -9.62
CA SER A 28 1.61 6.56 -10.86
C SER A 28 3.11 6.34 -10.63
N ALA A 29 3.87 6.06 -11.69
CA ALA A 29 5.31 5.87 -11.61
C ALA A 29 6.03 6.99 -10.84
N PRO A 30 5.90 8.27 -11.21
CA PRO A 30 6.56 9.36 -10.50
C PRO A 30 5.97 9.55 -9.10
N GLU A 31 4.63 9.51 -8.99
CA GLU A 31 3.95 9.82 -7.74
C GLU A 31 4.33 8.82 -6.64
N ARG A 32 4.40 7.52 -6.95
CA ARG A 32 4.78 6.51 -5.97
C ARG A 32 6.26 6.64 -5.55
N GLU A 33 7.12 7.20 -6.41
CA GLU A 33 8.49 7.56 -6.04
C GLU A 33 8.46 8.69 -5.01
N HIS A 34 7.60 9.70 -5.22
CA HIS A 34 7.42 10.79 -4.26
C HIS A 34 6.93 10.25 -2.92
N LEU A 35 5.89 9.40 -2.90
CA LEU A 35 5.44 8.71 -1.71
C LEU A 35 6.61 7.98 -1.05
N ALA A 36 7.38 7.20 -1.82
CA ALA A 36 8.48 6.40 -1.29
C ALA A 36 9.54 7.27 -0.61
N SER A 37 9.80 8.47 -1.15
CA SER A 37 10.72 9.42 -0.55
C SER A 37 10.12 10.00 0.75
N MET A 38 8.89 10.50 0.66
CA MET A 38 8.22 11.23 1.74
C MET A 38 7.95 10.34 2.96
N ILE A 39 7.16 9.28 2.78
CA ILE A 39 6.71 8.46 3.90
C ILE A 39 7.87 7.64 4.46
N HIS A 40 8.57 6.96 3.53
CA HIS A 40 9.89 6.34 3.57
C HIS A 40 9.82 4.84 3.32
N LEU A 41 10.08 4.48 2.06
CA LEU A 41 10.04 3.15 1.44
C LEU A 41 10.94 3.21 0.20
N THR A 42 10.78 2.27 -0.75
CA THR A 42 11.30 2.34 -2.10
C THR A 42 10.12 2.28 -3.06
N PRO A 43 10.22 2.86 -4.27
CA PRO A 43 9.15 2.86 -5.26
C PRO A 43 8.61 1.47 -5.58
N THR A 44 9.46 0.44 -5.47
CA THR A 44 9.11 -0.95 -5.68
C THR A 44 8.28 -1.47 -4.51
N GLN A 45 8.76 -1.29 -3.27
CA GLN A 45 8.05 -1.71 -2.06
C GLN A 45 6.66 -1.08 -1.99
N VAL A 46 6.58 0.22 -2.32
CA VAL A 46 5.33 0.94 -2.48
C VAL A 46 4.40 0.20 -3.46
N LYS A 47 4.81 0.07 -4.73
CA LYS A 47 4.01 -0.56 -5.76
C LYS A 47 3.53 -1.94 -5.33
N ILE A 48 4.38 -2.76 -4.69
CA ILE A 48 4.01 -4.06 -4.18
C ILE A 48 2.83 -3.95 -3.21
N TRP A 49 2.98 -3.13 -2.15
CA TRP A 49 1.93 -2.92 -1.16
C TRP A 49 0.61 -2.51 -1.82
N PHE A 50 0.69 -1.53 -2.73
CA PHE A 50 -0.45 -1.00 -3.46
C PHE A 50 -1.13 -2.09 -4.31
N GLN A 51 -0.39 -2.77 -5.19
CA GLN A 51 -0.84 -3.88 -5.99
C GLN A 51 -1.59 -4.91 -5.15
N ASN A 52 -1.00 -5.32 -4.02
CA ASN A 52 -1.56 -6.33 -3.14
C ASN A 52 -2.93 -5.89 -2.61
N HIS A 53 -3.07 -4.62 -2.22
CA HIS A 53 -4.34 -4.10 -1.71
C HIS A 53 -5.38 -3.99 -2.83
N ARG A 54 -4.97 -3.60 -4.05
CA ARG A 54 -5.85 -3.66 -5.21
C ARG A 54 -6.25 -5.11 -5.52
N TYR A 55 -5.36 -6.08 -5.29
CA TYR A 55 -5.62 -7.48 -5.57
C TYR A 55 -6.65 -8.06 -4.62
N LYS A 56 -6.62 -7.63 -3.35
CA LYS A 56 -7.60 -8.00 -2.36
C LYS A 56 -8.99 -7.61 -2.85
N MET A 57 -9.14 -6.38 -3.34
CA MET A 57 -10.37 -5.86 -3.88
C MET A 57 -10.80 -6.60 -5.14
N LYS A 58 -9.85 -6.89 -6.04
CA LYS A 58 -10.11 -7.63 -7.28
C LYS A 58 -10.66 -9.03 -6.97
N ARG A 59 -10.03 -9.72 -6.03
CA ARG A 59 -10.44 -11.04 -5.57
C ARG A 59 -11.84 -10.97 -4.95
N GLN A 60 -11.98 -10.15 -3.90
CA GLN A 60 -13.23 -9.96 -3.18
C GLN A 60 -13.10 -8.68 -2.33
N ALA A 61 -13.76 -7.60 -2.74
CA ALA A 61 -13.80 -6.36 -1.98
C ALA A 61 -14.83 -6.50 -0.86
N LYS A 62 -16.11 -6.20 -1.13
CA LYS A 62 -17.21 -6.39 -0.21
C LYS A 62 -18.49 -6.52 -1.06
N ASP A 63 -18.47 -7.49 -1.99
CA ASP A 63 -19.39 -7.60 -3.10
C ASP A 63 -19.71 -9.08 -3.33
N LYS A 64 -20.36 -9.72 -2.34
CA LYS A 64 -20.77 -11.11 -2.44
C LYS A 64 -21.99 -11.21 -3.35
N ALA A 65 -21.76 -11.38 -4.66
CA ALA A 65 -22.81 -11.61 -5.65
C ALA A 65 -23.54 -12.91 -5.34
N ALA A 66 -22.78 -14.00 -5.12
CA ALA A 66 -23.32 -15.30 -4.74
C ALA A 66 -23.62 -15.32 -3.24
N GLN A 67 -24.65 -14.56 -2.83
CA GLN A 67 -25.16 -14.51 -1.47
C GLN A 67 -26.44 -15.34 -1.35
N GLN A 68 -26.91 -15.54 -0.11
CA GLN A 68 -28.10 -16.30 0.21
C GLN A 68 -28.60 -15.90 1.60
N MET A 1 12.68 -7.18 -3.39
CA MET A 1 11.56 -8.11 -3.53
C MET A 1 11.68 -9.24 -2.49
N ARG A 2 11.13 -9.05 -1.28
CA ARG A 2 11.19 -10.03 -0.20
C ARG A 2 9.79 -10.23 0.38
N ARG A 3 9.65 -11.26 1.23
CA ARG A 3 8.51 -11.49 2.11
C ARG A 3 7.19 -11.77 1.36
N LYS A 4 6.20 -12.30 2.10
CA LYS A 4 4.93 -12.73 1.54
C LYS A 4 3.98 -11.54 1.45
N ARG A 5 4.30 -10.61 0.53
CA ARG A 5 3.47 -9.51 0.05
C ARG A 5 3.40 -8.35 1.04
N ARG A 6 3.09 -8.63 2.31
CA ARG A 6 3.23 -7.66 3.39
C ARG A 6 4.70 -7.63 3.78
N VAL A 7 5.48 -6.75 3.14
CA VAL A 7 6.93 -6.81 3.12
C VAL A 7 7.52 -6.57 4.51
N LEU A 8 7.62 -5.30 4.93
CA LEU A 8 8.25 -4.91 6.19
C LEU A 8 7.90 -3.44 6.41
N PHE A 9 6.65 -3.18 6.87
CA PHE A 9 6.08 -1.85 6.92
C PHE A 9 5.52 -1.52 8.30
N SER A 10 5.54 -0.23 8.65
CA SER A 10 5.04 0.30 9.91
C SER A 10 3.56 0.67 9.79
N GLN A 11 2.92 0.94 10.95
CA GLN A 11 1.56 1.40 11.04
C GLN A 11 1.39 2.71 10.26
N ALA A 12 2.29 3.67 10.49
CA ALA A 12 2.31 4.97 9.79
C ALA A 12 2.38 4.79 8.27
N GLN A 13 3.29 3.92 7.79
CA GLN A 13 3.49 3.67 6.37
C GLN A 13 2.18 3.17 5.74
N VAL A 14 1.63 2.06 6.24
CA VAL A 14 0.39 1.47 5.73
C VAL A 14 -0.78 2.44 5.88
N TYR A 15 -0.82 3.22 6.96
CA TYR A 15 -1.83 4.25 7.16
C TYR A 15 -1.81 5.25 6.01
N GLU A 16 -0.64 5.84 5.70
CA GLU A 16 -0.51 6.82 4.63
C GLU A 16 -0.88 6.20 3.28
N LEU A 17 -0.30 5.04 2.95
CA LEU A 17 -0.61 4.34 1.73
C LEU A 17 -2.11 4.00 1.60
N GLU A 18 -2.80 3.54 2.65
CA GLU A 18 -4.27 3.40 2.65
C GLU A 18 -5.01 4.72 2.46
N ARG A 19 -4.58 5.79 3.17
CA ARG A 19 -5.15 7.12 3.01
C ARG A 19 -5.13 7.52 1.54
N ARG A 20 -4.01 7.29 0.84
CA ARG A 20 -3.91 7.50 -0.59
C ARG A 20 -4.85 6.56 -1.34
N PHE A 21 -4.66 5.25 -1.20
CA PHE A 21 -5.36 4.19 -1.91
C PHE A 21 -6.87 4.42 -1.98
N LYS A 22 -7.48 4.71 -0.83
CA LYS A 22 -8.93 4.83 -0.71
C LYS A 22 -9.50 5.99 -1.53
N GLN A 23 -8.76 7.10 -1.58
CA GLN A 23 -9.12 8.30 -2.31
C GLN A 23 -8.84 8.12 -3.80
N GLN A 24 -7.60 7.76 -4.13
CA GLN A 24 -7.10 7.61 -5.48
C GLN A 24 -6.33 6.29 -5.57
N LYS A 25 -6.70 5.46 -6.56
CA LYS A 25 -6.39 4.03 -6.61
C LYS A 25 -4.90 3.70 -6.62
N TYR A 26 -4.09 4.48 -7.35
CA TYR A 26 -2.65 4.29 -7.49
C TYR A 26 -1.93 5.64 -7.41
N LEU A 27 -0.76 5.68 -6.75
CA LEU A 27 0.13 6.84 -6.80
C LEU A 27 0.54 7.10 -8.24
N SER A 28 0.70 8.37 -8.60
CA SER A 28 1.29 8.78 -9.86
C SER A 28 2.81 8.67 -9.70
N ALA A 29 3.57 8.79 -10.81
CA ALA A 29 5.02 8.74 -10.76
C ALA A 29 5.63 9.75 -9.77
N PRO A 30 5.36 11.06 -9.85
CA PRO A 30 6.04 12.04 -9.01
C PRO A 30 5.62 11.85 -7.54
N GLU A 31 4.34 11.60 -7.30
CA GLU A 31 3.79 11.40 -5.97
C GLU A 31 4.36 10.11 -5.33
N ARG A 32 4.55 9.05 -6.14
CA ARG A 32 5.17 7.81 -5.70
C ARG A 32 6.60 8.05 -5.24
N GLU A 33 7.41 8.75 -6.04
CA GLU A 33 8.77 9.10 -5.69
C GLU A 33 8.78 9.99 -4.44
N HIS A 34 7.84 10.94 -4.34
CA HIS A 34 7.72 11.83 -3.19
C HIS A 34 7.47 11.01 -1.92
N LEU A 35 6.47 10.12 -1.92
CA LEU A 35 6.24 9.22 -0.82
C LEU A 35 7.48 8.39 -0.52
N ALA A 36 8.02 7.65 -1.50
CA ALA A 36 9.18 6.78 -1.29
C ALA A 36 10.30 7.50 -0.53
N SER A 37 10.69 8.68 -1.00
CA SER A 37 11.69 9.52 -0.36
C SER A 37 11.30 9.88 1.09
N MET A 38 10.06 10.34 1.30
CA MET A 38 9.60 10.86 2.57
C MET A 38 9.33 9.75 3.59
N ILE A 39 8.43 8.82 3.27
CA ILE A 39 7.84 7.87 4.21
C ILE A 39 8.88 6.87 4.72
N HIS A 40 9.47 6.09 3.80
CA HIS A 40 10.47 5.03 4.01
C HIS A 40 10.69 4.17 2.77
N LEU A 41 9.58 3.70 2.19
CA LEU A 41 9.54 2.71 1.11
C LEU A 41 10.37 3.15 -0.11
N THR A 42 10.59 2.21 -1.04
CA THR A 42 11.13 2.45 -2.38
C THR A 42 9.96 2.42 -3.35
N PRO A 43 10.06 3.03 -4.55
CA PRO A 43 8.98 3.02 -5.53
C PRO A 43 8.50 1.61 -5.89
N THR A 44 9.41 0.63 -5.84
CA THR A 44 9.09 -0.77 -6.04
C THR A 44 8.23 -1.30 -4.91
N GLN A 45 8.67 -1.15 -3.65
CA GLN A 45 7.92 -1.57 -2.48
C GLN A 45 6.53 -0.91 -2.46
N VAL A 46 6.46 0.39 -2.76
CA VAL A 46 5.20 1.12 -2.91
C VAL A 46 4.30 0.40 -3.93
N LYS A 47 4.77 0.21 -5.17
CA LYS A 47 3.99 -0.41 -6.22
C LYS A 47 3.51 -1.81 -5.82
N ILE A 48 4.34 -2.60 -5.13
CA ILE A 48 3.98 -3.91 -4.62
C ILE A 48 2.84 -3.80 -3.58
N TRP A 49 2.99 -2.93 -2.57
CA TRP A 49 1.94 -2.64 -1.59
C TRP A 49 0.62 -2.32 -2.28
N PHE A 50 0.68 -1.46 -3.31
CA PHE A 50 -0.45 -1.01 -4.11
C PHE A 50 -1.11 -2.18 -4.84
N GLN A 51 -0.33 -3.01 -5.54
CA GLN A 51 -0.77 -4.24 -6.17
C GLN A 51 -1.55 -5.11 -5.18
N ASN A 52 -0.95 -5.37 -4.01
CA ASN A 52 -1.51 -6.24 -2.99
C ASN A 52 -2.85 -5.69 -2.49
N HIS A 53 -2.97 -4.36 -2.38
CA HIS A 53 -4.22 -3.74 -1.98
C HIS A 53 -5.29 -3.91 -3.07
N ARG A 54 -5.02 -3.52 -4.32
CA ARG A 54 -6.03 -3.70 -5.37
C ARG A 54 -6.41 -5.17 -5.61
N TYR A 55 -5.52 -6.11 -5.26
CA TYR A 55 -5.86 -7.53 -5.25
C TYR A 55 -6.91 -7.81 -4.17
N LYS A 56 -6.56 -7.53 -2.91
CA LYS A 56 -7.35 -7.91 -1.75
C LYS A 56 -8.69 -7.17 -1.70
N MET A 57 -8.69 -5.90 -2.13
CA MET A 57 -9.84 -5.04 -2.18
C MET A 57 -10.83 -5.49 -3.25
N LYS A 58 -10.33 -5.95 -4.40
CA LYS A 58 -11.16 -6.57 -5.42
C LYS A 58 -11.74 -7.88 -4.89
N ARG A 59 -10.92 -8.66 -4.17
CA ARG A 59 -11.32 -9.95 -3.62
C ARG A 59 -12.48 -9.77 -2.62
N GLN A 60 -12.36 -8.82 -1.68
CA GLN A 60 -13.40 -8.59 -0.67
C GLN A 60 -13.36 -7.20 -0.05
N ALA A 61 -12.17 -6.72 0.36
CA ALA A 61 -11.89 -5.57 1.22
C ALA A 61 -11.17 -6.05 2.47
N LYS A 62 -9.83 -6.14 2.39
CA LYS A 62 -8.98 -6.75 3.41
C LYS A 62 -9.44 -8.19 3.69
N ASP A 63 -10.05 -8.45 4.84
CA ASP A 63 -10.56 -9.75 5.24
C ASP A 63 -12.00 -9.60 5.74
N LYS A 64 -12.80 -8.81 5.00
CA LYS A 64 -14.20 -8.56 5.29
C LYS A 64 -14.88 -7.98 4.04
N ALA A 65 -16.18 -7.68 4.15
CA ALA A 65 -16.95 -7.06 3.07
C ALA A 65 -16.72 -5.54 3.07
N ALA A 66 -16.90 -4.89 4.22
CA ALA A 66 -16.78 -3.45 4.39
C ALA A 66 -17.67 -2.71 3.38
N GLN A 67 -17.08 -1.80 2.58
CA GLN A 67 -17.75 -1.09 1.51
C GLN A 67 -16.85 -1.13 0.28
N GLN A 68 -15.76 -0.36 0.32
CA GLN A 68 -14.70 -0.34 -0.68
C GLN A 68 -13.34 -0.27 0.05
N MET A 1 -0.69 -5.33 19.26
CA MET A 1 -0.50 -6.63 19.91
C MET A 1 0.94 -7.09 19.74
N ARG A 2 1.89 -6.38 20.38
CA ARG A 2 3.32 -6.51 20.15
C ARG A 2 3.59 -6.18 18.68
N ARG A 3 3.41 -4.91 18.31
CA ARG A 3 3.37 -4.44 16.93
C ARG A 3 2.10 -4.97 16.25
N LYS A 4 2.14 -5.20 14.93
CA LYS A 4 1.06 -5.81 14.17
C LYS A 4 1.66 -6.68 13.06
N ARG A 5 0.85 -7.54 12.46
CA ARG A 5 1.28 -8.46 11.41
C ARG A 5 1.45 -7.68 10.10
N ARG A 6 2.70 -7.46 9.69
CA ARG A 6 3.05 -6.83 8.43
C ARG A 6 4.47 -7.22 8.03
N VAL A 7 4.84 -6.99 6.77
CA VAL A 7 6.07 -7.45 6.18
C VAL A 7 7.21 -6.49 6.55
N LEU A 8 7.32 -5.34 5.85
CA LEU A 8 8.34 -4.34 6.06
C LEU A 8 7.70 -2.96 5.92
N PHE A 9 6.97 -2.54 6.96
CA PHE A 9 6.29 -1.26 7.03
C PHE A 9 6.28 -0.76 8.47
N SER A 10 6.07 0.55 8.66
CA SER A 10 5.75 1.16 9.94
C SER A 10 4.26 1.50 9.99
N GLN A 11 3.75 1.79 11.20
CA GLN A 11 2.38 2.18 11.44
C GLN A 11 2.05 3.45 10.64
N ALA A 12 2.93 4.46 10.72
CA ALA A 12 2.81 5.71 9.97
C ALA A 12 2.76 5.45 8.47
N GLN A 13 3.71 4.65 7.95
CA GLN A 13 3.80 4.35 6.52
C GLN A 13 2.49 3.74 6.02
N VAL A 14 1.97 2.70 6.70
CA VAL A 14 0.69 2.10 6.35
C VAL A 14 -0.44 3.13 6.45
N TYR A 15 -0.47 3.95 7.50
CA TYR A 15 -1.50 4.98 7.65
C TYR A 15 -1.53 5.91 6.42
N GLU A 16 -0.37 6.38 5.98
CA GLU A 16 -0.23 7.18 4.76
C GLU A 16 -0.69 6.40 3.52
N LEU A 17 -0.24 5.14 3.38
CA LEU A 17 -0.53 4.30 2.23
C LEU A 17 -2.05 4.06 2.09
N GLU A 18 -2.70 3.62 3.17
CA GLU A 18 -4.15 3.47 3.27
C GLU A 18 -4.87 4.77 2.92
N ARG A 19 -4.44 5.88 3.54
CA ARG A 19 -5.05 7.18 3.33
C ARG A 19 -4.97 7.60 1.86
N ARG A 20 -3.83 7.34 1.19
CA ARG A 20 -3.72 7.53 -0.24
C ARG A 20 -4.75 6.65 -0.95
N PHE A 21 -4.71 5.34 -0.69
CA PHE A 21 -5.44 4.33 -1.44
C PHE A 21 -6.93 4.61 -1.51
N LYS A 22 -7.57 4.85 -0.35
CA LYS A 22 -9.01 5.06 -0.30
C LYS A 22 -9.44 6.33 -1.03
N GLN A 23 -8.60 7.38 -0.95
CA GLN A 23 -8.85 8.66 -1.58
C GLN A 23 -8.57 8.58 -3.09
N GLN A 24 -7.30 8.43 -3.45
CA GLN A 24 -6.78 8.43 -4.80
C GLN A 24 -6.35 7.00 -5.13
N LYS A 25 -6.97 6.43 -6.16
CA LYS A 25 -6.93 5.00 -6.42
C LYS A 25 -5.53 4.53 -6.81
N TYR A 26 -4.75 5.38 -7.49
CA TYR A 26 -3.37 5.10 -7.88
C TYR A 26 -2.55 6.38 -7.84
N LEU A 27 -1.30 6.30 -7.37
CA LEU A 27 -0.34 7.38 -7.47
C LEU A 27 0.10 7.53 -8.93
N SER A 28 0.48 8.75 -9.32
CA SER A 28 1.12 9.00 -10.60
C SER A 28 2.60 8.66 -10.46
N ALA A 29 3.32 8.50 -11.59
CA ALA A 29 4.73 8.13 -11.58
C ALA A 29 5.59 8.98 -10.63
N PRO A 30 5.58 10.33 -10.69
CA PRO A 30 6.44 11.14 -9.85
C PRO A 30 5.95 11.13 -8.40
N GLU A 31 4.62 11.23 -8.20
CA GLU A 31 4.01 11.26 -6.89
C GLU A 31 4.27 9.96 -6.11
N ARG A 32 4.32 8.82 -6.81
CA ARG A 32 4.62 7.51 -6.25
C ARG A 32 6.04 7.50 -5.67
N GLU A 33 7.01 7.97 -6.45
CA GLU A 33 8.41 8.03 -6.04
C GLU A 33 8.58 9.03 -4.88
N HIS A 34 7.90 10.19 -4.98
CA HIS A 34 7.86 11.17 -3.91
C HIS A 34 7.29 10.55 -2.63
N LEU A 35 6.19 9.79 -2.73
CA LEU A 35 5.59 9.06 -1.63
C LEU A 35 6.62 8.12 -1.04
N ALA A 36 7.28 7.28 -1.85
CA ALA A 36 8.27 6.32 -1.37
C ALA A 36 9.31 6.99 -0.47
N SER A 37 9.85 8.13 -0.88
CA SER A 37 10.78 8.92 -0.07
C SER A 37 10.09 9.46 1.19
N MET A 38 8.94 10.11 1.02
CA MET A 38 8.24 10.87 2.06
C MET A 38 7.78 9.96 3.20
N ILE A 39 7.00 8.92 2.90
CA ILE A 39 6.55 7.94 3.88
C ILE A 39 7.77 7.22 4.45
N HIS A 40 8.65 6.82 3.53
CA HIS A 40 9.88 6.07 3.65
C HIS A 40 9.59 4.61 3.35
N LEU A 41 10.17 4.15 2.24
CA LEU A 41 10.13 2.83 1.60
C LEU A 41 10.63 2.98 0.15
N THR A 42 10.57 1.90 -0.65
CA THR A 42 11.06 1.88 -2.02
C THR A 42 9.86 1.94 -2.96
N PRO A 43 10.02 2.43 -4.21
CA PRO A 43 8.97 2.39 -5.21
C PRO A 43 8.45 0.96 -5.45
N THR A 44 9.31 -0.03 -5.25
CA THR A 44 9.00 -1.44 -5.36
C THR A 44 8.07 -1.90 -4.24
N GLN A 45 8.45 -1.67 -2.98
CA GLN A 45 7.63 -2.03 -1.82
C GLN A 45 6.27 -1.32 -1.88
N VAL A 46 6.31 -0.02 -2.20
CA VAL A 46 5.10 0.76 -2.47
C VAL A 46 4.19 0.04 -3.47
N LYS A 47 4.69 -0.28 -4.69
CA LYS A 47 3.91 -0.97 -5.69
C LYS A 47 3.34 -2.28 -5.12
N ILE A 48 4.18 -3.12 -4.48
CA ILE A 48 3.75 -4.40 -3.93
C ILE A 48 2.54 -4.21 -3.00
N TRP A 49 2.63 -3.25 -2.07
CA TRP A 49 1.54 -2.94 -1.15
C TRP A 49 0.26 -2.59 -1.91
N PHE A 50 0.36 -1.67 -2.88
CA PHE A 50 -0.73 -1.26 -3.75
C PHE A 50 -1.36 -2.46 -4.47
N GLN A 51 -0.56 -3.20 -5.25
CA GLN A 51 -0.90 -4.40 -5.98
C GLN A 51 -1.66 -5.41 -5.13
N ASN A 52 -1.14 -5.73 -3.94
CA ASN A 52 -1.68 -6.78 -3.09
C ASN A 52 -3.12 -6.45 -2.66
N HIS A 53 -3.40 -5.18 -2.32
CA HIS A 53 -4.75 -4.76 -1.98
C HIS A 53 -5.66 -4.84 -3.21
N ARG A 54 -5.20 -4.34 -4.37
CA ARG A 54 -5.93 -4.43 -5.63
C ARG A 54 -6.34 -5.87 -5.93
N TYR A 55 -5.40 -6.80 -5.76
CA TYR A 55 -5.60 -8.22 -5.98
C TYR A 55 -6.71 -8.75 -5.05
N LYS A 56 -6.53 -8.52 -3.75
CA LYS A 56 -7.42 -9.03 -2.71
C LYS A 56 -8.87 -8.61 -2.92
N MET A 57 -9.11 -7.31 -3.10
CA MET A 57 -10.44 -6.76 -3.21
C MET A 57 -11.12 -7.13 -4.54
N LYS A 58 -10.34 -7.19 -5.62
CA LYS A 58 -10.81 -7.60 -6.93
C LYS A 58 -11.27 -9.07 -6.90
N ARG A 59 -10.44 -9.93 -6.32
CA ARG A 59 -10.77 -11.34 -6.09
C ARG A 59 -11.94 -11.48 -5.10
N GLN A 60 -12.16 -10.47 -4.25
CA GLN A 60 -13.19 -10.33 -3.23
C GLN A 60 -13.08 -11.31 -2.04
N ALA A 61 -12.43 -12.45 -2.22
CA ALA A 61 -12.00 -13.36 -1.17
C ALA A 61 -13.17 -14.19 -0.59
N LYS A 62 -14.05 -13.54 0.19
CA LYS A 62 -15.13 -14.15 0.96
C LYS A 62 -14.61 -15.37 1.72
N ASP A 63 -14.99 -16.58 1.28
CA ASP A 63 -14.67 -17.85 1.91
C ASP A 63 -13.81 -18.71 0.99
N LYS A 64 -14.15 -18.68 -0.30
CA LYS A 64 -13.49 -19.40 -1.38
C LYS A 64 -11.98 -19.16 -1.40
N ALA A 65 -11.55 -17.94 -1.06
CA ALA A 65 -10.14 -17.59 -0.97
C ALA A 65 -9.98 -16.51 0.12
N ALA A 66 -10.31 -16.87 1.36
CA ALA A 66 -10.32 -15.95 2.50
C ALA A 66 -8.91 -15.43 2.82
N GLN A 67 -8.02 -16.34 3.24
CA GLN A 67 -6.70 -16.01 3.76
C GLN A 67 -5.69 -15.63 2.67
N GLN A 68 -5.97 -16.00 1.41
CA GLN A 68 -5.06 -15.83 0.29
C GLN A 68 -4.96 -14.35 -0.12
N MET A 1 9.84 -18.17 6.95
CA MET A 1 10.06 -17.02 6.07
C MET A 1 11.47 -17.04 5.47
N ARG A 2 11.76 -16.14 4.53
CA ARG A 2 13.08 -15.93 3.97
C ARG A 2 13.91 -15.11 4.95
N ARG A 3 14.18 -15.69 6.15
CA ARG A 3 14.94 -15.06 7.24
C ARG A 3 14.56 -13.59 7.39
N LYS A 4 13.28 -13.33 7.72
CA LYS A 4 12.65 -12.01 7.69
C LYS A 4 12.49 -11.57 6.23
N ARG A 5 11.35 -11.93 5.63
CA ARG A 5 11.04 -11.72 4.22
C ARG A 5 10.87 -10.23 3.91
N ARG A 6 9.73 -9.65 4.33
CA ARG A 6 9.32 -8.30 3.95
C ARG A 6 10.31 -7.25 4.46
N VAL A 7 10.34 -6.09 3.79
CA VAL A 7 11.29 -5.03 4.07
C VAL A 7 11.01 -4.41 5.44
N LEU A 8 9.95 -3.59 5.55
CA LEU A 8 9.57 -2.92 6.79
C LEU A 8 8.18 -2.29 6.63
N PHE A 9 7.45 -2.21 7.74
CA PHE A 9 6.20 -1.48 7.88
C PHE A 9 6.15 -0.89 9.30
N SER A 10 5.33 0.14 9.49
CA SER A 10 5.21 0.88 10.73
C SER A 10 3.86 1.59 10.77
N GLN A 11 3.52 2.20 11.92
CA GLN A 11 2.31 2.96 12.11
C GLN A 11 2.24 4.09 11.07
N ALA A 12 3.31 4.90 10.97
CA ALA A 12 3.40 6.03 10.05
C ALA A 12 3.30 5.57 8.59
N GLN A 13 4.07 4.54 8.21
CA GLN A 13 4.11 4.03 6.85
C GLN A 13 2.73 3.54 6.42
N VAL A 14 2.15 2.59 7.17
CA VAL A 14 0.87 1.99 6.88
C VAL A 14 -0.25 3.03 6.94
N TYR A 15 -0.18 3.96 7.90
CA TYR A 15 -1.13 5.08 7.97
C TYR A 15 -1.20 5.80 6.62
N GLU A 16 -0.05 6.23 6.10
CA GLU A 16 0.01 6.86 4.78
C GLU A 16 -0.54 5.93 3.70
N LEU A 17 -0.02 4.71 3.63
CA LEU A 17 -0.37 3.75 2.57
C LEU A 17 -1.88 3.50 2.51
N GLU A 18 -2.51 3.24 3.66
CA GLU A 18 -3.94 3.02 3.79
C GLU A 18 -4.75 4.27 3.44
N ARG A 19 -4.40 5.42 4.04
CA ARG A 19 -5.11 6.68 3.77
C ARG A 19 -5.07 6.97 2.27
N ARG A 20 -3.89 6.79 1.66
CA ARG A 20 -3.66 6.97 0.25
C ARG A 20 -4.56 6.02 -0.53
N PHE A 21 -4.51 4.71 -0.22
CA PHE A 21 -5.29 3.66 -0.87
C PHE A 21 -6.79 4.00 -0.94
N LYS A 22 -7.35 4.54 0.14
CA LYS A 22 -8.76 4.93 0.21
C LYS A 22 -9.08 6.04 -0.80
N GLN A 23 -8.20 7.02 -0.91
CA GLN A 23 -8.35 8.25 -1.67
C GLN A 23 -7.97 8.08 -3.15
N GLN A 24 -7.01 7.19 -3.41
CA GLN A 24 -6.21 7.13 -4.63
C GLN A 24 -7.01 6.63 -5.83
N LYS A 25 -6.58 7.09 -7.02
CA LYS A 25 -6.93 6.53 -8.30
C LYS A 25 -5.78 5.62 -8.73
N TYR A 26 -4.59 6.19 -8.96
CA TYR A 26 -3.33 5.47 -9.12
C TYR A 26 -2.18 6.39 -8.66
N LEU A 27 -1.13 5.84 -8.02
CA LEU A 27 0.09 6.59 -7.77
C LEU A 27 0.82 6.73 -9.10
N SER A 28 0.82 7.95 -9.61
CA SER A 28 1.41 8.30 -10.90
C SER A 28 2.94 8.30 -10.79
N ALA A 29 3.62 8.52 -11.93
CA ALA A 29 5.08 8.49 -12.01
C ALA A 29 5.79 9.37 -10.98
N PRO A 30 5.37 10.63 -10.73
CA PRO A 30 5.98 11.43 -9.66
C PRO A 30 5.47 10.99 -8.29
N GLU A 31 4.15 10.74 -8.17
CA GLU A 31 3.50 10.53 -6.90
C GLU A 31 4.00 9.26 -6.18
N ARG A 32 4.28 8.17 -6.92
CA ARG A 32 4.82 6.95 -6.35
C ARG A 32 6.15 7.20 -5.64
N GLU A 33 7.02 8.01 -6.24
CA GLU A 33 8.32 8.35 -5.70
C GLU A 33 8.16 9.31 -4.52
N HIS A 34 7.27 10.30 -4.66
CA HIS A 34 6.97 11.26 -3.61
C HIS A 34 6.44 10.55 -2.36
N LEU A 35 5.53 9.58 -2.53
CA LEU A 35 5.02 8.74 -1.47
C LEU A 35 6.17 7.92 -0.90
N ALA A 36 6.94 7.21 -1.74
CA ALA A 36 8.04 6.36 -1.31
C ALA A 36 8.99 7.11 -0.37
N SER A 37 9.33 8.35 -0.72
CA SER A 37 10.13 9.24 0.11
C SER A 37 9.40 9.59 1.40
N MET A 38 8.15 10.07 1.30
CA MET A 38 7.34 10.53 2.43
C MET A 38 7.20 9.45 3.51
N ILE A 39 6.73 8.26 3.13
CA ILE A 39 6.53 7.14 4.04
C ILE A 39 7.87 6.62 4.53
N HIS A 40 8.78 6.42 3.56
CA HIS A 40 10.17 5.98 3.63
C HIS A 40 10.28 4.48 3.35
N LEU A 41 10.23 4.19 2.06
CA LEU A 41 10.24 2.89 1.40
C LEU A 41 10.69 3.15 -0.05
N THR A 42 10.54 2.17 -0.95
CA THR A 42 10.88 2.30 -2.37
C THR A 42 9.58 2.29 -3.17
N PRO A 43 9.54 2.87 -4.38
CA PRO A 43 8.38 2.81 -5.26
C PRO A 43 7.98 1.36 -5.60
N THR A 44 8.95 0.44 -5.54
CA THR A 44 8.73 -0.99 -5.73
C THR A 44 7.97 -1.58 -4.54
N GLN A 45 8.47 -1.38 -3.32
CA GLN A 45 7.85 -1.89 -2.10
C GLN A 45 6.43 -1.32 -1.98
N VAL A 46 6.29 -0.01 -2.14
CA VAL A 46 5.02 0.68 -2.31
C VAL A 46 4.11 -0.09 -3.28
N LYS A 47 4.53 -0.25 -4.54
CA LYS A 47 3.73 -0.88 -5.58
C LYS A 47 3.29 -2.29 -5.19
N ILE A 48 4.14 -3.06 -4.49
CA ILE A 48 3.81 -4.40 -4.02
C ILE A 48 2.69 -4.34 -2.98
N TRP A 49 2.82 -3.48 -1.94
CA TRP A 49 1.79 -3.26 -0.94
C TRP A 49 0.46 -2.92 -1.63
N PHE A 50 0.51 -1.98 -2.58
CA PHE A 50 -0.63 -1.54 -3.37
C PHE A 50 -1.26 -2.71 -4.13
N GLN A 51 -0.47 -3.49 -4.87
CA GLN A 51 -0.87 -4.70 -5.56
C GLN A 51 -1.71 -5.60 -4.67
N ASN A 52 -1.19 -5.92 -3.48
CA ASN A 52 -1.83 -6.81 -2.54
C ASN A 52 -3.19 -6.27 -2.10
N HIS A 53 -3.30 -4.94 -1.89
CA HIS A 53 -4.53 -4.32 -1.44
C HIS A 53 -5.58 -4.26 -2.55
N ARG A 54 -5.20 -3.83 -3.76
CA ARG A 54 -6.12 -3.82 -4.90
C ARG A 54 -6.58 -5.25 -5.25
N TYR A 55 -5.71 -6.24 -5.08
CA TYR A 55 -6.05 -7.64 -5.27
C TYR A 55 -7.09 -8.09 -4.25
N LYS A 56 -6.89 -7.75 -2.98
CA LYS A 56 -7.75 -8.16 -1.89
C LYS A 56 -9.21 -7.77 -2.13
N MET A 57 -9.44 -6.51 -2.50
CA MET A 57 -10.77 -5.98 -2.70
C MET A 57 -11.51 -6.69 -3.82
N LYS A 58 -10.85 -6.89 -4.97
CA LYS A 58 -11.47 -7.53 -6.12
C LYS A 58 -11.59 -9.04 -5.95
N ARG A 59 -10.68 -9.65 -5.19
CA ARG A 59 -10.73 -11.07 -4.87
C ARG A 59 -11.94 -11.38 -3.98
N GLN A 60 -12.16 -10.57 -2.93
CA GLN A 60 -13.17 -10.88 -1.92
C GLN A 60 -13.72 -9.65 -1.21
N ALA A 61 -12.86 -8.73 -0.75
CA ALA A 61 -13.24 -7.83 0.33
C ALA A 61 -14.26 -6.77 -0.07
N LYS A 62 -14.03 -6.06 -1.18
CA LYS A 62 -14.85 -4.93 -1.61
C LYS A 62 -14.88 -4.81 -3.14
N ASP A 63 -14.29 -3.73 -3.69
CA ASP A 63 -14.52 -3.29 -5.06
C ASP A 63 -13.80 -4.19 -6.07
N LYS A 64 -14.54 -4.68 -7.06
CA LYS A 64 -14.00 -5.41 -8.20
C LYS A 64 -13.63 -4.47 -9.36
N ALA A 65 -14.32 -3.31 -9.44
CA ALA A 65 -14.12 -2.34 -10.50
C ALA A 65 -12.87 -1.49 -10.25
N ALA A 66 -12.70 -1.01 -9.00
CA ALA A 66 -11.65 -0.06 -8.64
C ALA A 66 -10.33 -0.78 -8.33
N GLN A 67 -9.21 -0.22 -8.83
CA GLN A 67 -7.86 -0.64 -8.51
C GLN A 67 -7.06 0.62 -8.15
N GLN A 68 -6.09 0.48 -7.23
CA GLN A 68 -5.17 1.53 -6.84
C GLN A 68 -3.76 0.95 -6.80
N MET A 1 7.74 -9.71 5.30
CA MET A 1 8.57 -10.02 6.47
C MET A 1 7.69 -10.66 7.57
N ARG A 2 7.86 -10.26 8.83
CA ARG A 2 7.06 -10.73 9.96
C ARG A 2 6.72 -9.53 10.84
N ARG A 3 6.49 -9.74 12.14
CA ARG A 3 6.30 -8.69 13.14
C ARG A 3 7.34 -8.88 14.24
N LYS A 4 7.39 -7.95 15.21
CA LYS A 4 8.34 -7.89 16.31
C LYS A 4 9.77 -7.62 15.82
N ARG A 5 10.42 -8.64 15.24
CA ARG A 5 11.82 -8.56 14.84
C ARG A 5 11.94 -7.82 13.51
N ARG A 6 11.75 -8.53 12.38
CA ARG A 6 11.75 -7.93 11.06
C ARG A 6 10.34 -7.43 10.73
N VAL A 7 10.01 -6.26 11.26
CA VAL A 7 8.68 -5.68 11.20
C VAL A 7 8.31 -5.36 9.74
N LEU A 8 7.18 -5.87 9.25
CA LEU A 8 6.65 -5.54 7.93
C LEU A 8 5.95 -4.18 8.03
N PHE A 9 6.73 -3.11 7.85
CA PHE A 9 6.32 -1.72 7.82
C PHE A 9 5.79 -1.22 9.16
N SER A 10 5.85 0.11 9.36
CA SER A 10 5.40 0.76 10.57
C SER A 10 3.94 1.18 10.44
N GLN A 11 3.34 1.57 11.56
CA GLN A 11 1.98 2.08 11.64
C GLN A 11 1.88 3.40 10.87
N ALA A 12 2.86 4.30 11.03
CA ALA A 12 2.93 5.57 10.32
C ALA A 12 3.02 5.37 8.81
N GLN A 13 3.92 4.48 8.36
CA GLN A 13 4.10 4.15 6.96
C GLN A 13 2.78 3.69 6.33
N VAL A 14 2.17 2.65 6.89
CA VAL A 14 0.97 2.05 6.34
C VAL A 14 -0.23 2.96 6.53
N TYR A 15 -0.27 3.77 7.58
CA TYR A 15 -1.31 4.80 7.72
C TYR A 15 -1.35 5.67 6.45
N GLU A 16 -0.19 6.12 5.97
CA GLU A 16 -0.10 6.93 4.75
C GLU A 16 -0.51 6.11 3.51
N LEU A 17 -0.06 4.85 3.40
CA LEU A 17 -0.42 3.99 2.28
C LEU A 17 -1.94 3.79 2.21
N GLU A 18 -2.57 3.42 3.33
CA GLU A 18 -4.02 3.29 3.49
C GLU A 18 -4.74 4.59 3.16
N ARG A 19 -4.29 5.72 3.73
CA ARG A 19 -4.85 7.04 3.48
C ARG A 19 -4.94 7.32 1.98
N ARG A 20 -3.84 7.04 1.25
CA ARG A 20 -3.78 7.24 -0.19
C ARG A 20 -4.68 6.23 -0.92
N PHE A 21 -4.62 4.96 -0.52
CA PHE A 21 -5.42 3.89 -1.08
C PHE A 21 -6.92 4.20 -1.06
N LYS A 22 -7.41 4.76 0.05
CA LYS A 22 -8.80 5.17 0.21
C LYS A 22 -9.20 6.22 -0.84
N GLN A 23 -8.27 7.11 -1.19
CA GLN A 23 -8.48 8.15 -2.17
C GLN A 23 -8.47 7.56 -3.60
N GLN A 24 -7.40 6.86 -3.96
CA GLN A 24 -7.11 6.42 -5.31
C GLN A 24 -6.16 5.21 -5.24
N LYS A 25 -6.44 4.18 -6.06
CA LYS A 25 -5.86 2.84 -5.94
C LYS A 25 -4.50 2.70 -6.67
N TYR A 26 -3.69 3.76 -6.65
CA TYR A 26 -2.30 3.81 -7.09
C TYR A 26 -1.83 5.25 -7.00
N LEU A 27 -0.59 5.48 -6.55
CA LEU A 27 0.04 6.79 -6.60
C LEU A 27 0.34 7.16 -8.05
N SER A 28 0.08 8.42 -8.42
CA SER A 28 0.38 8.93 -9.74
C SER A 28 1.89 9.06 -9.90
N ALA A 29 2.36 9.11 -11.16
CA ALA A 29 3.77 9.08 -11.55
C ALA A 29 4.72 9.95 -10.70
N PRO A 30 4.40 11.21 -10.37
CA PRO A 30 5.27 12.03 -9.54
C PRO A 30 5.10 11.66 -8.06
N GLU A 31 3.84 11.50 -7.63
CA GLU A 31 3.46 11.31 -6.24
C GLU A 31 4.04 10.02 -5.64
N ARG A 32 4.19 8.94 -6.43
CA ARG A 32 4.82 7.72 -5.96
C ARG A 32 6.23 7.98 -5.43
N GLU A 33 6.98 8.85 -6.11
CA GLU A 33 8.35 9.19 -5.77
C GLU A 33 8.37 10.01 -4.48
N HIS A 34 7.46 10.99 -4.39
CA HIS A 34 7.30 11.83 -3.22
C HIS A 34 6.98 10.97 -2.00
N LEU A 35 5.98 10.09 -2.10
CA LEU A 35 5.58 9.20 -1.04
C LEU A 35 6.75 8.31 -0.63
N ALA A 36 7.39 7.61 -1.58
CA ALA A 36 8.50 6.71 -1.29
C ALA A 36 9.58 7.42 -0.47
N SER A 37 10.03 8.59 -0.95
CA SER A 37 11.03 9.41 -0.28
C SER A 37 10.60 9.77 1.14
N MET A 38 9.36 10.27 1.31
CA MET A 38 8.85 10.75 2.58
C MET A 38 8.62 9.61 3.57
N ILE A 39 7.70 8.68 3.25
CA ILE A 39 7.18 7.72 4.22
C ILE A 39 8.26 6.77 4.71
N HIS A 40 8.99 6.16 3.76
CA HIS A 40 10.19 5.32 3.91
C HIS A 40 10.40 4.40 2.71
N LEU A 41 9.29 3.80 2.26
CA LEU A 41 9.19 2.73 1.28
C LEU A 41 9.94 3.07 -0.02
N THR A 42 10.18 2.06 -0.86
CA THR A 42 10.72 2.21 -2.20
C THR A 42 9.54 2.21 -3.17
N PRO A 43 9.63 2.81 -4.37
CA PRO A 43 8.53 2.80 -5.33
C PRO A 43 8.07 1.38 -5.67
N THR A 44 8.99 0.41 -5.60
CA THR A 44 8.70 -1.00 -5.77
C THR A 44 7.83 -1.53 -4.64
N GLN A 45 8.27 -1.38 -3.38
CA GLN A 45 7.54 -1.86 -2.21
C GLN A 45 6.17 -1.18 -2.09
N VAL A 46 6.11 0.13 -2.36
CA VAL A 46 4.86 0.86 -2.54
C VAL A 46 3.94 0.12 -3.52
N LYS A 47 4.39 -0.10 -4.75
CA LYS A 47 3.55 -0.66 -5.80
C LYS A 47 3.13 -2.09 -5.46
N ILE A 48 4.00 -2.89 -4.81
CA ILE A 48 3.68 -4.21 -4.30
C ILE A 48 2.52 -4.13 -3.29
N TRP A 49 2.65 -3.25 -2.29
CA TRP A 49 1.61 -3.04 -1.28
C TRP A 49 0.29 -2.68 -1.97
N PHE A 50 0.33 -1.71 -2.89
CA PHE A 50 -0.83 -1.27 -3.66
C PHE A 50 -1.46 -2.43 -4.43
N GLN A 51 -0.67 -3.26 -5.11
CA GLN A 51 -1.12 -4.46 -5.78
C GLN A 51 -1.89 -5.36 -4.81
N ASN A 52 -1.27 -5.71 -3.68
CA ASN A 52 -1.83 -6.63 -2.72
C ASN A 52 -3.18 -6.15 -2.19
N HIS A 53 -3.32 -4.84 -1.94
CA HIS A 53 -4.53 -4.26 -1.38
C HIS A 53 -5.62 -4.10 -2.45
N ARG A 54 -5.27 -3.63 -3.65
CA ARG A 54 -6.24 -3.49 -4.74
C ARG A 54 -6.73 -4.87 -5.23
N TYR A 55 -5.88 -5.90 -5.12
CA TYR A 55 -6.20 -7.28 -5.46
C TYR A 55 -7.31 -7.84 -4.56
N LYS A 56 -7.25 -7.51 -3.27
CA LYS A 56 -8.23 -7.93 -2.28
C LYS A 56 -9.61 -7.40 -2.69
N MET A 57 -9.68 -6.13 -3.06
CA MET A 57 -10.88 -5.48 -3.53
C MET A 57 -11.35 -6.01 -4.88
N LYS A 58 -10.42 -6.28 -5.80
CA LYS A 58 -10.74 -6.84 -7.12
C LYS A 58 -11.41 -8.20 -6.96
N ARG A 59 -10.84 -9.07 -6.13
CA ARG A 59 -11.40 -10.37 -5.78
C ARG A 59 -12.73 -10.19 -5.03
N GLN A 60 -12.75 -9.24 -4.09
CA GLN A 60 -13.83 -8.96 -3.14
C GLN A 60 -13.87 -10.02 -2.03
N ALA A 61 -13.94 -11.30 -2.40
CA ALA A 61 -13.93 -12.42 -1.49
C ALA A 61 -12.53 -12.64 -0.90
N LYS A 62 -12.46 -13.48 0.15
CA LYS A 62 -11.24 -13.83 0.86
C LYS A 62 -10.55 -12.56 1.39
N ASP A 63 -11.15 -11.96 2.41
CA ASP A 63 -10.72 -10.69 2.98
C ASP A 63 -9.33 -10.82 3.63
N LYS A 64 -8.29 -10.45 2.88
CA LYS A 64 -6.96 -10.26 3.44
C LYS A 64 -6.97 -9.05 4.38
N ALA A 65 -6.08 -9.07 5.37
CA ALA A 65 -6.07 -8.19 6.53
C ALA A 65 -6.26 -6.70 6.19
N ALA A 66 -5.58 -6.22 5.15
CA ALA A 66 -5.55 -4.81 4.72
C ALA A 66 -4.68 -3.97 5.66
N GLN A 67 -4.90 -4.05 6.98
CA GLN A 67 -4.03 -3.39 7.93
C GLN A 67 -2.66 -4.07 7.89
N GLN A 68 -1.59 -3.26 7.82
CA GLN A 68 -0.23 -3.70 7.51
C GLN A 68 -0.19 -4.38 6.13
N MET A 1 -2.65 0.48 10.18
CA MET A 1 -2.87 -0.98 10.20
C MET A 1 -2.77 -1.55 11.62
N ARG A 2 -2.59 -2.87 11.75
CA ARG A 2 -2.46 -3.57 13.02
C ARG A 2 -1.22 -3.07 13.78
N ARG A 3 -1.29 -3.05 15.11
CA ARG A 3 -0.28 -2.44 15.98
C ARG A 3 0.87 -3.41 16.28
N LYS A 4 1.75 -3.00 17.22
CA LYS A 4 2.96 -3.69 17.67
C LYS A 4 3.95 -4.04 16.54
N ARG A 5 5.05 -4.70 16.90
CA ARG A 5 6.21 -4.92 16.03
C ARG A 5 5.81 -5.45 14.65
N ARG A 6 6.24 -4.74 13.61
CA ARG A 6 6.02 -5.08 12.21
C ARG A 6 7.40 -5.34 11.59
N VAL A 7 7.58 -6.49 10.92
CA VAL A 7 8.85 -6.89 10.34
C VAL A 7 9.20 -5.99 9.16
N LEU A 8 8.53 -6.21 8.02
CA LEU A 8 8.52 -5.31 6.87
C LEU A 8 7.38 -4.31 7.03
N PHE A 9 7.51 -3.12 6.42
CA PHE A 9 6.61 -1.98 6.59
C PHE A 9 6.50 -1.55 8.06
N SER A 10 5.70 -0.51 8.34
CA SER A 10 5.41 -0.05 9.69
C SER A 10 4.02 0.57 9.73
N GLN A 11 3.49 0.81 10.95
CA GLN A 11 2.22 1.46 11.16
C GLN A 11 2.22 2.86 10.58
N ALA A 12 3.27 3.65 10.83
CA ALA A 12 3.42 5.00 10.31
C ALA A 12 3.39 5.02 8.78
N GLN A 13 4.11 4.09 8.14
CA GLN A 13 4.19 3.99 6.69
C GLN A 13 2.82 3.64 6.09
N VAL A 14 2.25 2.51 6.54
CA VAL A 14 1.02 1.95 6.00
C VAL A 14 -0.19 2.79 6.37
N TYR A 15 -0.14 3.54 7.49
CA TYR A 15 -1.15 4.55 7.79
C TYR A 15 -1.35 5.46 6.57
N GLU A 16 -0.26 6.03 6.04
CA GLU A 16 -0.33 6.91 4.89
C GLU A 16 -0.81 6.17 3.63
N LEU A 17 -0.45 4.89 3.48
CA LEU A 17 -0.82 4.12 2.29
C LEU A 17 -2.29 3.73 2.29
N GLU A 18 -2.82 3.31 3.43
CA GLU A 18 -4.25 3.10 3.68
C GLU A 18 -5.04 4.37 3.36
N ARG A 19 -4.60 5.51 3.91
CA ARG A 19 -5.20 6.81 3.65
C ARG A 19 -5.23 7.09 2.14
N ARG A 20 -4.11 6.93 1.45
CA ARG A 20 -3.98 7.15 0.02
C ARG A 20 -4.87 6.18 -0.78
N PHE A 21 -4.99 4.93 -0.33
CA PHE A 21 -5.76 3.90 -1.03
C PHE A 21 -7.23 4.29 -1.24
N LYS A 22 -7.79 5.14 -0.38
CA LYS A 22 -9.11 5.72 -0.58
C LYS A 22 -9.15 6.57 -1.85
N GLN A 23 -8.09 7.36 -2.05
CA GLN A 23 -7.93 8.31 -3.15
C GLN A 23 -7.51 7.59 -4.44
N GLN A 24 -6.27 7.07 -4.48
CA GLN A 24 -5.65 6.45 -5.65
C GLN A 24 -5.36 4.98 -5.36
N LYS A 25 -5.77 4.10 -6.28
CA LYS A 25 -5.45 2.68 -6.25
C LYS A 25 -4.03 2.40 -6.77
N TYR A 26 -3.41 3.38 -7.45
CA TYR A 26 -2.00 3.40 -7.78
C TYR A 26 -1.60 4.88 -7.90
N LEU A 27 -0.53 5.30 -7.21
CA LEU A 27 -0.05 6.67 -7.29
C LEU A 27 0.58 6.94 -8.67
N SER A 28 0.58 8.20 -9.09
CA SER A 28 1.24 8.64 -10.31
C SER A 28 2.75 8.66 -10.11
N ALA A 29 3.49 8.85 -11.22
CA ALA A 29 4.94 8.84 -11.25
C ALA A 29 5.60 9.72 -10.17
N PRO A 30 5.26 11.01 -10.00
CA PRO A 30 5.93 11.85 -9.02
C PRO A 30 5.51 11.46 -7.60
N GLU A 31 4.22 11.18 -7.41
CA GLU A 31 3.63 10.87 -6.12
C GLU A 31 4.24 9.62 -5.47
N ARG A 32 4.57 8.58 -6.25
CA ARG A 32 5.20 7.40 -5.67
C ARG A 32 6.63 7.67 -5.16
N GLU A 33 7.38 8.56 -5.84
CA GLU A 33 8.67 9.02 -5.35
C GLU A 33 8.47 9.87 -4.08
N HIS A 34 7.44 10.72 -4.07
CA HIS A 34 7.09 11.52 -2.92
C HIS A 34 6.86 10.63 -1.69
N LEU A 35 6.02 9.59 -1.81
CA LEU A 35 5.91 8.54 -0.80
C LEU A 35 7.26 8.00 -0.39
N ALA A 36 8.06 7.56 -1.37
CA ALA A 36 9.25 6.80 -1.08
C ALA A 36 10.22 7.57 -0.19
N SER A 37 10.34 8.89 -0.43
CA SER A 37 11.08 9.80 0.42
C SER A 37 10.34 10.02 1.75
N MET A 38 9.08 10.45 1.68
CA MET A 38 8.29 10.94 2.80
C MET A 38 8.02 9.84 3.83
N ILE A 39 7.29 8.79 3.44
CA ILE A 39 6.75 7.82 4.37
C ILE A 39 7.89 6.89 4.82
N HIS A 40 8.64 6.41 3.82
CA HIS A 40 9.90 5.69 3.79
C HIS A 40 9.77 4.28 3.24
N LEU A 41 9.83 4.22 1.91
CA LEU A 41 9.57 3.12 0.99
C LEU A 41 10.56 3.17 -0.19
N THR A 42 10.38 2.27 -1.16
CA THR A 42 10.89 2.38 -2.51
C THR A 42 9.67 2.38 -3.44
N PRO A 43 9.71 3.02 -4.61
CA PRO A 43 8.56 3.13 -5.51
C PRO A 43 8.05 1.78 -6.01
N THR A 44 8.91 0.75 -5.97
CA THR A 44 8.55 -0.63 -6.27
C THR A 44 7.76 -1.23 -5.10
N GLN A 45 8.26 -1.06 -3.87
CA GLN A 45 7.57 -1.53 -2.67
C GLN A 45 6.20 -0.85 -2.53
N VAL A 46 6.10 0.43 -2.89
CA VAL A 46 4.82 1.14 -3.06
C VAL A 46 3.91 0.33 -4.00
N LYS A 47 4.26 0.20 -5.28
CA LYS A 47 3.51 -0.56 -6.27
C LYS A 47 3.05 -1.91 -5.73
N ILE A 48 3.92 -2.68 -5.07
CA ILE A 48 3.60 -3.98 -4.49
C ILE A 48 2.45 -3.85 -3.48
N TRP A 49 2.56 -2.95 -2.50
CA TRP A 49 1.50 -2.69 -1.51
C TRP A 49 0.18 -2.40 -2.21
N PHE A 50 0.23 -1.51 -3.21
CA PHE A 50 -0.92 -1.05 -3.97
C PHE A 50 -1.56 -2.17 -4.79
N GLN A 51 -0.74 -3.04 -5.40
CA GLN A 51 -1.16 -4.23 -6.09
C GLN A 51 -1.92 -5.17 -5.15
N ASN A 52 -1.35 -5.41 -3.96
CA ASN A 52 -1.89 -6.31 -2.97
C ASN A 52 -3.25 -5.81 -2.46
N HIS A 53 -3.40 -4.49 -2.26
CA HIS A 53 -4.65 -3.92 -1.78
C HIS A 53 -5.71 -3.90 -2.89
N ARG A 54 -5.32 -3.56 -4.13
CA ARG A 54 -6.19 -3.64 -5.30
C ARG A 54 -6.69 -5.08 -5.48
N TYR A 55 -5.79 -6.06 -5.36
CA TYR A 55 -6.10 -7.48 -5.41
C TYR A 55 -7.14 -7.86 -4.35
N LYS A 56 -6.88 -7.49 -3.09
CA LYS A 56 -7.75 -7.74 -1.96
C LYS A 56 -9.18 -7.31 -2.25
N MET A 57 -9.36 -6.10 -2.81
CA MET A 57 -10.64 -5.54 -3.14
C MET A 57 -11.41 -6.42 -4.13
N LYS A 58 -10.75 -6.89 -5.19
CA LYS A 58 -11.38 -7.77 -6.17
C LYS A 58 -11.76 -9.11 -5.53
N ARG A 59 -10.87 -9.67 -4.71
CA ARG A 59 -11.08 -10.98 -4.09
C ARG A 59 -12.28 -10.98 -3.14
N GLN A 60 -12.27 -10.14 -2.10
CA GLN A 60 -13.33 -10.13 -1.10
C GLN A 60 -13.40 -8.79 -0.35
N ALA A 61 -13.32 -7.67 -1.09
CA ALA A 61 -13.42 -6.32 -0.54
C ALA A 61 -12.36 -6.10 0.54
N LYS A 62 -12.78 -6.10 1.81
CA LYS A 62 -11.89 -6.19 2.97
C LYS A 62 -11.49 -7.66 3.14
N ASP A 63 -11.75 -8.25 4.31
CA ASP A 63 -11.60 -9.68 4.58
C ASP A 63 -12.98 -10.27 4.83
N LYS A 64 -13.92 -10.07 3.88
CA LYS A 64 -15.28 -10.56 3.99
C LYS A 64 -15.93 -10.60 2.60
N ALA A 65 -16.23 -11.82 2.12
CA ALA A 65 -16.94 -12.06 0.87
C ALA A 65 -18.44 -11.92 1.08
N ALA A 66 -19.24 -12.39 0.11
CA ALA A 66 -20.69 -12.40 0.18
C ALA A 66 -21.20 -13.26 1.34
N GLN A 67 -22.44 -13.02 1.76
CA GLN A 67 -23.10 -13.75 2.83
C GLN A 67 -24.60 -13.77 2.54
N GLN A 68 -24.97 -14.23 1.34
CA GLN A 68 -26.33 -14.30 0.84
C GLN A 68 -26.53 -15.66 0.18
N MET A 1 12.21 -17.44 3.07
CA MET A 1 13.41 -16.69 2.64
C MET A 1 13.13 -15.20 2.49
N ARG A 2 12.22 -14.86 1.56
CA ARG A 2 11.87 -13.49 1.16
C ARG A 2 13.04 -12.78 0.47
N ARG A 3 12.74 -11.61 -0.11
CA ARG A 3 13.70 -10.74 -0.77
C ARG A 3 13.34 -9.29 -0.44
N LYS A 4 13.98 -8.33 -1.14
CA LYS A 4 13.67 -6.90 -1.16
C LYS A 4 13.68 -6.19 0.21
N ARG A 5 14.07 -6.86 1.30
CA ARG A 5 14.10 -6.34 2.65
C ARG A 5 12.71 -5.89 3.13
N ARG A 6 12.67 -5.16 4.26
CA ARG A 6 11.48 -4.61 4.88
C ARG A 6 10.52 -5.73 5.30
N VAL A 7 10.77 -6.29 6.50
CA VAL A 7 9.99 -7.37 7.09
C VAL A 7 8.51 -7.00 7.13
N LEU A 8 8.16 -5.96 7.90
CA LEU A 8 6.85 -5.33 7.92
C LEU A 8 7.02 -3.81 7.93
N PHE A 9 5.89 -3.11 7.76
CA PHE A 9 5.81 -1.65 7.83
C PHE A 9 5.02 -1.27 9.08
N SER A 10 5.27 -0.05 9.60
CA SER A 10 4.72 0.39 10.88
C SER A 10 3.29 0.90 10.71
N GLN A 11 2.63 1.20 11.84
CA GLN A 11 1.26 1.69 11.87
C GLN A 11 1.14 2.97 11.05
N ALA A 12 2.04 3.93 11.26
CA ALA A 12 2.07 5.18 10.53
C ALA A 12 2.23 4.93 9.02
N GLN A 13 3.23 4.14 8.63
CA GLN A 13 3.54 3.84 7.24
C GLN A 13 2.31 3.28 6.52
N VAL A 14 1.70 2.22 7.04
CA VAL A 14 0.53 1.59 6.45
C VAL A 14 -0.68 2.52 6.53
N TYR A 15 -0.81 3.30 7.60
CA TYR A 15 -1.90 4.27 7.72
C TYR A 15 -1.85 5.25 6.54
N GLU A 16 -0.69 5.84 6.25
CA GLU A 16 -0.49 6.73 5.09
C GLU A 16 -0.79 6.00 3.78
N LEU A 17 -0.33 4.75 3.63
CA LEU A 17 -0.52 3.98 2.41
C LEU A 17 -2.00 3.68 2.16
N GLU A 18 -2.72 3.18 3.17
CA GLU A 18 -4.15 2.92 3.12
C GLU A 18 -4.95 4.20 2.91
N ARG A 19 -4.61 5.27 3.62
CA ARG A 19 -5.17 6.60 3.44
C ARG A 19 -5.12 7.00 1.96
N ARG A 20 -3.95 6.83 1.32
CA ARG A 20 -3.78 7.13 -0.10
C ARG A 20 -4.67 6.21 -0.96
N PHE A 21 -4.57 4.90 -0.73
CA PHE A 21 -5.26 3.87 -1.50
C PHE A 21 -6.77 4.06 -1.52
N LYS A 22 -7.37 4.21 -0.34
CA LYS A 22 -8.82 4.28 -0.16
C LYS A 22 -9.32 5.73 -0.35
N GLN A 23 -8.67 6.50 -1.24
CA GLN A 23 -9.04 7.85 -1.60
C GLN A 23 -8.71 8.07 -3.08
N GLN A 24 -7.43 7.93 -3.43
CA GLN A 24 -6.86 8.26 -4.71
C GLN A 24 -6.50 6.97 -5.45
N LYS A 25 -6.56 7.01 -6.78
CA LYS A 25 -6.44 5.86 -7.67
C LYS A 25 -4.98 5.53 -7.95
N TYR A 26 -4.15 5.49 -6.89
CA TYR A 26 -2.76 5.07 -6.88
C TYR A 26 -1.84 6.17 -7.42
N LEU A 27 -0.66 6.34 -6.81
CA LEU A 27 0.21 7.48 -7.07
C LEU A 27 0.68 7.49 -8.52
N SER A 28 0.85 8.70 -9.09
CA SER A 28 1.27 8.91 -10.46
C SER A 28 2.79 8.70 -10.58
N ALA A 29 3.30 8.67 -11.82
CA ALA A 29 4.69 8.39 -12.13
C ALA A 29 5.73 9.20 -11.34
N PRO A 30 5.57 10.52 -11.12
CA PRO A 30 6.49 11.27 -10.27
C PRO A 30 6.15 11.05 -8.79
N GLU A 31 4.86 11.12 -8.44
CA GLU A 31 4.40 11.18 -7.06
C GLU A 31 4.65 9.87 -6.30
N ARG A 32 4.66 8.72 -6.98
CA ARG A 32 5.06 7.46 -6.37
C ARG A 32 6.48 7.52 -5.81
N GLU A 33 7.38 8.24 -6.50
CA GLU A 33 8.75 8.44 -6.08
C GLU A 33 8.80 9.39 -4.88
N HIS A 34 8.02 10.47 -4.95
CA HIS A 34 7.89 11.43 -3.86
C HIS A 34 7.43 10.71 -2.58
N LEU A 35 6.36 9.91 -2.65
CA LEU A 35 5.88 9.12 -1.54
C LEU A 35 6.99 8.18 -1.07
N ALA A 36 7.60 7.38 -1.97
CA ALA A 36 8.62 6.40 -1.60
C ALA A 36 9.70 7.04 -0.73
N SER A 37 10.23 8.18 -1.15
CA SER A 37 11.20 8.97 -0.38
C SER A 37 10.60 9.45 0.95
N MET A 38 9.45 10.12 0.88
CA MET A 38 8.81 10.80 2.00
C MET A 38 8.47 9.85 3.14
N ILE A 39 7.69 8.80 2.87
CA ILE A 39 7.28 7.84 3.89
C ILE A 39 8.48 7.01 4.34
N HIS A 40 9.21 6.51 3.34
CA HIS A 40 10.47 5.76 3.37
C HIS A 40 10.26 4.26 3.13
N LEU A 41 10.08 3.99 1.84
CA LEU A 41 10.02 2.73 1.11
C LEU A 41 10.84 2.92 -0.17
N THR A 42 10.89 1.89 -1.01
CA THR A 42 11.35 1.98 -2.39
C THR A 42 10.10 2.02 -3.27
N PRO A 43 10.15 2.61 -4.48
CA PRO A 43 9.00 2.62 -5.37
C PRO A 43 8.52 1.21 -5.73
N THR A 44 9.42 0.22 -5.63
CA THR A 44 9.11 -1.19 -5.81
C THR A 44 8.27 -1.70 -4.63
N GLN A 45 8.71 -1.49 -3.39
CA GLN A 45 7.98 -1.84 -2.18
C GLN A 45 6.59 -1.20 -2.20
N VAL A 46 6.54 0.11 -2.48
CA VAL A 46 5.29 0.84 -2.69
C VAL A 46 4.39 0.10 -3.67
N LYS A 47 4.82 -0.09 -4.92
CA LYS A 47 4.02 -0.70 -5.97
C LYS A 47 3.50 -2.09 -5.56
N ILE A 48 4.33 -2.91 -4.92
CA ILE A 48 3.93 -4.24 -4.47
C ILE A 48 2.86 -4.13 -3.39
N TRP A 49 3.02 -3.21 -2.42
CA TRP A 49 1.99 -2.95 -1.41
C TRP A 49 0.67 -2.54 -2.08
N PHE A 50 0.76 -1.65 -3.08
CA PHE A 50 -0.38 -1.15 -3.85
C PHE A 50 -1.07 -2.26 -4.64
N GLN A 51 -0.31 -3.19 -5.22
CA GLN A 51 -0.80 -4.33 -5.95
C GLN A 51 -1.53 -5.29 -5.00
N ASN A 52 -0.93 -5.54 -3.84
CA ASN A 52 -1.49 -6.41 -2.82
C ASN A 52 -2.83 -5.88 -2.31
N HIS A 53 -2.94 -4.56 -2.06
CA HIS A 53 -4.21 -3.96 -1.67
C HIS A 53 -5.22 -3.99 -2.83
N ARG A 54 -4.76 -3.72 -4.07
CA ARG A 54 -5.59 -3.84 -5.27
C ARG A 54 -6.18 -5.24 -5.42
N TYR A 55 -5.38 -6.27 -5.14
CA TYR A 55 -5.83 -7.65 -5.15
C TYR A 55 -6.90 -7.87 -4.09
N LYS A 56 -6.65 -7.38 -2.87
CA LYS A 56 -7.52 -7.57 -1.73
C LYS A 56 -8.91 -6.99 -1.95
N MET A 57 -9.00 -5.73 -2.40
CA MET A 57 -10.27 -5.04 -2.60
C MET A 57 -11.14 -5.74 -3.66
N LYS A 58 -10.51 -6.46 -4.59
CA LYS A 58 -11.18 -7.24 -5.62
C LYS A 58 -11.62 -8.59 -5.05
N ARG A 59 -10.67 -9.34 -4.48
CA ARG A 59 -10.85 -10.74 -4.13
C ARG A 59 -11.70 -10.92 -2.86
N GLN A 60 -11.64 -9.96 -1.94
CA GLN A 60 -12.17 -10.03 -0.58
C GLN A 60 -11.29 -10.94 0.28
N ALA A 61 -11.49 -10.95 1.60
CA ALA A 61 -10.76 -11.85 2.48
C ALA A 61 -11.35 -13.26 2.33
N LYS A 62 -12.56 -13.45 2.84
CA LYS A 62 -13.38 -14.63 2.58
C LYS A 62 -14.85 -14.26 2.83
N ASP A 63 -15.24 -13.10 2.30
CA ASP A 63 -16.50 -12.44 2.61
C ASP A 63 -17.57 -12.94 1.64
N LYS A 64 -17.87 -14.25 1.73
CA LYS A 64 -18.73 -14.98 0.81
C LYS A 64 -18.06 -15.19 -0.56
N ALA A 65 -16.83 -14.69 -0.77
CA ALA A 65 -16.03 -14.92 -1.96
C ALA A 65 -15.29 -16.26 -1.83
N ALA A 66 -16.05 -17.33 -1.60
CA ALA A 66 -15.59 -18.69 -1.37
C ALA A 66 -16.82 -19.61 -1.31
N GLN A 67 -16.59 -20.92 -1.18
CA GLN A 67 -17.64 -21.90 -0.96
C GLN A 67 -18.07 -21.85 0.51
N GLN A 68 -18.72 -20.75 0.91
CA GLN A 68 -19.30 -20.56 2.23
C GLN A 68 -20.38 -19.48 2.11
N MET A 1 10.44 -11.47 15.36
CA MET A 1 9.18 -11.97 15.96
C MET A 1 8.54 -13.03 15.07
N ARG A 2 7.86 -12.60 13.99
CA ARG A 2 7.14 -13.45 13.06
C ARG A 2 6.01 -14.25 13.73
N ARG A 3 5.25 -15.00 12.92
CA ARG A 3 3.99 -15.60 13.33
C ARG A 3 2.97 -14.51 13.69
N LYS A 4 1.85 -14.88 14.32
CA LYS A 4 0.75 -13.98 14.68
C LYS A 4 0.32 -13.15 13.46
N ARG A 5 0.74 -11.88 13.38
CA ARG A 5 0.53 -11.04 12.20
C ARG A 5 1.62 -9.97 12.12
N ARG A 6 2.90 -10.38 12.19
CA ARG A 6 4.03 -9.51 11.90
C ARG A 6 4.42 -9.72 10.44
N VAL A 7 3.52 -9.32 9.52
CA VAL A 7 3.61 -9.61 8.11
C VAL A 7 4.67 -8.71 7.44
N LEU A 8 4.38 -7.42 7.30
CA LEU A 8 5.22 -6.44 6.63
C LEU A 8 4.65 -5.05 6.96
N PHE A 9 5.48 -4.00 6.88
CA PHE A 9 5.17 -2.60 7.13
C PHE A 9 4.75 -2.32 8.58
N SER A 10 4.73 -1.04 8.95
CA SER A 10 4.29 -0.56 10.26
C SER A 10 2.99 0.23 10.12
N GLN A 11 2.32 0.50 11.25
CA GLN A 11 1.04 1.18 11.30
C GLN A 11 1.14 2.56 10.66
N ALA A 12 2.18 3.34 11.03
CA ALA A 12 2.43 4.66 10.48
C ALA A 12 2.58 4.63 8.96
N GLN A 13 3.31 3.65 8.43
CA GLN A 13 3.58 3.51 7.01
C GLN A 13 2.27 3.17 6.27
N VAL A 14 1.59 2.10 6.68
CA VAL A 14 0.35 1.62 6.08
C VAL A 14 -0.75 2.68 6.16
N TYR A 15 -0.80 3.45 7.25
CA TYR A 15 -1.76 4.54 7.38
C TYR A 15 -1.74 5.46 6.15
N GLU A 16 -0.55 5.90 5.72
CA GLU A 16 -0.37 6.73 4.54
C GLU A 16 -0.87 6.01 3.28
N LEU A 17 -0.47 4.76 3.10
CA LEU A 17 -0.75 3.94 1.93
C LEU A 17 -2.25 3.72 1.77
N GLU A 18 -2.93 3.30 2.85
CA GLU A 18 -4.36 3.16 2.94
C GLU A 18 -5.09 4.46 2.61
N ARG A 19 -4.67 5.59 3.21
CA ARG A 19 -5.31 6.88 2.98
C ARG A 19 -5.46 7.16 1.48
N ARG A 20 -4.40 6.89 0.70
CA ARG A 20 -4.41 7.02 -0.75
C ARG A 20 -5.36 5.99 -1.37
N PHE A 21 -5.19 4.71 -1.02
CA PHE A 21 -5.89 3.59 -1.65
C PHE A 21 -7.40 3.64 -1.48
N LYS A 22 -7.90 4.14 -0.34
CA LYS A 22 -9.33 4.31 -0.12
C LYS A 22 -9.88 5.60 -0.75
N GLN A 23 -9.13 6.21 -1.68
CA GLN A 23 -9.53 7.44 -2.36
C GLN A 23 -9.24 7.38 -3.86
N GLN A 24 -7.97 7.54 -4.27
CA GLN A 24 -7.68 8.10 -5.60
C GLN A 24 -6.21 7.98 -6.00
N LYS A 25 -5.97 7.89 -7.32
CA LYS A 25 -4.71 7.87 -8.06
C LYS A 25 -3.90 6.57 -7.84
N TYR A 26 -3.80 6.14 -6.59
CA TYR A 26 -3.02 4.99 -6.15
C TYR A 26 -1.56 5.19 -6.54
N LEU A 27 -1.03 6.30 -6.00
CA LEU A 27 0.18 7.03 -6.35
C LEU A 27 0.69 6.78 -7.78
N SER A 28 0.52 7.79 -8.64
CA SER A 28 1.02 7.81 -10.01
C SER A 28 2.56 7.84 -10.01
N ALA A 29 3.16 7.87 -11.21
CA ALA A 29 4.61 7.81 -11.39
C ALA A 29 5.42 8.76 -10.49
N PRO A 30 5.15 10.07 -10.45
CA PRO A 30 5.91 10.99 -9.61
C PRO A 30 5.55 10.80 -8.13
N GLU A 31 4.25 10.65 -7.86
CA GLU A 31 3.68 10.52 -6.53
C GLU A 31 4.30 9.35 -5.75
N ARG A 32 4.45 8.17 -6.38
CA ARG A 32 4.92 6.98 -5.68
C ARG A 32 6.39 7.14 -5.26
N GLU A 33 7.20 7.81 -6.09
CA GLU A 33 8.59 8.10 -5.82
C GLU A 33 8.70 9.15 -4.71
N HIS A 34 7.87 10.21 -4.79
CA HIS A 34 7.79 11.23 -3.77
C HIS A 34 7.47 10.62 -2.40
N LEU A 35 6.43 9.78 -2.34
CA LEU A 35 6.04 9.07 -1.14
C LEU A 35 7.18 8.15 -0.67
N ALA A 36 7.78 7.37 -1.58
CA ALA A 36 8.83 6.43 -1.22
C ALA A 36 10.03 7.13 -0.60
N SER A 37 10.30 8.38 -0.99
CA SER A 37 11.29 9.22 -0.34
C SER A 37 10.77 9.71 1.02
N MET A 38 9.54 10.27 1.03
CA MET A 38 8.96 10.96 2.17
C MET A 38 8.70 10.03 3.35
N ILE A 39 7.83 9.03 3.19
CA ILE A 39 7.43 8.13 4.26
C ILE A 39 8.59 7.21 4.62
N HIS A 40 9.21 6.67 3.56
CA HIS A 40 10.44 5.90 3.45
C HIS A 40 10.15 4.44 3.12
N LEU A 41 10.30 4.13 1.84
CA LEU A 41 10.13 2.82 1.18
C LEU A 41 10.93 2.90 -0.13
N THR A 42 10.64 2.01 -1.10
CA THR A 42 11.07 2.14 -2.48
C THR A 42 9.81 2.23 -3.34
N PRO A 43 9.84 2.88 -4.51
CA PRO A 43 8.69 2.99 -5.39
C PRO A 43 8.16 1.62 -5.82
N THR A 44 9.04 0.62 -5.88
CA THR A 44 8.70 -0.77 -6.15
C THR A 44 7.92 -1.36 -4.98
N GLN A 45 8.43 -1.22 -3.75
CA GLN A 45 7.79 -1.73 -2.55
C GLN A 45 6.41 -1.11 -2.36
N VAL A 46 6.28 0.20 -2.60
CA VAL A 46 5.00 0.88 -2.67
C VAL A 46 4.07 0.15 -3.65
N LYS A 47 4.48 0.01 -4.92
CA LYS A 47 3.68 -0.65 -5.94
C LYS A 47 3.28 -2.07 -5.53
N ILE A 48 4.14 -2.82 -4.84
CA ILE A 48 3.84 -4.15 -4.34
C ILE A 48 2.72 -4.11 -3.31
N TRP A 49 2.81 -3.22 -2.30
CA TRP A 49 1.73 -3.02 -1.33
C TRP A 49 0.41 -2.76 -2.04
N PHE A 50 0.44 -1.88 -3.04
CA PHE A 50 -0.71 -1.56 -3.87
C PHE A 50 -1.26 -2.81 -4.55
N GLN A 51 -0.46 -3.50 -5.37
CA GLN A 51 -0.79 -4.74 -6.03
C GLN A 51 -1.52 -5.72 -5.10
N ASN A 52 -0.95 -5.94 -3.91
CA ASN A 52 -1.50 -6.82 -2.90
C ASN A 52 -2.87 -6.34 -2.42
N HIS A 53 -3.07 -5.03 -2.30
CA HIS A 53 -4.32 -4.44 -1.86
C HIS A 53 -5.41 -4.53 -2.94
N ARG A 54 -5.08 -4.32 -4.21
CA ARG A 54 -6.01 -4.58 -5.31
C ARG A 54 -6.42 -6.06 -5.29
N TYR A 55 -5.43 -6.96 -5.22
CA TYR A 55 -5.66 -8.40 -5.23
C TYR A 55 -6.60 -8.82 -4.11
N LYS A 56 -6.29 -8.38 -2.88
CA LYS A 56 -7.04 -8.67 -1.67
C LYS A 56 -8.51 -8.33 -1.85
N MET A 57 -8.78 -7.13 -2.37
CA MET A 57 -10.12 -6.62 -2.57
C MET A 57 -10.88 -7.43 -3.62
N LYS A 58 -10.28 -7.66 -4.79
CA LYS A 58 -10.97 -8.34 -5.90
C LYS A 58 -11.13 -9.85 -5.64
N ARG A 59 -10.25 -10.45 -4.84
CA ARG A 59 -10.33 -11.88 -4.50
C ARG A 59 -11.59 -12.11 -3.66
N GLN A 60 -11.58 -11.69 -2.39
CA GLN A 60 -12.68 -11.87 -1.44
C GLN A 60 -12.36 -11.20 -0.10
N ALA A 61 -11.15 -11.43 0.42
CA ALA A 61 -10.81 -11.18 1.81
C ALA A 61 -11.14 -9.76 2.27
N LYS A 62 -11.87 -9.66 3.38
CA LYS A 62 -12.33 -8.40 3.95
C LYS A 62 -11.16 -7.55 4.43
N ASP A 63 -10.25 -8.15 5.22
CA ASP A 63 -9.14 -7.47 5.87
C ASP A 63 -7.83 -8.22 5.63
N LYS A 64 -7.68 -8.83 4.44
CA LYS A 64 -6.59 -9.74 4.05
C LYS A 64 -6.73 -11.07 4.79
N ALA A 65 -6.73 -11.03 6.11
CA ALA A 65 -7.32 -12.06 6.97
C ALA A 65 -8.83 -11.84 7.01
N ALA A 66 -9.54 -12.60 7.86
CA ALA A 66 -10.96 -12.39 8.09
C ALA A 66 -11.15 -11.06 8.83
N GLN A 67 -10.49 -10.91 9.99
CA GLN A 67 -10.42 -9.66 10.75
C GLN A 67 -9.04 -9.58 11.39
N GLN A 68 -8.82 -10.47 12.35
CA GLN A 68 -7.62 -10.67 13.15
C GLN A 68 -6.34 -10.65 12.32
N MET A 1 11.91 -2.49 18.34
CA MET A 1 12.52 -2.26 19.65
C MET A 1 11.85 -1.09 20.36
N ARG A 2 11.34 -1.29 21.58
CA ARG A 2 10.73 -0.27 22.44
C ARG A 2 9.65 0.51 21.68
N ARG A 3 8.73 -0.22 21.03
CA ARG A 3 7.61 0.34 20.25
C ARG A 3 8.08 1.25 19.11
N LYS A 4 9.33 1.11 18.65
CA LYS A 4 9.94 1.90 17.59
C LYS A 4 10.86 1.00 16.76
N ARG A 5 11.66 1.58 15.86
CA ARG A 5 12.65 0.90 15.04
C ARG A 5 11.98 -0.09 14.07
N ARG A 6 11.31 0.47 13.05
CA ARG A 6 10.64 -0.28 11.99
C ARG A 6 10.81 0.52 10.69
N VAL A 7 11.89 0.24 9.95
CA VAL A 7 12.27 0.97 8.74
C VAL A 7 11.33 0.62 7.59
N LEU A 8 11.38 -0.64 7.14
CA LEU A 8 10.57 -1.13 6.03
C LEU A 8 9.20 -1.53 6.59
N PHE A 9 8.19 -0.71 6.29
CA PHE A 9 6.85 -0.70 6.86
C PHE A 9 6.84 -0.39 8.36
N SER A 10 5.74 0.22 8.80
CA SER A 10 5.42 0.57 10.18
C SER A 10 3.98 1.06 10.20
N GLN A 11 3.47 1.39 11.39
CA GLN A 11 2.13 1.90 11.61
C GLN A 11 1.91 3.16 10.77
N ALA A 12 2.84 4.11 10.84
CA ALA A 12 2.78 5.38 10.11
C ALA A 12 2.81 5.15 8.60
N GLN A 13 3.73 4.29 8.13
CA GLN A 13 3.93 4.04 6.71
C GLN A 13 2.68 3.43 6.09
N VAL A 14 2.19 2.33 6.68
CA VAL A 14 0.96 1.65 6.27
C VAL A 14 -0.21 2.63 6.35
N TYR A 15 -0.34 3.40 7.45
CA TYR A 15 -1.37 4.43 7.55
C TYR A 15 -1.37 5.34 6.32
N GLU A 16 -0.22 5.89 5.94
CA GLU A 16 -0.08 6.73 4.76
C GLU A 16 -0.48 5.96 3.49
N LEU A 17 -0.09 4.69 3.39
CA LEU A 17 -0.39 3.84 2.25
C LEU A 17 -1.90 3.60 2.08
N GLU A 18 -2.59 3.04 3.09
CA GLU A 18 -4.05 2.98 3.07
C GLU A 18 -4.71 4.35 2.82
N ARG A 19 -4.25 5.41 3.49
CA ARG A 19 -4.79 6.76 3.35
C ARG A 19 -4.79 7.18 1.88
N ARG A 20 -3.67 6.98 1.16
CA ARG A 20 -3.58 7.22 -0.27
C ARG A 20 -4.58 6.31 -0.99
N PHE A 21 -4.44 4.99 -0.80
CA PHE A 21 -5.18 3.97 -1.51
C PHE A 21 -6.70 4.17 -1.48
N LYS A 22 -7.25 4.61 -0.35
CA LYS A 22 -8.68 4.83 -0.19
C LYS A 22 -9.17 5.86 -1.21
N GLN A 23 -8.40 6.93 -1.38
CA GLN A 23 -8.68 8.01 -2.31
C GLN A 23 -8.25 7.61 -3.72
N GLN A 24 -6.93 7.59 -3.97
CA GLN A 24 -6.33 7.37 -5.27
C GLN A 24 -5.70 5.97 -5.27
N LYS A 25 -6.14 5.11 -6.20
CA LYS A 25 -5.89 3.67 -6.14
C LYS A 25 -4.46 3.27 -6.57
N TYR A 26 -3.54 4.25 -6.70
CA TYR A 26 -2.12 4.07 -6.94
C TYR A 26 -1.40 5.34 -6.49
N LEU A 27 -0.12 5.24 -6.12
CA LEU A 27 0.77 6.38 -6.16
C LEU A 27 1.22 6.54 -7.62
N SER A 28 0.97 7.73 -8.17
CA SER A 28 1.28 8.07 -9.55
C SER A 28 2.77 8.42 -9.67
N ALA A 29 3.25 8.61 -10.91
CA ALA A 29 4.65 8.87 -11.20
C ALA A 29 5.29 9.98 -10.36
N PRO A 30 4.69 11.17 -10.19
CA PRO A 30 5.26 12.19 -9.33
C PRO A 30 5.06 11.82 -7.85
N GLU A 31 3.85 11.42 -7.48
CA GLU A 31 3.45 11.19 -6.10
C GLU A 31 4.30 10.12 -5.41
N ARG A 32 4.67 9.05 -6.12
CA ARG A 32 5.44 7.96 -5.51
C ARG A 32 6.78 8.43 -4.95
N GLU A 33 7.44 9.40 -5.59
CA GLU A 33 8.70 9.95 -5.12
C GLU A 33 8.47 10.74 -3.84
N HIS A 34 7.52 11.69 -3.88
CA HIS A 34 7.15 12.50 -2.73
C HIS A 34 6.83 11.62 -1.53
N LEU A 35 5.97 10.62 -1.72
CA LEU A 35 5.50 9.75 -0.67
C LEU A 35 6.65 8.88 -0.17
N ALA A 36 7.38 8.19 -1.07
CA ALA A 36 8.50 7.32 -0.72
C ALA A 36 9.51 8.02 0.19
N SER A 37 9.82 9.29 -0.10
CA SER A 37 10.70 10.10 0.72
C SER A 37 10.23 10.14 2.18
N MET A 38 8.92 10.24 2.41
CA MET A 38 8.33 10.30 3.74
C MET A 38 8.28 8.92 4.40
N ILE A 39 7.62 7.94 3.75
CA ILE A 39 7.40 6.62 4.35
C ILE A 39 8.71 5.84 4.49
N HIS A 40 9.43 5.71 3.38
CA HIS A 40 10.71 5.03 3.18
C HIS A 40 10.54 3.57 2.79
N LEU A 41 10.23 3.45 1.50
CA LEU A 41 10.05 2.30 0.65
C LEU A 41 10.81 2.57 -0.65
N THR A 42 10.81 1.59 -1.56
CA THR A 42 11.22 1.75 -2.95
C THR A 42 9.96 1.87 -3.80
N PRO A 43 10.04 2.43 -5.03
CA PRO A 43 8.92 2.41 -5.97
C PRO A 43 8.38 1.00 -6.22
N THR A 44 9.24 -0.01 -6.11
CA THR A 44 8.89 -1.41 -6.26
C THR A 44 8.05 -1.89 -5.07
N GLN A 45 8.52 -1.67 -3.84
CA GLN A 45 7.78 -2.04 -2.63
C GLN A 45 6.43 -1.32 -2.58
N VAL A 46 6.42 -0.03 -2.93
CA VAL A 46 5.19 0.73 -3.15
C VAL A 46 4.26 -0.06 -4.07
N LYS A 47 4.66 -0.30 -5.32
CA LYS A 47 3.85 -1.02 -6.30
C LYS A 47 3.34 -2.36 -5.77
N ILE A 48 4.18 -3.14 -5.08
CA ILE A 48 3.81 -4.44 -4.53
C ILE A 48 2.67 -4.28 -3.53
N TRP A 49 2.84 -3.40 -2.52
CA TRP A 49 1.81 -3.12 -1.52
C TRP A 49 0.49 -2.73 -2.18
N PHE A 50 0.56 -1.85 -3.20
CA PHE A 50 -0.58 -1.38 -3.97
C PHE A 50 -1.28 -2.54 -4.70
N GLN A 51 -0.52 -3.36 -5.44
CA GLN A 51 -0.99 -4.54 -6.11
C GLN A 51 -1.76 -5.47 -5.17
N ASN A 52 -1.19 -5.72 -3.99
CA ASN A 52 -1.77 -6.59 -2.98
C ASN A 52 -3.11 -6.06 -2.49
N HIS A 53 -3.22 -4.74 -2.27
CA HIS A 53 -4.47 -4.13 -1.82
C HIS A 53 -5.52 -4.16 -2.92
N ARG A 54 -5.15 -3.82 -4.15
CA ARG A 54 -6.03 -3.90 -5.32
C ARG A 54 -6.55 -5.33 -5.51
N TYR A 55 -5.66 -6.33 -5.34
CA TYR A 55 -6.03 -7.73 -5.38
C TYR A 55 -7.08 -8.06 -4.32
N LYS A 56 -6.84 -7.66 -3.08
CA LYS A 56 -7.70 -7.91 -1.94
C LYS A 56 -9.10 -7.37 -2.21
N MET A 57 -9.19 -6.11 -2.67
CA MET A 57 -10.44 -5.45 -2.98
C MET A 57 -11.23 -6.16 -4.08
N LYS A 58 -10.53 -6.73 -5.08
CA LYS A 58 -11.17 -7.48 -6.16
C LYS A 58 -11.67 -8.83 -5.64
N ARG A 59 -10.77 -9.57 -4.97
CA ARG A 59 -11.00 -10.88 -4.36
C ARG A 59 -12.24 -10.85 -3.45
N GLN A 60 -12.29 -9.91 -2.50
CA GLN A 60 -13.11 -10.06 -1.31
C GLN A 60 -14.59 -10.28 -1.60
N ALA A 61 -15.21 -9.38 -2.37
CA ALA A 61 -16.64 -9.30 -2.61
C ALA A 61 -17.39 -9.02 -1.29
N LYS A 62 -17.48 -10.00 -0.40
CA LYS A 62 -18.02 -9.87 0.94
C LYS A 62 -17.28 -10.80 1.92
N ASP A 63 -15.97 -10.60 2.09
CA ASP A 63 -15.23 -11.24 3.18
C ASP A 63 -15.74 -10.65 4.51
N LYS A 64 -15.94 -11.51 5.52
CA LYS A 64 -16.57 -11.17 6.79
C LYS A 64 -17.96 -10.58 6.54
N ALA A 65 -18.85 -11.40 5.95
CA ALA A 65 -20.17 -10.98 5.51
C ALA A 65 -21.02 -10.54 6.70
N ALA A 66 -21.18 -11.44 7.69
CA ALA A 66 -21.71 -11.07 9.00
C ALA A 66 -20.67 -10.18 9.70
N GLN A 67 -21.09 -9.01 10.19
CA GLN A 67 -20.21 -8.01 10.80
C GLN A 67 -19.36 -8.63 11.91
N GLN A 68 -20.04 -9.27 12.86
CA GLN A 68 -19.42 -10.05 13.92
C GLN A 68 -18.95 -11.38 13.33
N MET A 1 21.85 2.51 6.97
CA MET A 1 22.01 1.06 6.79
C MET A 1 20.73 0.42 6.25
N ARG A 2 20.82 -0.75 5.61
CA ARG A 2 19.69 -1.45 5.01
C ARG A 2 18.98 -2.29 6.08
N ARG A 3 18.50 -1.62 7.13
CA ARG A 3 17.78 -2.22 8.25
C ARG A 3 17.18 -1.12 9.12
N LYS A 4 16.16 -0.44 8.59
CA LYS A 4 15.47 0.66 9.27
C LYS A 4 14.78 0.17 10.56
N ARG A 5 14.42 1.11 11.43
CA ARG A 5 13.52 0.84 12.55
C ARG A 5 12.18 0.41 11.96
N ARG A 6 11.72 -0.80 12.29
CA ARG A 6 10.55 -1.45 11.71
C ARG A 6 10.73 -1.64 10.20
N VAL A 7 11.56 -2.63 9.84
CA VAL A 7 11.69 -3.15 8.48
C VAL A 7 10.31 -3.61 8.01
N LEU A 8 9.73 -4.59 8.73
CA LEU A 8 8.33 -4.96 8.62
C LEU A 8 7.49 -3.71 8.90
N PHE A 9 6.77 -3.25 7.88
CA PHE A 9 6.17 -1.91 7.82
C PHE A 9 5.34 -1.59 9.06
N SER A 10 5.51 -0.38 9.58
CA SER A 10 4.93 0.01 10.86
C SER A 10 3.52 0.55 10.68
N GLN A 11 2.85 0.80 11.80
CA GLN A 11 1.56 1.44 11.90
C GLN A 11 1.58 2.77 11.12
N ALA A 12 2.66 3.54 11.23
CA ALA A 12 2.85 4.78 10.50
C ALA A 12 2.95 4.55 8.99
N GLN A 13 3.83 3.63 8.56
CA GLN A 13 4.04 3.31 7.15
C GLN A 13 2.70 2.99 6.48
N VAL A 14 2.00 1.99 7.03
CA VAL A 14 0.73 1.45 6.58
C VAL A 14 -0.35 2.53 6.64
N TYR A 15 -0.43 3.28 7.75
CA TYR A 15 -1.34 4.42 7.87
C TYR A 15 -1.26 5.32 6.63
N GLU A 16 -0.05 5.77 6.26
CA GLU A 16 0.13 6.61 5.07
C GLU A 16 -0.31 5.90 3.79
N LEU A 17 -0.08 4.59 3.70
CA LEU A 17 -0.44 3.78 2.54
C LEU A 17 -1.96 3.65 2.39
N GLU A 18 -2.69 3.09 3.37
CA GLU A 18 -4.15 3.10 3.34
C GLU A 18 -4.74 4.50 3.13
N ARG A 19 -4.21 5.52 3.82
CA ARG A 19 -4.66 6.90 3.69
C ARG A 19 -4.69 7.33 2.21
N ARG A 20 -3.62 7.02 1.47
CA ARG A 20 -3.54 7.30 0.04
C ARG A 20 -4.56 6.44 -0.73
N PHE A 21 -4.55 5.12 -0.48
CA PHE A 21 -5.33 4.11 -1.19
C PHE A 21 -6.80 4.45 -1.32
N LYS A 22 -7.45 4.87 -0.22
CA LYS A 22 -8.87 5.19 -0.23
C LYS A 22 -9.25 6.30 -1.22
N GLN A 23 -8.31 7.19 -1.52
CA GLN A 23 -8.49 8.31 -2.43
C GLN A 23 -7.97 7.93 -3.81
N GLN A 24 -6.66 7.75 -3.93
CA GLN A 24 -5.95 7.46 -5.17
C GLN A 24 -5.55 5.99 -5.16
N LYS A 25 -6.08 5.21 -6.11
CA LYS A 25 -5.95 3.76 -6.17
C LYS A 25 -4.65 3.28 -6.82
N TYR A 26 -3.81 4.21 -7.29
CA TYR A 26 -2.45 3.99 -7.76
C TYR A 26 -1.77 5.36 -7.87
N LEU A 27 -0.59 5.53 -7.25
CA LEU A 27 0.20 6.74 -7.40
C LEU A 27 0.87 6.76 -8.77
N SER A 28 0.93 7.93 -9.41
CA SER A 28 1.56 8.14 -10.69
C SER A 28 3.08 8.21 -10.53
N ALA A 29 3.81 8.39 -11.63
CA ALA A 29 5.28 8.44 -11.65
C ALA A 29 5.90 9.40 -10.62
N PRO A 30 5.48 10.67 -10.50
CA PRO A 30 6.02 11.56 -9.48
C PRO A 30 5.50 11.18 -8.10
N GLU A 31 4.20 10.91 -7.98
CA GLU A 31 3.55 10.70 -6.69
C GLU A 31 4.05 9.45 -5.97
N ARG A 32 4.39 8.37 -6.69
CA ARG A 32 4.88 7.15 -6.07
C ARG A 32 6.23 7.39 -5.39
N GLU A 33 7.10 8.20 -6.02
CA GLU A 33 8.35 8.66 -5.44
C GLU A 33 8.06 9.52 -4.22
N HIS A 34 7.14 10.48 -4.33
CA HIS A 34 6.78 11.40 -3.25
C HIS A 34 6.36 10.63 -2.00
N LEU A 35 5.44 9.66 -2.15
CA LEU A 35 4.98 8.82 -1.08
C LEU A 35 6.14 7.97 -0.56
N ALA A 36 6.88 7.29 -1.45
CA ALA A 36 8.00 6.44 -1.07
C ALA A 36 8.99 7.17 -0.15
N SER A 37 9.29 8.44 -0.48
CA SER A 37 10.14 9.31 0.31
C SER A 37 9.45 9.66 1.63
N MET A 38 8.21 10.14 1.59
CA MET A 38 7.45 10.59 2.75
C MET A 38 7.33 9.50 3.81
N ILE A 39 6.80 8.32 3.43
CA ILE A 39 6.66 7.18 4.32
C ILE A 39 8.05 6.67 4.72
N HIS A 40 8.90 6.49 3.71
CA HIS A 40 10.28 6.01 3.72
C HIS A 40 10.32 4.51 3.52
N LEU A 41 10.30 4.12 2.24
CA LEU A 41 10.43 2.78 1.69
C LEU A 41 10.98 2.95 0.26
N THR A 42 10.33 2.39 -0.78
CA THR A 42 10.74 2.55 -2.17
C THR A 42 9.48 2.66 -3.04
N PRO A 43 9.54 3.32 -4.22
CA PRO A 43 8.42 3.39 -5.15
C PRO A 43 7.97 2.00 -5.62
N THR A 44 8.89 1.04 -5.60
CA THR A 44 8.63 -0.35 -5.92
C THR A 44 7.78 -1.00 -4.81
N GLN A 45 8.22 -0.90 -3.54
CA GLN A 45 7.48 -1.40 -2.40
C GLN A 45 6.06 -0.82 -2.41
N VAL A 46 5.96 0.51 -2.54
CA VAL A 46 4.69 1.20 -2.70
C VAL A 46 3.83 0.49 -3.75
N LYS A 47 4.28 0.41 -5.00
CA LYS A 47 3.50 -0.19 -6.08
C LYS A 47 3.07 -1.63 -5.78
N ILE A 48 3.92 -2.43 -5.14
CA ILE A 48 3.62 -3.80 -4.75
C ILE A 48 2.49 -3.82 -3.70
N TRP A 49 2.63 -3.07 -2.61
CA TRP A 49 1.62 -2.92 -1.58
C TRP A 49 0.27 -2.52 -2.20
N PHE A 50 0.32 -1.58 -3.16
CA PHE A 50 -0.84 -1.13 -3.92
C PHE A 50 -1.48 -2.28 -4.67
N GLN A 51 -0.71 -3.00 -5.50
CA GLN A 51 -1.14 -4.18 -6.23
C GLN A 51 -1.87 -5.17 -5.31
N ASN A 52 -1.27 -5.45 -4.14
CA ASN A 52 -1.78 -6.40 -3.17
C ASN A 52 -3.12 -5.93 -2.60
N HIS A 53 -3.25 -4.63 -2.28
CA HIS A 53 -4.49 -4.08 -1.73
C HIS A 53 -5.62 -4.09 -2.76
N ARG A 54 -5.33 -3.73 -4.02
CA ARG A 54 -6.27 -3.82 -5.13
C ARG A 54 -6.75 -5.27 -5.27
N TYR A 55 -5.80 -6.21 -5.32
CA TYR A 55 -6.06 -7.63 -5.48
C TYR A 55 -6.99 -8.15 -4.38
N LYS A 56 -6.66 -7.84 -3.13
CA LYS A 56 -7.39 -8.25 -1.95
C LYS A 56 -8.88 -7.93 -2.06
N MET A 57 -9.21 -6.64 -2.21
CA MET A 57 -10.60 -6.21 -2.23
C MET A 57 -11.33 -6.73 -3.47
N LYS A 58 -10.63 -6.80 -4.62
CA LYS A 58 -11.20 -7.34 -5.85
C LYS A 58 -11.58 -8.81 -5.67
N ARG A 59 -10.70 -9.60 -5.06
CA ARG A 59 -10.89 -11.03 -4.86
C ARG A 59 -11.97 -11.30 -3.81
N GLN A 60 -11.95 -10.54 -2.70
CA GLN A 60 -12.75 -10.79 -1.52
C GLN A 60 -13.15 -9.47 -0.85
N ALA A 61 -14.18 -8.82 -1.41
CA ALA A 61 -14.78 -7.62 -0.86
C ALA A 61 -15.67 -7.98 0.34
N LYS A 62 -15.03 -8.38 1.44
CA LYS A 62 -15.70 -8.81 2.67
C LYS A 62 -14.77 -8.71 3.89
N ASP A 63 -13.46 -8.87 3.68
CA ASP A 63 -12.43 -8.83 4.72
C ASP A 63 -12.36 -7.43 5.35
N LYS A 64 -13.25 -7.15 6.31
CA LYS A 64 -13.41 -5.86 6.95
C LYS A 64 -13.75 -4.80 5.89
N ALA A 65 -14.86 -5.03 5.17
CA ALA A 65 -15.28 -4.18 4.06
C ALA A 65 -15.91 -2.88 4.57
N ALA A 66 -17.05 -2.98 5.27
CA ALA A 66 -17.78 -1.83 5.78
C ALA A 66 -18.68 -2.25 6.94
N GLN A 67 -18.61 -1.49 8.05
CA GLN A 67 -19.48 -1.64 9.22
C GLN A 67 -19.34 -3.04 9.85
N GLN A 68 -18.12 -3.43 10.18
CA GLN A 68 -17.80 -4.66 10.90
C GLN A 68 -16.36 -4.59 11.44
N MET A 1 21.71 0.44 -5.20
CA MET A 1 20.77 -0.11 -4.21
C MET A 1 19.66 0.88 -3.83
N ARG A 2 19.99 2.17 -3.69
CA ARG A 2 19.09 3.26 -3.34
C ARG A 2 18.51 3.11 -1.92
N ARG A 3 17.73 4.09 -1.48
CA ARG A 3 17.23 4.15 -0.12
C ARG A 3 16.18 3.07 0.18
N LYS A 4 16.12 2.61 1.43
CA LYS A 4 15.15 1.67 1.98
C LYS A 4 15.22 0.27 1.34
N ARG A 5 14.52 -0.68 1.96
CA ARG A 5 14.49 -2.09 1.57
C ARG A 5 13.43 -2.86 2.37
N ARG A 6 13.42 -2.67 3.69
CA ARG A 6 12.62 -3.41 4.66
C ARG A 6 11.17 -3.63 4.20
N VAL A 7 10.78 -4.90 4.10
CA VAL A 7 9.44 -5.36 3.76
C VAL A 7 8.46 -4.93 4.85
N LEU A 8 8.76 -5.31 6.10
CA LEU A 8 8.02 -4.84 7.27
C LEU A 8 8.12 -3.31 7.38
N PHE A 9 7.02 -2.69 7.82
CA PHE A 9 6.82 -1.23 7.78
C PHE A 9 6.46 -0.70 9.17
N SER A 10 6.44 0.63 9.31
CA SER A 10 5.99 1.31 10.52
C SER A 10 4.48 1.57 10.44
N GLN A 11 3.89 1.95 11.57
CA GLN A 11 2.49 2.35 11.67
C GLN A 11 2.23 3.56 10.76
N ALA A 12 3.08 4.58 10.85
CA ALA A 12 3.00 5.79 10.03
C ALA A 12 3.00 5.48 8.54
N GLN A 13 3.93 4.60 8.09
CA GLN A 13 4.05 4.20 6.69
C GLN A 13 2.71 3.63 6.18
N VAL A 14 2.20 2.58 6.82
CA VAL A 14 0.96 1.92 6.41
C VAL A 14 -0.23 2.87 6.55
N TYR A 15 -0.25 3.70 7.59
CA TYR A 15 -1.27 4.73 7.75
C TYR A 15 -1.33 5.63 6.52
N GLU A 16 -0.19 6.16 6.07
CA GLU A 16 -0.12 7.00 4.88
C GLU A 16 -0.58 6.22 3.63
N LEU A 17 -0.17 4.95 3.51
CA LEU A 17 -0.51 4.12 2.39
C LEU A 17 -2.03 3.89 2.30
N GLU A 18 -2.66 3.32 3.35
CA GLU A 18 -4.11 3.20 3.46
C GLU A 18 -4.85 4.52 3.32
N ARG A 19 -4.34 5.60 3.92
CA ARG A 19 -4.92 6.94 3.79
C ARG A 19 -5.04 7.31 2.31
N ARG A 20 -3.97 7.12 1.52
CA ARG A 20 -4.00 7.45 0.10
C ARG A 20 -4.95 6.48 -0.60
N PHE A 21 -4.72 5.17 -0.44
CA PHE A 21 -5.48 4.08 -1.06
C PHE A 21 -7.00 4.30 -0.99
N LYS A 22 -7.50 4.70 0.19
CA LYS A 22 -8.91 4.95 0.45
C LYS A 22 -9.48 6.06 -0.45
N GLN A 23 -8.67 7.09 -0.71
CA GLN A 23 -9.02 8.22 -1.57
C GLN A 23 -8.92 7.78 -3.03
N GLN A 24 -7.76 7.25 -3.43
CA GLN A 24 -7.50 6.68 -4.73
C GLN A 24 -6.45 5.58 -4.59
N LYS A 25 -6.67 4.43 -5.25
CA LYS A 25 -5.76 3.30 -5.21
C LYS A 25 -4.64 3.45 -6.25
N TYR A 26 -4.11 4.68 -6.42
CA TYR A 26 -3.07 5.02 -7.37
C TYR A 26 -2.12 6.06 -6.74
N LEU A 27 -0.85 6.03 -7.18
CA LEU A 27 0.07 7.15 -7.14
C LEU A 27 0.50 7.42 -8.58
N SER A 28 0.69 8.70 -8.94
CA SER A 28 1.19 9.05 -10.26
C SER A 28 2.71 8.84 -10.29
N ALA A 29 3.30 8.80 -11.49
CA ALA A 29 4.71 8.44 -11.68
C ALA A 29 5.70 9.18 -10.75
N PRO A 30 5.67 10.52 -10.63
CA PRO A 30 6.62 11.23 -9.79
C PRO A 30 6.23 11.12 -8.30
N GLU A 31 4.94 11.30 -8.03
CA GLU A 31 4.32 11.24 -6.72
C GLU A 31 4.61 9.92 -5.99
N ARG A 32 4.67 8.82 -6.75
CA ARG A 32 5.03 7.49 -6.27
C ARG A 32 6.44 7.49 -5.68
N GLU A 33 7.41 8.09 -6.38
CA GLU A 33 8.78 8.15 -5.90
C GLU A 33 8.90 9.12 -4.72
N HIS A 34 8.19 10.25 -4.80
CA HIS A 34 8.10 11.23 -3.73
C HIS A 34 7.59 10.55 -2.45
N LEU A 35 6.50 9.77 -2.55
CA LEU A 35 5.95 9.02 -1.44
C LEU A 35 6.99 8.04 -0.92
N ALA A 36 7.61 7.24 -1.78
CA ALA A 36 8.58 6.23 -1.36
C ALA A 36 9.70 6.84 -0.54
N SER A 37 10.22 7.99 -0.96
CA SER A 37 11.23 8.74 -0.21
C SER A 37 10.64 9.28 1.10
N MET A 38 9.49 9.94 1.03
CA MET A 38 8.89 10.70 2.12
C MET A 38 8.42 9.80 3.26
N ILE A 39 7.49 8.88 2.99
CA ILE A 39 6.85 8.07 4.03
C ILE A 39 7.84 7.04 4.56
N HIS A 40 8.54 6.40 3.61
CA HIS A 40 9.78 5.63 3.69
C HIS A 40 9.58 4.16 3.32
N LEU A 41 9.80 3.88 2.05
CA LEU A 41 9.70 2.60 1.36
C LEU A 41 10.63 2.65 0.14
N THR A 42 10.67 1.56 -0.65
CA THR A 42 11.22 1.58 -2.01
C THR A 42 10.02 1.73 -2.95
N PRO A 43 10.19 2.31 -4.15
CA PRO A 43 9.10 2.43 -5.10
C PRO A 43 8.51 1.08 -5.51
N THR A 44 9.34 0.03 -5.45
CA THR A 44 8.91 -1.35 -5.65
C THR A 44 7.98 -1.80 -4.52
N GLN A 45 8.42 -1.68 -3.26
CA GLN A 45 7.63 -2.12 -2.12
C GLN A 45 6.33 -1.31 -2.02
N VAL A 46 6.35 -0.01 -2.33
CA VAL A 46 5.13 0.78 -2.54
C VAL A 46 4.21 0.07 -3.53
N LYS A 47 4.66 -0.14 -4.76
CA LYS A 47 3.84 -0.72 -5.82
C LYS A 47 3.27 -2.08 -5.41
N ILE A 48 4.07 -2.94 -4.76
CA ILE A 48 3.64 -4.25 -4.28
C ILE A 48 2.53 -4.09 -3.24
N TRP A 49 2.70 -3.21 -2.25
CA TRP A 49 1.68 -2.92 -1.24
C TRP A 49 0.35 -2.52 -1.92
N PHE A 50 0.45 -1.62 -2.91
CA PHE A 50 -0.68 -1.16 -3.72
C PHE A 50 -1.34 -2.33 -4.46
N GLN A 51 -0.54 -3.16 -5.14
CA GLN A 51 -0.96 -4.36 -5.84
C GLN A 51 -1.74 -5.30 -4.93
N ASN A 52 -1.24 -5.50 -3.71
CA ASN A 52 -1.84 -6.40 -2.74
C ASN A 52 -3.21 -5.87 -2.29
N HIS A 53 -3.30 -4.56 -1.97
CA HIS A 53 -4.54 -3.97 -1.49
C HIS A 53 -5.61 -3.97 -2.58
N ARG A 54 -5.28 -3.53 -3.81
CA ARG A 54 -6.21 -3.56 -4.93
C ARG A 54 -6.64 -4.99 -5.28
N TYR A 55 -5.73 -5.96 -5.13
CA TYR A 55 -6.04 -7.37 -5.37
C TYR A 55 -7.08 -7.88 -4.37
N LYS A 56 -6.85 -7.60 -3.09
CA LYS A 56 -7.63 -8.13 -1.98
C LYS A 56 -9.09 -7.63 -2.09
N MET A 57 -9.29 -6.31 -2.27
CA MET A 57 -10.60 -5.72 -2.41
C MET A 57 -11.33 -6.16 -3.69
N LYS A 58 -10.58 -6.34 -4.78
CA LYS A 58 -11.13 -6.82 -6.04
C LYS A 58 -11.56 -8.28 -5.93
N ARG A 59 -10.77 -9.10 -5.22
CA ARG A 59 -10.96 -10.54 -5.12
C ARG A 59 -12.13 -10.89 -4.20
N GLN A 60 -12.13 -10.36 -2.96
CA GLN A 60 -13.09 -10.77 -1.94
C GLN A 60 -14.53 -10.60 -2.40
N ALA A 61 -15.36 -11.63 -2.20
CA ALA A 61 -16.75 -11.75 -2.65
C ALA A 61 -16.82 -12.12 -4.13
N LYS A 62 -16.02 -11.48 -4.99
CA LYS A 62 -15.88 -11.82 -6.40
C LYS A 62 -14.89 -12.98 -6.55
N ASP A 63 -15.05 -14.04 -5.74
CA ASP A 63 -14.03 -15.06 -5.56
C ASP A 63 -13.94 -16.07 -6.71
N LYS A 64 -14.58 -15.77 -7.85
CA LYS A 64 -14.16 -16.35 -9.12
C LYS A 64 -12.72 -15.93 -9.42
N ALA A 65 -12.33 -14.71 -9.05
CA ALA A 65 -10.96 -14.23 -9.15
C ALA A 65 -10.02 -15.10 -8.31
N ALA A 66 -10.46 -15.54 -7.12
CA ALA A 66 -9.71 -16.44 -6.27
C ALA A 66 -9.54 -17.82 -6.93
N GLN A 67 -10.64 -18.35 -7.49
CA GLN A 67 -10.67 -19.65 -8.14
C GLN A 67 -9.75 -19.67 -9.35
N GLN A 68 -10.06 -18.81 -10.33
CA GLN A 68 -9.29 -18.58 -11.54
C GLN A 68 -9.79 -17.27 -12.18
N MET A 1 8.23 -11.97 9.26
CA MET A 1 6.77 -11.85 9.06
C MET A 1 6.21 -13.21 8.60
N ARG A 2 5.01 -13.58 9.04
CA ARG A 2 4.34 -14.81 8.62
C ARG A 2 3.90 -14.66 7.16
N ARG A 3 4.79 -14.99 6.21
CA ARG A 3 4.60 -14.77 4.78
C ARG A 3 4.43 -13.26 4.52
N LYS A 4 3.68 -12.88 3.49
CA LYS A 4 3.32 -11.48 3.24
C LYS A 4 2.11 -11.09 4.10
N ARG A 5 1.06 -11.92 4.07
CA ARG A 5 -0.16 -11.85 4.87
C ARG A 5 -0.59 -10.39 5.11
N ARG A 6 -1.11 -9.74 4.07
CA ARG A 6 -1.60 -8.37 4.11
C ARG A 6 -0.42 -7.42 4.38
N VAL A 7 0.27 -7.01 3.31
CA VAL A 7 1.52 -6.28 3.33
C VAL A 7 1.47 -5.09 4.31
N LEU A 8 2.51 -4.92 5.13
CA LEU A 8 2.60 -3.90 6.15
C LEU A 8 4.07 -3.59 6.45
N PHE A 9 4.33 -2.49 7.16
CA PHE A 9 5.68 -1.99 7.42
C PHE A 9 5.79 -1.45 8.85
N SER A 10 5.17 -0.30 9.09
CA SER A 10 5.04 0.36 10.38
C SER A 10 3.66 1.03 10.44
N GLN A 11 3.26 1.46 11.64
CA GLN A 11 1.97 2.10 11.88
C GLN A 11 1.84 3.34 10.98
N ALA A 12 2.85 4.22 11.02
CA ALA A 12 2.90 5.44 10.24
C ALA A 12 2.84 5.15 8.74
N GLN A 13 3.70 4.24 8.26
CA GLN A 13 3.78 3.91 6.84
C GLN A 13 2.45 3.39 6.31
N VAL A 14 1.88 2.38 6.97
CA VAL A 14 0.62 1.77 6.57
C VAL A 14 -0.53 2.78 6.67
N TYR A 15 -0.54 3.61 7.71
CA TYR A 15 -1.48 4.74 7.79
C TYR A 15 -1.42 5.56 6.49
N GLU A 16 -0.22 6.02 6.11
CA GLU A 16 -0.06 6.83 4.90
C GLU A 16 -0.48 6.06 3.65
N LEU A 17 -0.09 4.78 3.53
CA LEU A 17 -0.38 3.93 2.38
C LEU A 17 -1.89 3.77 2.20
N GLU A 18 -2.60 3.36 3.25
CA GLU A 18 -4.05 3.24 3.27
C GLU A 18 -4.72 4.57 2.94
N ARG A 19 -4.30 5.64 3.62
CA ARG A 19 -4.81 6.99 3.38
C ARG A 19 -4.64 7.38 1.91
N ARG A 20 -3.51 7.03 1.29
CA ARG A 20 -3.27 7.40 -0.10
C ARG A 20 -4.20 6.55 -0.98
N PHE A 21 -4.24 5.23 -0.74
CA PHE A 21 -5.09 4.28 -1.46
C PHE A 21 -6.56 4.73 -1.49
N LYS A 22 -7.03 5.32 -0.38
CA LYS A 22 -8.35 5.92 -0.29
C LYS A 22 -8.46 7.13 -1.23
N GLN A 23 -7.56 8.10 -1.05
CA GLN A 23 -7.59 9.39 -1.74
C GLN A 23 -7.49 9.23 -3.26
N GLN A 24 -6.59 8.37 -3.75
CA GLN A 24 -6.55 7.93 -5.14
C GLN A 24 -6.10 6.48 -5.21
N LYS A 25 -6.65 5.73 -6.17
CA LYS A 25 -6.52 4.29 -6.25
C LYS A 25 -5.06 3.86 -6.42
N TYR A 26 -4.34 4.52 -7.34
CA TYR A 26 -2.94 4.25 -7.65
C TYR A 26 -2.17 5.57 -7.79
N LEU A 27 -0.92 5.60 -7.32
CA LEU A 27 -0.04 6.75 -7.41
C LEU A 27 0.64 6.79 -8.80
N SER A 28 0.76 7.98 -9.39
CA SER A 28 1.46 8.22 -10.64
C SER A 28 2.96 8.37 -10.39
N ALA A 29 3.76 8.61 -11.44
CA ALA A 29 5.21 8.72 -11.35
C ALA A 29 5.73 9.74 -10.32
N PRO A 30 5.31 11.02 -10.33
CA PRO A 30 5.83 11.99 -9.37
C PRO A 30 5.26 11.72 -7.97
N GLU A 31 3.97 11.42 -7.90
CA GLU A 31 3.23 11.16 -6.68
C GLU A 31 3.82 9.96 -5.91
N ARG A 32 4.21 8.89 -6.61
CA ARG A 32 4.77 7.70 -5.98
C ARG A 32 6.21 7.93 -5.50
N GLU A 33 6.98 8.79 -6.17
CA GLU A 33 8.28 9.22 -5.68
C GLU A 33 8.09 10.01 -4.39
N HIS A 34 7.13 10.95 -4.39
CA HIS A 34 6.73 11.72 -3.21
C HIS A 34 6.39 10.78 -2.04
N LEU A 35 5.51 9.81 -2.26
CA LEU A 35 5.11 8.86 -1.24
C LEU A 35 6.32 8.08 -0.76
N ALA A 36 7.09 7.47 -1.67
CA ALA A 36 8.22 6.62 -1.35
C ALA A 36 9.21 7.34 -0.42
N SER A 37 9.49 8.62 -0.69
CA SER A 37 10.31 9.45 0.16
C SER A 37 9.61 9.71 1.51
N MET A 38 8.36 10.17 1.47
CA MET A 38 7.60 10.63 2.63
C MET A 38 7.40 9.50 3.65
N ILE A 39 6.76 8.41 3.24
CA ILE A 39 6.47 7.28 4.13
C ILE A 39 7.78 6.61 4.55
N HIS A 40 8.61 6.37 3.54
CA HIS A 40 9.92 5.74 3.52
C HIS A 40 9.82 4.29 3.07
N LEU A 41 10.07 4.09 1.78
CA LEU A 41 10.05 2.85 1.00
C LEU A 41 10.70 3.16 -0.35
N THR A 42 10.72 2.17 -1.26
CA THR A 42 11.08 2.34 -2.65
C THR A 42 9.77 2.38 -3.46
N PRO A 43 9.73 3.01 -4.64
CA PRO A 43 8.55 3.01 -5.49
C PRO A 43 8.10 1.60 -5.89
N THR A 44 9.02 0.63 -5.85
CA THR A 44 8.75 -0.78 -6.09
C THR A 44 8.05 -1.42 -4.89
N GLN A 45 8.61 -1.28 -3.69
CA GLN A 45 8.04 -1.86 -2.48
C GLN A 45 6.67 -1.25 -2.18
N VAL A 46 6.51 0.05 -2.44
CA VAL A 46 5.20 0.70 -2.56
C VAL A 46 4.30 -0.11 -3.51
N LYS A 47 4.69 -0.26 -4.79
CA LYS A 47 3.89 -0.95 -5.79
C LYS A 47 3.42 -2.33 -5.31
N ILE A 48 4.27 -3.09 -4.63
CA ILE A 48 3.94 -4.42 -4.10
C ILE A 48 2.78 -4.34 -3.11
N TRP A 49 2.83 -3.40 -2.15
CA TRP A 49 1.71 -3.15 -1.24
C TRP A 49 0.44 -2.85 -2.04
N PHE A 50 0.54 -1.94 -3.02
CA PHE A 50 -0.57 -1.51 -3.86
C PHE A 50 -1.15 -2.67 -4.69
N GLN A 51 -0.30 -3.60 -5.15
CA GLN A 51 -0.67 -4.78 -5.90
C GLN A 51 -1.46 -5.75 -5.03
N ASN A 52 -0.96 -6.02 -3.82
CA ASN A 52 -1.58 -6.96 -2.90
C ASN A 52 -2.91 -6.40 -2.38
N HIS A 53 -2.98 -5.09 -2.12
CA HIS A 53 -4.20 -4.46 -1.62
C HIS A 53 -5.27 -4.43 -2.71
N ARG A 54 -4.93 -4.00 -3.93
CA ARG A 54 -5.89 -4.00 -5.03
C ARG A 54 -6.37 -5.42 -5.33
N TYR A 55 -5.47 -6.41 -5.27
CA TYR A 55 -5.83 -7.81 -5.47
C TYR A 55 -6.86 -8.25 -4.45
N LYS A 56 -6.56 -8.09 -3.16
CA LYS A 56 -7.39 -8.53 -2.06
C LYS A 56 -8.81 -7.97 -2.19
N MET A 57 -8.91 -6.64 -2.30
CA MET A 57 -10.17 -5.94 -2.29
C MET A 57 -11.00 -6.19 -3.56
N LYS A 58 -10.35 -6.39 -4.73
CA LYS A 58 -11.08 -6.69 -5.96
C LYS A 58 -11.53 -8.15 -6.04
N ARG A 59 -10.74 -9.08 -5.48
CA ARG A 59 -11.12 -10.48 -5.35
C ARG A 59 -12.36 -10.57 -4.47
N GLN A 60 -12.32 -9.91 -3.30
CA GLN A 60 -13.46 -9.74 -2.41
C GLN A 60 -14.62 -9.05 -3.15
N ALA A 61 -14.29 -8.04 -3.96
CA ALA A 61 -15.17 -7.17 -4.74
C ALA A 61 -15.54 -5.92 -3.92
N LYS A 62 -14.72 -4.88 -4.03
CA LYS A 62 -14.91 -3.61 -3.36
C LYS A 62 -14.46 -2.42 -4.22
N ASP A 63 -14.39 -2.59 -5.55
CA ASP A 63 -14.17 -1.49 -6.49
C ASP A 63 -15.52 -0.90 -6.95
N LYS A 64 -16.61 -1.19 -6.25
CA LYS A 64 -17.98 -0.89 -6.66
C LYS A 64 -18.22 0.59 -6.93
N ALA A 65 -17.42 1.48 -6.31
CA ALA A 65 -17.48 2.91 -6.53
C ALA A 65 -17.21 3.29 -8.00
N ALA A 66 -16.28 2.57 -8.66
CA ALA A 66 -15.81 2.87 -10.01
C ALA A 66 -16.20 1.74 -10.98
N GLN A 67 -15.69 0.53 -10.70
CA GLN A 67 -15.92 -0.67 -11.49
C GLN A 67 -17.10 -1.46 -10.88
N GLN A 68 -17.35 -2.66 -11.39
CA GLN A 68 -18.24 -3.69 -10.84
C GLN A 68 -19.48 -3.13 -10.12
N MET A 1 16.03 -2.62 -5.69
CA MET A 1 15.45 -3.57 -4.72
C MET A 1 16.08 -3.41 -3.33
N ARG A 2 17.38 -3.70 -3.21
CA ARG A 2 18.12 -3.65 -1.96
C ARG A 2 18.46 -2.19 -1.62
N ARG A 3 17.45 -1.42 -1.20
CA ARG A 3 17.60 -0.02 -0.80
C ARG A 3 16.47 0.28 0.21
N LYS A 4 16.82 0.35 1.50
CA LYS A 4 15.91 0.51 2.63
C LYS A 4 14.66 -0.38 2.52
N ARG A 5 14.84 -1.63 2.10
CA ARG A 5 13.76 -2.59 1.90
C ARG A 5 13.12 -2.98 3.23
N ARG A 6 11.87 -3.46 3.17
CA ARG A 6 11.07 -3.85 4.32
C ARG A 6 10.12 -4.98 3.92
N VAL A 7 10.06 -6.03 4.75
CA VAL A 7 9.07 -7.07 4.67
C VAL A 7 7.78 -6.56 5.31
N LEU A 8 7.80 -6.39 6.64
CA LEU A 8 6.68 -5.92 7.43
C LEU A 8 6.61 -4.40 7.42
N PHE A 9 5.45 -3.86 7.83
CA PHE A 9 5.17 -2.43 7.88
C PHE A 9 4.43 -2.11 9.17
N SER A 10 4.63 -0.88 9.66
CA SER A 10 4.10 -0.43 10.95
C SER A 10 2.76 0.29 10.76
N GLN A 11 2.14 0.68 11.87
CA GLN A 11 0.90 1.45 11.88
C GLN A 11 1.05 2.73 11.07
N ALA A 12 2.18 3.45 11.25
CA ALA A 12 2.45 4.68 10.51
C ALA A 12 2.54 4.43 9.01
N GLN A 13 3.32 3.43 8.60
CA GLN A 13 3.51 3.08 7.20
C GLN A 13 2.16 2.77 6.54
N VAL A 14 1.43 1.80 7.09
CA VAL A 14 0.18 1.31 6.53
C VAL A 14 -0.89 2.40 6.60
N TYR A 15 -0.92 3.21 7.66
CA TYR A 15 -1.81 4.35 7.75
C TYR A 15 -1.65 5.25 6.53
N GLU A 16 -0.42 5.69 6.23
CA GLU A 16 -0.13 6.54 5.08
C GLU A 16 -0.49 5.84 3.76
N LEU A 17 -0.14 4.57 3.63
CA LEU A 17 -0.38 3.78 2.43
C LEU A 17 -1.88 3.63 2.14
N GLU A 18 -2.68 3.27 3.15
CA GLU A 18 -4.12 3.12 3.06
C GLU A 18 -4.82 4.47 2.84
N ARG A 19 -4.41 5.49 3.60
CA ARG A 19 -4.86 6.86 3.40
C ARG A 19 -4.69 7.27 1.93
N ARG A 20 -3.50 6.98 1.36
CA ARG A 20 -3.21 7.23 -0.03
C ARG A 20 -4.09 6.36 -0.94
N PHE A 21 -4.27 5.08 -0.62
CA PHE A 21 -5.09 4.17 -1.39
C PHE A 21 -6.53 4.68 -1.52
N LYS A 22 -7.08 5.28 -0.45
CA LYS A 22 -8.37 5.91 -0.46
C LYS A 22 -8.37 7.18 -1.32
N GLN A 23 -7.33 8.01 -1.16
CA GLN A 23 -7.24 9.35 -1.72
C GLN A 23 -6.93 9.33 -3.23
N GLN A 24 -5.78 8.76 -3.60
CA GLN A 24 -5.28 8.65 -4.96
C GLN A 24 -4.45 7.38 -5.04
N LYS A 25 -5.06 6.30 -5.53
CA LYS A 25 -4.48 4.97 -5.49
C LYS A 25 -3.24 4.93 -6.37
N TYR A 26 -3.40 5.18 -7.68
CA TYR A 26 -2.29 5.17 -8.61
C TYR A 26 -1.44 6.43 -8.46
N LEU A 27 -0.33 6.34 -7.72
CA LEU A 27 0.62 7.42 -7.60
C LEU A 27 1.34 7.61 -8.94
N SER A 28 1.29 8.82 -9.50
CA SER A 28 1.98 9.19 -10.73
C SER A 28 3.48 9.31 -10.46
N ALA A 29 4.25 9.60 -11.51
CA ALA A 29 5.70 9.72 -11.45
C ALA A 29 6.22 10.60 -10.29
N PRO A 30 5.76 11.85 -10.10
CA PRO A 30 6.23 12.66 -8.99
C PRO A 30 5.70 12.13 -7.66
N GLU A 31 4.39 11.84 -7.61
CA GLU A 31 3.68 11.41 -6.41
C GLU A 31 4.33 10.18 -5.78
N ARG A 32 4.76 9.20 -6.58
CA ARG A 32 5.31 7.96 -6.05
C ARG A 32 6.71 8.14 -5.47
N GLU A 33 7.51 9.06 -6.02
CA GLU A 33 8.78 9.45 -5.43
C GLU A 33 8.54 10.23 -4.13
N HIS A 34 7.56 11.15 -4.11
CA HIS A 34 7.19 11.89 -2.91
C HIS A 34 6.78 10.94 -1.80
N LEU A 35 5.86 10.00 -2.08
CA LEU A 35 5.43 8.98 -1.14
C LEU A 35 6.64 8.15 -0.71
N ALA A 36 7.39 7.55 -1.66
CA ALA A 36 8.49 6.65 -1.36
C ALA A 36 9.50 7.27 -0.38
N SER A 37 9.81 8.57 -0.55
CA SER A 37 10.64 9.32 0.37
C SER A 37 9.93 9.53 1.71
N MET A 38 8.71 10.08 1.67
CA MET A 38 7.92 10.46 2.84
C MET A 38 7.70 9.28 3.78
N ILE A 39 7.03 8.22 3.29
CA ILE A 39 6.67 7.06 4.09
C ILE A 39 7.92 6.28 4.47
N HIS A 40 8.76 6.00 3.47
CA HIS A 40 10.06 5.34 3.46
C HIS A 40 9.99 3.89 3.00
N LEU A 41 9.90 3.78 1.68
CA LEU A 41 9.83 2.60 0.84
C LEU A 41 10.55 2.93 -0.48
N THR A 42 10.56 1.98 -1.44
CA THR A 42 11.01 2.20 -2.81
C THR A 42 9.77 2.24 -3.71
N PRO A 43 9.80 2.87 -4.89
CA PRO A 43 8.67 2.91 -5.81
C PRO A 43 8.17 1.51 -6.19
N THR A 44 9.07 0.52 -6.21
CA THR A 44 8.75 -0.88 -6.48
C THR A 44 7.97 -1.47 -5.30
N GLN A 45 8.52 -1.36 -4.08
CA GLN A 45 7.92 -1.94 -2.89
C GLN A 45 6.55 -1.28 -2.60
N VAL A 46 6.45 0.03 -2.84
CA VAL A 46 5.19 0.75 -2.92
C VAL A 46 4.23 0.01 -3.86
N LYS A 47 4.58 -0.13 -5.15
CA LYS A 47 3.73 -0.76 -6.16
C LYS A 47 3.22 -2.14 -5.72
N ILE A 48 4.08 -2.95 -5.10
CA ILE A 48 3.72 -4.27 -4.59
C ILE A 48 2.59 -4.15 -3.57
N TRP A 49 2.76 -3.32 -2.54
CA TRP A 49 1.72 -3.07 -1.53
C TRP A 49 0.41 -2.61 -2.19
N PHE A 50 0.51 -1.68 -3.14
CA PHE A 50 -0.62 -1.13 -3.88
C PHE A 50 -1.38 -2.21 -4.63
N GLN A 51 -0.68 -3.12 -5.32
CA GLN A 51 -1.25 -4.28 -5.94
C GLN A 51 -1.97 -5.15 -4.91
N ASN A 52 -1.30 -5.45 -3.79
CA ASN A 52 -1.78 -6.36 -2.77
C ASN A 52 -3.12 -5.93 -2.18
N HIS A 53 -3.31 -4.63 -1.94
CA HIS A 53 -4.61 -4.12 -1.46
C HIS A 53 -5.70 -4.31 -2.52
N ARG A 54 -5.43 -4.01 -3.79
CA ARG A 54 -6.36 -4.23 -4.89
C ARG A 54 -6.76 -5.71 -4.96
N TYR A 55 -5.77 -6.60 -4.87
CA TYR A 55 -5.96 -8.04 -4.91
C TYR A 55 -6.85 -8.51 -3.76
N LYS A 56 -6.54 -8.05 -2.54
CA LYS A 56 -7.24 -8.42 -1.33
C LYS A 56 -8.74 -8.12 -1.44
N MET A 57 -9.08 -6.86 -1.72
CA MET A 57 -10.45 -6.39 -1.73
C MET A 57 -11.29 -7.09 -2.80
N LYS A 58 -10.72 -7.32 -3.99
CA LYS A 58 -11.44 -8.00 -5.06
C LYS A 58 -11.56 -9.50 -4.78
N ARG A 59 -10.52 -10.11 -4.20
CA ARG A 59 -10.49 -11.55 -3.93
C ARG A 59 -11.46 -11.90 -2.81
N GLN A 60 -11.19 -11.44 -1.59
CA GLN A 60 -11.99 -11.74 -0.41
C GLN A 60 -11.54 -10.83 0.74
N ALA A 61 -12.41 -9.89 1.14
CA ALA A 61 -12.23 -9.03 2.30
C ALA A 61 -13.56 -8.90 3.03
N LYS A 62 -13.53 -8.94 4.36
CA LYS A 62 -14.66 -8.73 5.24
C LYS A 62 -14.18 -7.92 6.44
N ASP A 63 -14.16 -6.59 6.27
CA ASP A 63 -13.59 -5.64 7.21
C ASP A 63 -14.24 -5.70 8.59
N LYS A 64 -15.54 -6.01 8.62
CA LYS A 64 -16.35 -6.21 9.82
C LYS A 64 -16.59 -4.87 10.51
N ALA A 65 -17.67 -4.17 10.12
CA ALA A 65 -18.09 -2.94 10.75
C ALA A 65 -18.63 -3.21 12.15
N ALA A 66 -18.27 -2.37 13.12
CA ALA A 66 -18.71 -2.44 14.51
C ALA A 66 -18.25 -1.15 15.21
N GLN A 67 -16.94 -1.08 15.49
CA GLN A 67 -16.27 0.16 15.85
C GLN A 67 -15.85 0.92 14.60
N GLN A 68 -15.49 0.19 13.55
CA GLN A 68 -15.29 0.68 12.19
C GLN A 68 -16.55 0.40 11.34
N MET A 1 24.00 -0.92 13.87
CA MET A 1 23.16 -2.14 13.80
C MET A 1 21.67 -1.80 13.94
N ARG A 2 21.26 -1.39 15.14
CA ARG A 2 19.88 -1.11 15.48
C ARG A 2 19.48 0.28 14.98
N ARG A 3 19.38 0.44 13.65
CA ARG A 3 19.08 1.71 12.99
C ARG A 3 18.38 1.53 11.64
N LYS A 4 17.77 0.36 11.41
CA LYS A 4 17.03 0.07 10.19
C LYS A 4 15.71 0.85 10.18
N ARG A 5 14.98 0.82 11.30
CA ARG A 5 13.69 1.47 11.54
C ARG A 5 12.59 0.81 10.71
N ARG A 6 12.59 1.06 9.40
CA ARG A 6 11.69 0.45 8.44
C ARG A 6 12.23 -0.94 8.06
N VAL A 7 12.20 -1.85 9.04
CA VAL A 7 12.62 -3.24 8.92
C VAL A 7 11.79 -3.90 7.81
N LEU A 8 10.49 -4.04 8.06
CA LEU A 8 9.49 -4.49 7.12
C LEU A 8 8.22 -3.71 7.46
N PHE A 9 8.03 -2.56 6.80
CA PHE A 9 6.98 -1.58 7.09
C PHE A 9 7.06 -1.03 8.52
N SER A 10 6.16 -0.11 8.87
CA SER A 10 5.99 0.42 10.22
C SER A 10 4.54 0.88 10.40
N GLN A 11 4.12 1.10 11.65
CA GLN A 11 2.78 1.57 11.97
C GLN A 11 2.46 2.88 11.23
N ALA A 12 3.39 3.83 11.27
CA ALA A 12 3.27 5.11 10.59
C ALA A 12 3.14 4.93 9.08
N GLN A 13 4.06 4.16 8.49
CA GLN A 13 4.13 3.96 7.04
C GLN A 13 2.85 3.31 6.51
N VAL A 14 2.38 2.23 7.12
CA VAL A 14 1.13 1.56 6.80
C VAL A 14 -0.03 2.55 7.00
N TYR A 15 -0.12 3.22 8.16
CA TYR A 15 -1.15 4.22 8.38
C TYR A 15 -1.26 5.20 7.20
N GLU A 16 -0.13 5.76 6.76
CA GLU A 16 -0.06 6.63 5.60
C GLU A 16 -0.53 5.90 4.33
N LEU A 17 -0.10 4.66 4.13
CA LEU A 17 -0.44 3.86 2.96
C LEU A 17 -1.95 3.62 2.87
N GLU A 18 -2.59 2.98 3.86
CA GLU A 18 -4.04 2.87 3.91
C GLU A 18 -4.74 4.23 3.74
N ARG A 19 -4.26 5.26 4.45
CA ARG A 19 -4.83 6.60 4.37
C ARG A 19 -4.85 7.13 2.93
N ARG A 20 -3.79 6.88 2.15
CA ARG A 20 -3.70 7.37 0.79
C ARG A 20 -4.57 6.45 -0.10
N PHE A 21 -4.49 5.14 0.11
CA PHE A 21 -5.25 4.12 -0.61
C PHE A 21 -6.76 4.42 -0.65
N LYS A 22 -7.34 4.87 0.47
CA LYS A 22 -8.77 5.19 0.53
C LYS A 22 -9.14 6.51 -0.16
N GLN A 23 -8.14 7.28 -0.63
CA GLN A 23 -8.30 8.55 -1.33
C GLN A 23 -8.05 8.33 -2.83
N GLN A 24 -6.82 7.91 -3.18
CA GLN A 24 -6.41 7.65 -4.55
C GLN A 24 -7.10 6.40 -5.10
N LYS A 25 -7.14 6.31 -6.43
CA LYS A 25 -7.33 5.06 -7.14
C LYS A 25 -5.99 4.33 -7.20
N TYR A 26 -4.99 5.00 -7.81
CA TYR A 26 -3.63 4.50 -7.96
C TYR A 26 -2.69 5.70 -8.04
N LEU A 27 -1.58 5.69 -7.28
CA LEU A 27 -0.50 6.65 -7.47
C LEU A 27 0.20 6.35 -8.80
N SER A 28 0.43 7.38 -9.63
CA SER A 28 1.13 7.25 -10.89
C SER A 28 2.64 7.10 -10.64
N ALA A 29 3.41 6.92 -11.72
CA ALA A 29 4.86 6.74 -11.66
C ALA A 29 5.62 7.83 -10.87
N PRO A 30 5.41 9.14 -11.12
CA PRO A 30 6.10 10.18 -10.36
C PRO A 30 5.55 10.29 -8.94
N GLU A 31 4.23 10.08 -8.79
CA GLU A 31 3.50 10.25 -7.56
C GLU A 31 3.95 9.23 -6.51
N ARG A 32 3.99 7.94 -6.88
CA ARG A 32 4.47 6.88 -6.01
C ARG A 32 5.94 7.09 -5.63
N GLU A 33 6.73 7.68 -6.55
CA GLU A 33 8.12 8.04 -6.32
C GLU A 33 8.21 8.98 -5.11
N HIS A 34 7.47 10.10 -5.13
CA HIS A 34 7.54 11.07 -4.05
C HIS A 34 6.92 10.53 -2.75
N LEU A 35 5.85 9.72 -2.85
CA LEU A 35 5.30 9.03 -1.71
C LEU A 35 6.40 8.20 -1.03
N ALA A 36 7.18 7.42 -1.79
CA ALA A 36 8.22 6.57 -1.24
C ALA A 36 9.18 7.34 -0.33
N SER A 37 9.55 8.57 -0.71
CA SER A 37 10.36 9.45 0.10
C SER A 37 9.59 9.91 1.35
N MET A 38 8.38 10.47 1.15
CA MET A 38 7.57 11.07 2.20
C MET A 38 7.22 10.07 3.30
N ILE A 39 6.54 8.98 2.95
CA ILE A 39 6.13 7.96 3.92
C ILE A 39 7.36 7.31 4.53
N HIS A 40 8.31 6.95 3.64
CA HIS A 40 9.57 6.26 3.84
C HIS A 40 9.37 4.78 3.57
N LEU A 41 9.97 4.32 2.47
CA LEU A 41 9.94 3.00 1.84
C LEU A 41 10.62 3.12 0.47
N THR A 42 10.70 2.02 -0.29
CA THR A 42 11.25 2.03 -1.64
C THR A 42 10.09 2.15 -2.62
N PRO A 43 10.27 2.80 -3.78
CA PRO A 43 9.22 2.96 -4.77
C PRO A 43 8.69 1.63 -5.31
N THR A 44 9.49 0.57 -5.19
CA THR A 44 9.12 -0.79 -5.54
C THR A 44 8.22 -1.39 -4.46
N GLN A 45 8.65 -1.41 -3.20
CA GLN A 45 7.91 -2.00 -2.10
C GLN A 45 6.57 -1.27 -1.89
N VAL A 46 6.59 0.06 -2.03
CA VAL A 46 5.40 0.89 -2.22
C VAL A 46 4.45 0.25 -3.24
N LYS A 47 4.88 0.16 -4.50
CA LYS A 47 4.03 -0.33 -5.58
C LYS A 47 3.51 -1.73 -5.28
N ILE A 48 4.32 -2.61 -4.68
CA ILE A 48 3.91 -3.96 -4.29
C ILE A 48 2.78 -3.89 -3.26
N TRP A 49 2.90 -3.05 -2.22
CA TRP A 49 1.85 -2.85 -1.23
C TRP A 49 0.55 -2.45 -1.92
N PHE A 50 0.64 -1.46 -2.82
CA PHE A 50 -0.49 -0.94 -3.59
C PHE A 50 -1.11 -2.05 -4.46
N GLN A 51 -0.28 -2.88 -5.11
CA GLN A 51 -0.67 -4.02 -5.90
C GLN A 51 -1.47 -5.02 -5.06
N ASN A 52 -0.97 -5.36 -3.87
CA ASN A 52 -1.57 -6.38 -3.03
C ASN A 52 -2.91 -5.89 -2.48
N HIS A 53 -2.97 -4.65 -1.99
CA HIS A 53 -4.18 -4.07 -1.43
C HIS A 53 -5.27 -3.93 -2.50
N ARG A 54 -4.95 -3.37 -3.67
CA ARG A 54 -5.93 -3.25 -4.75
C ARG A 54 -6.39 -4.63 -5.22
N TYR A 55 -5.46 -5.59 -5.35
CA TYR A 55 -5.76 -6.92 -5.84
C TYR A 55 -6.72 -7.67 -4.93
N LYS A 56 -6.53 -7.53 -3.61
CA LYS A 56 -7.32 -8.22 -2.61
C LYS A 56 -8.79 -7.83 -2.75
N MET A 57 -9.08 -6.53 -2.73
CA MET A 57 -10.43 -6.01 -2.83
C MET A 57 -11.03 -6.23 -4.22
N LYS A 58 -10.20 -6.26 -5.27
CA LYS A 58 -10.65 -6.49 -6.64
C LYS A 58 -11.01 -7.96 -6.85
N ARG A 59 -10.25 -8.89 -6.25
CA ARG A 59 -10.56 -10.31 -6.26
C ARG A 59 -11.87 -10.54 -5.48
N GLN A 60 -11.87 -10.17 -4.20
CA GLN A 60 -12.96 -10.37 -3.24
C GLN A 60 -13.69 -11.71 -3.44
N ALA A 61 -12.95 -12.82 -3.27
CA ALA A 61 -13.46 -14.17 -3.43
C ALA A 61 -14.41 -14.52 -2.27
N LYS A 62 -15.68 -14.11 -2.40
CA LYS A 62 -16.74 -14.22 -1.40
C LYS A 62 -16.50 -13.21 -0.28
N ASP A 63 -17.42 -12.24 -0.14
CA ASP A 63 -17.30 -11.12 0.78
C ASP A 63 -17.69 -11.54 2.20
N LYS A 64 -16.95 -12.50 2.77
CA LYS A 64 -17.25 -13.08 4.07
C LYS A 64 -16.76 -12.19 5.20
N ALA A 65 -17.46 -11.07 5.42
CA ALA A 65 -17.32 -10.27 6.62
C ALA A 65 -17.73 -11.10 7.86
N ALA A 66 -18.82 -11.85 7.72
CA ALA A 66 -19.34 -12.78 8.74
C ALA A 66 -19.39 -14.20 8.16
N GLN A 67 -19.83 -15.15 8.98
CA GLN A 67 -19.99 -16.56 8.62
C GLN A 67 -21.29 -17.17 9.17
N GLN A 68 -22.01 -16.44 10.03
CA GLN A 68 -23.17 -16.92 10.76
C GLN A 68 -23.96 -15.73 11.31
#